data_7ZPO
#
_entry.id   7ZPO
#
_cell.length_a   1.00
_cell.length_b   1.00
_cell.length_c   1.00
_cell.angle_alpha   90.00
_cell.angle_beta   90.00
_cell.angle_gamma   90.00
#
_symmetry.space_group_name_H-M   'P 1'
#
loop_
_entity.id
_entity.type
_entity.pdbx_description
1 polymer 'Ktr system potassium uptake protein A'
2 polymer 'Ktr system potassium uptake protein B'
3 non-polymer "ADENOSINE-5'-DIPHOSPHATE"
4 non-polymer 'MAGNESIUM ION'
5 non-polymer DODECYL-BETA-D-MALTOSIDE
6 non-polymer 'POTASSIUM ION'
#
loop_
_entity_poly.entity_id
_entity_poly.type
_entity_poly.pdbx_seq_one_letter_code
_entity_poly.pdbx_strand_id
1 'polypeptide(L)'
;MKTGDKQFAVIGLGRFGLAVCKELQDSGSQVLAVDINEDRVKEAAGFVSQAIVANCTHEETVAELKLDDYDMVMIAIGAD
VNASILATLIAKEAGVKSVWVKANDRFQARVLQKIGADHIIMPERDMGIRVARKMLDKRVLEFHPLGSGLAMTEFVVGSR
LMGKTLSDLALCKVEGVQVLGYKRGPEIIKAPDMSTTLEIGDLIIVVGPQDKLANKLKSL
;
H,D,E,F,A,B,J,L
2 'polypeptide(L)'
;MTQFHQRGVFYVPDGKRDKAKGGEPRIILLSFLGVLLPSAVLLTLPVFSVSGLSITDALFTATSAISVTGLGVVDTGQHF
TLAGKILLMCLMQIGGLGQMTLSAVLLYMFGVRLSLRQQALAKEALGQERQVNLRRLVKKIVTFALVAEAIGFVFLSYRW
VPEMGWQTGMFYALFHSISAFNNAGFALFSDSMMSFVNDPLVSFTLAGLFIFGGLGFTVIGDVWRHWRKGFHFLHIHTKI
MLIATPLLLLVGTVLFWLLERHNPNTMGSLTTGGQWLAAFFQSASARTAGFNSVDLTQFTQPALLIMIVLMLIGAGSTST
GGGIKVSTFAVAFMATWTFLRQKKHVVMFKRTVNWPTVTKSLAIIVVSGAILTTAMFLLMLTEKASFDKVMFETISAFAT
VGLTAGLTAELSEPGKYIMIVVMIIGRIGPLTLAYMLARPEPTLIKYPEDTVLTG
;
I,M
#
loop_
_chem_comp.id
_chem_comp.type
_chem_comp.name
_chem_comp.formula
ADP non-polymer ADENOSINE-5'-DIPHOSPHATE 'C10 H15 N5 O10 P2'
K non-polymer 'POTASSIUM ION' 'K 1'
LMT D-saccharide DODECYL-BETA-D-MALTOSIDE 'C24 H46 O11'
MG non-polymer 'MAGNESIUM ION' 'Mg 2'
#
# COMPACT_ATOMS: atom_id res chain seq x y z
N LYS A 6 -37.27 -4.64 -10.78
CA LYS A 6 -37.16 -5.28 -9.48
C LYS A 6 -35.70 -5.34 -9.05
N GLN A 7 -35.25 -4.31 -8.35
CA GLN A 7 -33.84 -4.16 -7.98
C GLN A 7 -33.64 -4.64 -6.54
N PHE A 8 -32.57 -5.39 -6.32
CA PHE A 8 -32.20 -5.89 -5.00
C PHE A 8 -30.82 -5.35 -4.61
N ALA A 9 -30.60 -5.23 -3.30
CA ALA A 9 -29.31 -4.85 -2.76
C ALA A 9 -28.91 -5.89 -1.72
N VAL A 10 -27.75 -6.51 -1.91
CA VAL A 10 -27.23 -7.52 -0.99
C VAL A 10 -26.01 -6.92 -0.29
N ILE A 11 -26.11 -6.78 1.03
CA ILE A 11 -25.03 -6.24 1.85
C ILE A 11 -24.42 -7.40 2.63
N GLY A 12 -23.13 -7.64 2.40
CA GLY A 12 -22.48 -8.81 2.95
C GLY A 12 -22.34 -9.91 1.90
N LEU A 13 -21.10 -10.26 1.58
CA LEU A 13 -20.84 -11.22 0.51
C LEU A 13 -20.09 -12.44 1.02
N GLY A 14 -20.56 -13.03 2.11
CA GLY A 14 -20.06 -14.30 2.57
C GLY A 14 -20.63 -15.44 1.75
N ARG A 15 -20.69 -16.62 2.37
CA ARG A 15 -21.22 -17.79 1.66
C ARG A 15 -22.70 -17.61 1.32
N PHE A 16 -23.45 -16.98 2.24
CA PHE A 16 -24.86 -16.74 1.99
C PHE A 16 -25.07 -15.66 0.93
N GLY A 17 -24.27 -14.59 0.99
CA GLY A 17 -24.47 -13.47 0.08
C GLY A 17 -24.24 -13.83 -1.37
N LEU A 18 -23.17 -14.57 -1.66
CA LEU A 18 -22.91 -14.99 -3.03
C LEU A 18 -24.02 -15.89 -3.56
N ALA A 19 -24.53 -16.80 -2.73
CA ALA A 19 -25.63 -17.65 -3.17
C ALA A 19 -26.87 -16.83 -3.50
N VAL A 20 -27.19 -15.85 -2.64
CA VAL A 20 -28.33 -14.98 -2.91
C VAL A 20 -28.13 -14.21 -4.20
N CYS A 21 -26.92 -13.68 -4.42
CA CYS A 21 -26.65 -12.92 -5.63
C CYS A 21 -26.75 -13.80 -6.88
N LYS A 22 -26.22 -15.02 -6.82
CA LYS A 22 -26.33 -15.94 -7.95
C LYS A 22 -27.79 -16.24 -8.27
N GLU A 23 -28.59 -16.58 -7.26
CA GLU A 23 -29.97 -16.95 -7.54
C GLU A 23 -30.80 -15.74 -7.98
N LEU A 24 -30.46 -14.55 -7.49
CA LEU A 24 -31.19 -13.35 -7.89
C LEU A 24 -30.87 -12.96 -9.32
N GLN A 25 -29.58 -12.94 -9.67
CA GLN A 25 -29.19 -12.54 -11.03
C GLN A 25 -29.68 -13.53 -12.07
N ASP A 26 -29.61 -14.83 -11.77
CA ASP A 26 -30.04 -15.85 -12.73
C ASP A 26 -31.54 -15.75 -13.00
N SER A 27 -32.29 -15.12 -12.11
CA SER A 27 -33.73 -14.94 -12.30
C SER A 27 -34.07 -13.70 -13.12
N GLY A 28 -33.07 -13.00 -13.65
CA GLY A 28 -33.31 -11.85 -14.49
C GLY A 28 -33.43 -10.52 -13.79
N SER A 29 -33.13 -10.47 -12.48
CA SER A 29 -33.22 -9.22 -11.74
C SER A 29 -31.84 -8.65 -11.47
N GLN A 30 -31.73 -7.33 -11.54
CA GLN A 30 -30.48 -6.64 -11.28
C GLN A 30 -30.28 -6.48 -9.77
N VAL A 31 -29.06 -6.70 -9.31
CA VAL A 31 -28.73 -6.66 -7.89
C VAL A 31 -27.52 -5.77 -7.68
N LEU A 32 -27.41 -5.22 -6.46
CA LEU A 32 -26.25 -4.47 -6.03
C LEU A 32 -25.56 -5.23 -4.91
N ALA A 33 -24.26 -5.47 -5.06
CA ALA A 33 -23.47 -6.18 -4.07
C ALA A 33 -22.53 -5.20 -3.37
N VAL A 34 -22.56 -5.21 -2.05
CA VAL A 34 -21.74 -4.33 -1.23
C VAL A 34 -20.99 -5.15 -0.20
N ASP A 35 -19.68 -4.89 -0.09
CA ASP A 35 -18.85 -5.56 0.89
C ASP A 35 -17.63 -4.69 1.20
N ILE A 36 -17.09 -4.87 2.40
CA ILE A 36 -15.86 -4.20 2.78
C ILE A 36 -14.63 -4.95 2.28
N ASN A 37 -14.74 -6.26 2.06
CA ASN A 37 -13.63 -7.06 1.54
C ASN A 37 -13.62 -6.93 0.02
N GLU A 38 -12.50 -6.40 -0.52
CA GLU A 38 -12.44 -6.16 -1.96
C GLU A 38 -12.36 -7.47 -2.74
N ASP A 39 -11.78 -8.51 -2.15
CA ASP A 39 -11.68 -9.78 -2.85
C ASP A 39 -13.06 -10.37 -3.13
N ARG A 40 -13.97 -10.29 -2.15
CA ARG A 40 -15.31 -10.82 -2.33
C ARG A 40 -16.12 -9.96 -3.29
N VAL A 41 -15.84 -8.65 -3.33
CA VAL A 41 -16.47 -7.79 -4.32
C VAL A 41 -15.98 -8.13 -5.72
N LYS A 42 -14.69 -8.45 -5.86
CA LYS A 42 -14.17 -8.89 -7.14
C LYS A 42 -14.81 -10.21 -7.57
N GLU A 43 -15.01 -11.12 -6.61
CA GLU A 43 -15.68 -12.38 -6.91
C GLU A 43 -17.10 -12.14 -7.41
N ALA A 44 -17.84 -11.26 -6.74
CA ALA A 44 -19.22 -11.01 -7.13
C ALA A 44 -19.32 -10.13 -8.38
N ALA A 45 -18.26 -9.40 -8.71
CA ALA A 45 -18.33 -8.44 -9.81
C ALA A 45 -18.54 -9.13 -11.16
N GLY A 46 -18.22 -10.41 -11.25
CA GLY A 46 -18.37 -11.12 -12.51
C GLY A 46 -19.80 -11.25 -12.96
N PHE A 47 -20.71 -11.58 -12.03
CA PHE A 47 -22.09 -11.90 -12.36
C PHE A 47 -23.09 -10.90 -11.83
N VAL A 48 -22.65 -9.84 -11.15
CA VAL A 48 -23.55 -8.87 -10.53
C VAL A 48 -23.56 -7.61 -11.38
N SER A 49 -24.73 -6.97 -11.47
CA SER A 49 -24.88 -5.76 -12.29
C SER A 49 -23.96 -4.66 -11.80
N GLN A 50 -23.83 -4.50 -10.49
CA GLN A 50 -22.92 -3.51 -9.93
C GLN A 50 -22.46 -3.96 -8.55
N ALA A 51 -21.15 -3.93 -8.34
CA ALA A 51 -20.53 -4.32 -7.07
C ALA A 51 -19.76 -3.14 -6.53
N ILE A 52 -19.87 -2.91 -5.23
CA ILE A 52 -19.33 -1.70 -4.60
C ILE A 52 -18.61 -2.09 -3.32
N VAL A 53 -17.40 -1.56 -3.15
CA VAL A 53 -16.62 -1.72 -1.93
C VAL A 53 -16.97 -0.57 -1.00
N ALA A 54 -17.78 -0.85 0.03
CA ALA A 54 -18.24 0.20 0.93
C ALA A 54 -18.51 -0.40 2.30
N ASN A 55 -18.49 0.48 3.30
CA ASN A 55 -18.82 0.10 4.67
C ASN A 55 -20.24 0.60 4.97
N CYS A 56 -21.16 -0.34 5.18
CA CYS A 56 -22.56 0.00 5.38
C CYS A 56 -22.90 0.32 6.83
N THR A 57 -21.93 0.28 7.73
CA THR A 57 -22.17 0.72 9.11
C THR A 57 -21.96 2.21 9.24
N HIS A 58 -21.54 2.88 8.17
CA HIS A 58 -21.43 4.34 8.16
C HIS A 58 -22.69 4.92 7.55
N GLU A 59 -23.30 5.89 8.24
CA GLU A 59 -24.61 6.39 7.80
C GLU A 59 -24.50 7.20 6.53
N GLU A 60 -23.38 7.89 6.32
CA GLU A 60 -23.22 8.69 5.11
C GLU A 60 -22.98 7.79 3.89
N THR A 61 -22.26 6.69 4.08
CA THR A 61 -22.02 5.77 2.97
C THR A 61 -23.32 5.16 2.46
N VAL A 62 -24.21 4.79 3.37
CA VAL A 62 -25.50 4.24 2.97
C VAL A 62 -26.35 5.29 2.26
N ALA A 63 -26.22 6.56 2.68
CA ALA A 63 -27.02 7.62 2.07
C ALA A 63 -26.69 7.79 0.59
N GLU A 64 -25.40 7.74 0.23
CA GLU A 64 -25.04 7.91 -1.17
C GLU A 64 -25.22 6.63 -1.96
N LEU A 65 -25.34 5.49 -1.27
CA LEU A 65 -25.67 4.24 -1.95
C LEU A 65 -27.09 4.22 -2.48
N LYS A 66 -27.97 5.09 -1.96
CA LYS A 66 -29.35 5.21 -2.40
C LYS A 66 -30.08 3.88 -2.29
N LEU A 67 -29.97 3.24 -1.12
CA LEU A 67 -30.67 1.98 -0.89
C LEU A 67 -32.18 2.18 -0.84
N ASP A 68 -32.65 3.41 -0.61
CA ASP A 68 -34.09 3.66 -0.60
C ASP A 68 -34.72 3.38 -1.95
N ASP A 69 -33.96 3.58 -3.03
CA ASP A 69 -34.49 3.29 -4.37
C ASP A 69 -34.76 1.79 -4.54
N TYR A 70 -33.88 0.95 -4.00
CA TYR A 70 -34.02 -0.48 -4.16
C TYR A 70 -35.25 -0.98 -3.42
N ASP A 71 -35.97 -1.91 -4.05
CA ASP A 71 -37.21 -2.41 -3.48
C ASP A 71 -36.95 -3.20 -2.20
N MET A 72 -35.93 -4.07 -2.21
CA MET A 72 -35.66 -4.95 -1.09
C MET A 72 -34.16 -5.04 -0.87
N VAL A 73 -33.74 -5.02 0.38
CA VAL A 73 -32.33 -5.02 0.76
C VAL A 73 -32.06 -6.20 1.68
N MET A 74 -31.11 -7.05 1.29
CA MET A 74 -30.62 -8.14 2.13
C MET A 74 -29.34 -7.73 2.82
N ILE A 75 -29.30 -7.88 4.14
CA ILE A 75 -28.09 -7.70 4.93
C ILE A 75 -27.61 -9.07 5.37
N ALA A 76 -26.49 -9.51 4.80
CA ALA A 76 -25.99 -10.87 4.98
C ALA A 76 -24.67 -10.88 5.72
N ILE A 77 -24.52 -10.02 6.72
CA ILE A 77 -23.33 -10.01 7.56
C ILE A 77 -23.51 -11.01 8.68
N GLY A 78 -22.69 -12.06 8.66
CA GLY A 78 -22.83 -13.15 9.62
C GLY A 78 -21.88 -13.11 10.80
N ALA A 79 -20.59 -12.89 10.54
CA ALA A 79 -19.60 -12.99 11.59
C ALA A 79 -19.71 -11.83 12.58
N ASP A 80 -19.82 -10.61 12.06
CA ASP A 80 -19.85 -9.42 12.92
C ASP A 80 -21.31 -9.11 13.26
N VAL A 81 -21.70 -9.45 14.50
CA VAL A 81 -23.05 -9.16 14.96
C VAL A 81 -23.30 -7.66 15.01
N ASN A 82 -22.31 -6.89 15.47
CA ASN A 82 -22.47 -5.44 15.53
C ASN A 82 -22.71 -4.85 14.16
N ALA A 83 -21.98 -5.34 13.15
CA ALA A 83 -22.18 -4.85 11.79
C ALA A 83 -23.59 -5.13 11.30
N SER A 84 -24.11 -6.33 11.58
CA SER A 84 -25.47 -6.66 11.15
C SER A 84 -26.50 -5.76 11.83
N ILE A 85 -26.37 -5.61 13.15
CA ILE A 85 -27.31 -4.77 13.90
C ILE A 85 -27.28 -3.34 13.39
N LEU A 86 -26.08 -2.78 13.23
CA LEU A 86 -25.97 -1.37 12.86
C LEU A 86 -26.38 -1.15 11.42
N ALA A 87 -26.06 -2.09 10.53
CA ALA A 87 -26.51 -1.98 9.15
C ALA A 87 -28.02 -2.05 9.06
N THR A 88 -28.66 -2.93 9.83
CA THR A 88 -30.11 -2.99 9.85
C THR A 88 -30.71 -1.68 10.35
N LEU A 89 -30.14 -1.13 11.43
CA LEU A 89 -30.64 0.13 11.97
C LEU A 89 -30.50 1.26 10.95
N ILE A 90 -29.35 1.34 10.30
CA ILE A 90 -29.12 2.42 9.33
C ILE A 90 -30.00 2.24 8.10
N ALA A 91 -30.21 1.00 7.66
CA ALA A 91 -31.09 0.76 6.52
C ALA A 91 -32.52 1.18 6.83
N LYS A 92 -33.01 0.83 8.03
CA LYS A 92 -34.35 1.25 8.40
C LYS A 92 -34.44 2.77 8.52
N GLU A 93 -33.41 3.41 9.09
CA GLU A 93 -33.41 4.86 9.20
C GLU A 93 -33.24 5.54 7.84
N ALA A 94 -32.82 4.80 6.82
CA ALA A 94 -32.66 5.32 5.47
C ALA A 94 -33.94 5.22 4.65
N GLY A 95 -35.03 4.73 5.25
CA GLY A 95 -36.31 4.64 4.58
C GLY A 95 -36.37 3.66 3.44
N VAL A 96 -35.81 2.46 3.65
CA VAL A 96 -35.94 1.37 2.69
C VAL A 96 -37.14 0.52 3.09
N LYS A 97 -37.90 0.06 2.10
CA LYS A 97 -39.20 -0.55 2.40
C LYS A 97 -39.04 -1.91 3.08
N SER A 98 -38.20 -2.78 2.54
CA SER A 98 -38.11 -4.16 3.00
C SER A 98 -36.66 -4.50 3.32
N VAL A 99 -36.42 -5.02 4.52
CA VAL A 99 -35.09 -5.40 4.98
C VAL A 99 -35.12 -6.87 5.38
N TRP A 100 -34.23 -7.65 4.78
CA TRP A 100 -34.03 -9.04 5.14
C TRP A 100 -32.65 -9.18 5.76
N VAL A 101 -32.59 -9.80 6.94
CA VAL A 101 -31.36 -9.91 7.70
C VAL A 101 -31.08 -11.37 8.04
N LYS A 102 -29.84 -11.80 7.81
CA LYS A 102 -29.39 -13.11 8.24
C LYS A 102 -28.93 -13.03 9.70
N ALA A 103 -29.51 -13.89 10.53
CA ALA A 103 -29.21 -13.91 11.96
C ALA A 103 -28.54 -15.24 12.31
N ASN A 104 -27.56 -15.17 13.20
CA ASN A 104 -26.80 -16.34 13.61
C ASN A 104 -27.19 -16.85 14.98
N ASP A 105 -28.07 -16.16 15.70
CA ASP A 105 -28.46 -16.57 17.04
C ASP A 105 -29.85 -16.03 17.34
N ARG A 106 -30.56 -16.70 18.24
CA ARG A 106 -31.91 -16.29 18.59
C ARG A 106 -31.91 -14.98 19.35
N PHE A 107 -30.86 -14.70 20.14
CA PHE A 107 -30.75 -13.41 20.80
C PHE A 107 -30.56 -12.29 19.79
N GLN A 108 -29.75 -12.53 18.76
CA GLN A 108 -29.63 -11.58 17.65
C GLN A 108 -30.95 -11.44 16.91
N ALA A 109 -31.68 -12.55 16.75
CA ALA A 109 -32.93 -12.51 16.01
C ALA A 109 -33.97 -11.62 16.67
N ARG A 110 -34.11 -11.72 18.00
CA ARG A 110 -35.08 -10.88 18.69
C ARG A 110 -34.68 -9.42 18.67
N VAL A 111 -33.38 -9.14 18.78
CA VAL A 111 -32.91 -7.76 18.67
C VAL A 111 -33.23 -7.19 17.29
N LEU A 112 -32.95 -7.96 16.24
CA LEU A 112 -33.24 -7.49 14.88
C LEU A 112 -34.73 -7.29 14.67
N GLN A 113 -35.55 -8.18 15.23
CA GLN A 113 -36.99 -8.03 15.13
C GLN A 113 -37.45 -6.75 15.82
N LYS A 114 -36.88 -6.46 16.99
CA LYS A 114 -37.30 -5.27 17.74
C LYS A 114 -36.83 -3.99 17.06
N ILE A 115 -35.69 -4.04 16.36
CA ILE A 115 -35.26 -2.88 15.58
C ILE A 115 -36.26 -2.59 14.47
N GLY A 116 -36.75 -3.62 13.79
CA GLY A 116 -37.72 -3.40 12.74
C GLY A 116 -37.44 -4.13 11.44
N ALA A 117 -36.52 -5.09 11.47
CA ALA A 117 -36.29 -5.91 10.29
C ALA A 117 -37.55 -6.68 9.93
N ASP A 118 -37.92 -6.64 8.65
CA ASP A 118 -39.18 -7.24 8.21
C ASP A 118 -39.14 -8.76 8.23
N HIS A 119 -38.08 -9.37 7.72
CA HIS A 119 -37.93 -10.82 7.70
C HIS A 119 -36.53 -11.17 8.17
N ILE A 120 -36.42 -12.18 9.02
CA ILE A 120 -35.16 -12.59 9.62
C ILE A 120 -34.89 -14.04 9.22
N ILE A 121 -33.69 -14.30 8.74
CA ILE A 121 -33.31 -15.63 8.26
C ILE A 121 -32.24 -16.20 9.19
N MET A 122 -32.54 -17.36 9.78
CA MET A 122 -31.55 -18.12 10.54
C MET A 122 -31.18 -19.36 9.72
N PRO A 123 -30.00 -19.40 9.10
CA PRO A 123 -29.71 -20.51 8.17
C PRO A 123 -29.70 -21.87 8.83
N GLU A 124 -28.99 -22.02 9.95
CA GLU A 124 -28.84 -23.33 10.57
C GLU A 124 -30.19 -23.88 11.04
N ARG A 125 -31.02 -23.01 11.63
CA ARG A 125 -32.33 -23.46 12.10
C ARG A 125 -33.26 -23.78 10.93
N ASP A 126 -33.31 -22.88 9.94
CA ASP A 126 -34.20 -23.09 8.79
C ASP A 126 -33.78 -24.32 7.99
N MET A 127 -32.48 -24.45 7.71
CA MET A 127 -31.98 -25.63 7.02
C MET A 127 -32.23 -26.89 7.82
N GLY A 128 -32.11 -26.82 9.14
CA GLY A 128 -32.42 -27.98 9.96
C GLY A 128 -33.88 -28.40 9.84
N ILE A 129 -34.78 -27.42 9.93
CA ILE A 129 -36.21 -27.72 9.79
C ILE A 129 -36.49 -28.34 8.43
N ARG A 130 -35.93 -27.75 7.36
CA ARG A 130 -36.28 -28.23 6.03
C ARG A 130 -35.63 -29.59 5.73
N VAL A 131 -34.43 -29.84 6.27
CA VAL A 131 -33.81 -31.16 6.11
C VAL A 131 -34.63 -32.21 6.85
N ALA A 132 -35.09 -31.88 8.05
CA ALA A 132 -35.95 -32.80 8.79
C ALA A 132 -37.23 -33.09 8.02
N ARG A 133 -37.81 -32.06 7.41
CA ARG A 133 -38.98 -32.28 6.56
C ARG A 133 -38.65 -33.16 5.36
N LYS A 134 -37.46 -32.94 4.77
CA LYS A 134 -37.04 -33.73 3.61
C LYS A 134 -36.88 -35.19 3.96
N MET A 135 -36.45 -35.49 5.20
CA MET A 135 -36.33 -36.89 5.61
C MET A 135 -37.68 -37.58 5.64
N LEU A 136 -38.75 -36.84 5.94
CA LEU A 136 -40.07 -37.44 6.01
C LEU A 136 -40.50 -37.98 4.65
N ASP A 137 -40.27 -37.21 3.60
CA ASP A 137 -40.69 -37.59 2.25
C ASP A 137 -39.48 -37.99 1.41
N LYS B 6 17.81 -45.33 34.63
CA LYS B 6 16.48 -45.89 34.52
C LYS B 6 15.41 -44.85 34.87
N GLN B 7 15.85 -43.73 35.44
CA GLN B 7 14.97 -42.63 35.81
C GLN B 7 15.12 -41.53 34.76
N PHE B 8 14.00 -41.10 34.20
CA PHE B 8 13.97 -40.12 33.13
C PHE B 8 13.04 -38.96 33.48
N ALA B 9 13.35 -37.79 32.97
CA ALA B 9 12.54 -36.59 33.17
C ALA B 9 12.19 -35.99 31.82
N VAL B 10 10.92 -35.71 31.60
CA VAL B 10 10.44 -35.14 30.34
C VAL B 10 9.81 -33.78 30.64
N ILE B 11 10.38 -32.73 30.07
CA ILE B 11 9.86 -31.37 30.18
C ILE B 11 9.07 -31.07 28.91
N GLY B 12 7.80 -30.70 29.07
CA GLY B 12 6.93 -30.51 27.94
C GLY B 12 6.14 -31.76 27.63
N LEU B 13 4.82 -31.63 27.49
CA LEU B 13 3.94 -32.78 27.33
C LEU B 13 3.09 -32.61 26.06
N GLY B 14 3.76 -32.30 24.97
CA GLY B 14 3.14 -32.30 23.66
C GLY B 14 3.03 -33.71 23.11
N ARG B 15 2.72 -33.81 21.81
CA ARG B 15 2.63 -35.13 21.18
C ARG B 15 3.98 -35.83 21.20
N PHE B 16 5.06 -35.09 20.97
CA PHE B 16 6.40 -35.66 21.08
C PHE B 16 6.67 -36.13 22.51
N GLY B 17 6.32 -35.30 23.50
CA GLY B 17 6.53 -35.67 24.89
C GLY B 17 5.65 -36.84 25.31
N LEU B 18 4.39 -36.85 24.87
CA LEU B 18 3.51 -37.96 25.19
C LEU B 18 4.03 -39.26 24.59
N ALA B 19 4.50 -39.21 23.34
CA ALA B 19 5.04 -40.41 22.71
C ALA B 19 6.28 -40.91 23.41
N VAL B 20 7.20 -40.01 23.78
CA VAL B 20 8.41 -40.44 24.45
C VAL B 20 8.09 -41.02 25.83
N CYS B 21 7.12 -40.42 26.53
CA CYS B 21 6.68 -40.98 27.81
C CYS B 21 6.07 -42.37 27.62
N LYS B 22 5.21 -42.53 26.61
CA LYS B 22 4.61 -43.83 26.34
C LYS B 22 5.67 -44.90 26.12
N GLU B 23 6.65 -44.63 25.25
CA GLU B 23 7.64 -45.66 24.96
C GLU B 23 8.54 -45.92 26.16
N LEU B 24 8.95 -44.87 26.88
CA LEU B 24 9.79 -45.06 28.06
C LEU B 24 9.07 -45.90 29.10
N GLN B 25 7.78 -45.67 29.30
CA GLN B 25 7.01 -46.45 30.26
C GLN B 25 6.85 -47.89 29.81
N ASP B 26 6.52 -48.09 28.52
CA ASP B 26 6.32 -49.43 28.02
C ASP B 26 7.62 -50.24 28.05
N SER B 27 8.76 -49.55 28.08
CA SER B 27 10.03 -50.23 28.27
C SER B 27 10.37 -50.45 29.75
N GLY B 28 9.53 -49.97 30.67
CA GLY B 28 9.68 -50.29 32.08
C GLY B 28 10.38 -49.24 32.92
N SER B 29 10.60 -48.04 32.39
CA SER B 29 11.30 -47.01 33.14
C SER B 29 10.33 -46.11 33.90
N GLN B 30 10.88 -45.32 34.82
CA GLN B 30 10.11 -44.36 35.62
C GLN B 30 10.38 -42.96 35.08
N VAL B 31 9.32 -42.22 34.80
CA VAL B 31 9.42 -40.92 34.13
C VAL B 31 8.69 -39.88 34.96
N LEU B 32 9.19 -38.65 34.92
CA LEU B 32 8.52 -37.49 35.51
C LEU B 32 8.06 -36.58 34.39
N ALA B 33 6.78 -36.22 34.40
CA ALA B 33 6.17 -35.39 33.36
C ALA B 33 5.85 -34.02 33.93
N VAL B 34 6.44 -32.99 33.33
CA VAL B 34 6.28 -31.61 33.78
C VAL B 34 5.77 -30.78 32.62
N ASP B 35 4.71 -30.00 32.87
CA ASP B 35 4.12 -29.16 31.84
C ASP B 35 3.34 -28.04 32.52
N ILE B 36 2.98 -27.02 31.72
CA ILE B 36 2.27 -25.88 32.26
C ILE B 36 0.75 -26.03 32.16
N ASN B 37 0.25 -26.77 31.18
CA ASN B 37 -1.18 -26.90 30.95
C ASN B 37 -1.71 -28.03 31.83
N GLU B 38 -2.77 -27.74 32.59
CA GLU B 38 -3.30 -28.71 33.53
C GLU B 38 -3.95 -29.89 32.81
N ASP B 39 -4.61 -29.63 31.68
CA ASP B 39 -5.28 -30.71 30.96
C ASP B 39 -4.28 -31.74 30.45
N ARG B 40 -3.17 -31.28 29.87
CA ARG B 40 -2.22 -32.21 29.29
C ARG B 40 -1.44 -32.98 30.36
N VAL B 41 -1.12 -32.31 31.48
CA VAL B 41 -0.45 -33.02 32.57
C VAL B 41 -1.41 -34.01 33.23
N LYS B 42 -2.71 -33.70 33.23
CA LYS B 42 -3.70 -34.68 33.68
C LYS B 42 -3.75 -35.87 32.75
N GLU B 43 -3.74 -35.61 31.44
CA GLU B 43 -3.75 -36.70 30.46
C GLU B 43 -2.54 -37.60 30.62
N ALA B 44 -1.37 -36.99 30.86
CA ALA B 44 -0.17 -37.78 31.12
C ALA B 44 -0.26 -38.50 32.46
N ALA B 45 -0.95 -37.90 33.44
CA ALA B 45 -0.99 -38.46 34.79
C ALA B 45 -1.67 -39.81 34.84
N GLY B 46 -2.44 -40.15 33.80
CA GLY B 46 -3.07 -41.46 33.75
C GLY B 46 -2.06 -42.59 33.70
N PHE B 47 -0.85 -42.31 33.23
CA PHE B 47 0.15 -43.35 33.02
C PHE B 47 1.54 -43.03 33.57
N VAL B 48 1.84 -41.75 33.86
CA VAL B 48 3.17 -41.38 34.32
C VAL B 48 3.33 -41.74 35.79
N SER B 49 4.59 -42.01 36.19
CA SER B 49 4.88 -42.26 37.59
C SER B 49 4.63 -41.02 38.43
N GLN B 50 5.05 -39.86 37.94
CA GLN B 50 4.85 -38.59 38.64
C GLN B 50 4.50 -37.52 37.61
N ALA B 51 3.42 -36.78 37.87
CA ALA B 51 3.00 -35.68 37.03
C ALA B 51 2.94 -34.42 37.86
N ILE B 52 3.66 -33.38 37.44
CA ILE B 52 3.69 -32.11 38.14
C ILE B 52 3.42 -31.00 37.15
N VAL B 53 2.46 -30.14 37.47
CA VAL B 53 2.18 -28.96 36.66
C VAL B 53 3.09 -27.84 37.16
N ALA B 54 3.93 -27.32 36.28
CA ALA B 54 4.91 -26.32 36.65
C ALA B 54 5.46 -25.64 35.41
N ASN B 55 6.06 -24.47 35.61
CA ASN B 55 6.76 -23.76 34.55
C ASN B 55 8.25 -23.97 34.73
N CYS B 56 8.92 -24.48 33.71
CA CYS B 56 10.33 -24.83 33.79
C CYS B 56 11.25 -23.68 33.44
N THR B 57 10.71 -22.49 33.16
CA THR B 57 11.52 -21.31 32.90
C THR B 57 11.84 -20.53 34.17
N HIS B 58 11.33 -20.97 35.33
CA HIS B 58 11.59 -20.32 36.60
C HIS B 58 12.57 -21.17 37.39
N GLU B 59 13.65 -20.56 37.88
CA GLU B 59 14.74 -21.32 38.49
C GLU B 59 14.30 -22.05 39.74
N GLU B 60 13.48 -21.40 40.57
CA GLU B 60 13.16 -21.99 41.88
C GLU B 60 12.42 -23.31 41.75
N THR B 61 11.46 -23.40 40.82
CA THR B 61 10.77 -24.66 40.60
C THR B 61 11.71 -25.73 40.08
N VAL B 62 12.64 -25.34 39.19
CA VAL B 62 13.63 -26.27 38.67
C VAL B 62 14.49 -26.84 39.79
N ALA B 63 14.93 -26.00 40.72
CA ALA B 63 15.68 -26.49 41.87
C ALA B 63 14.82 -27.36 42.77
N GLU B 64 13.56 -26.98 42.95
CA GLU B 64 12.68 -27.72 43.85
C GLU B 64 12.45 -29.15 43.36
N LEU B 65 12.18 -29.33 42.07
CA LEU B 65 11.88 -30.67 41.61
C LEU B 65 13.13 -31.46 41.25
N LYS B 66 14.32 -30.85 41.38
CA LYS B 66 15.59 -31.58 41.39
C LYS B 66 15.82 -32.38 40.10
N LEU B 67 16.01 -31.66 38.99
CA LEU B 67 16.38 -32.32 37.75
C LEU B 67 17.71 -33.06 37.85
N ASP B 68 18.60 -32.64 38.77
CA ASP B 68 19.95 -33.18 38.80
C ASP B 68 19.97 -34.66 39.14
N ASP B 69 18.94 -35.16 39.84
CA ASP B 69 18.89 -36.57 40.19
C ASP B 69 18.75 -37.44 38.95
N TYR B 70 17.95 -37.00 37.98
CA TYR B 70 17.69 -37.79 36.80
C TYR B 70 18.91 -37.83 35.88
N ASP B 71 19.16 -39.00 35.29
CA ASP B 71 20.30 -39.14 34.38
C ASP B 71 20.04 -38.48 33.03
N MET B 72 18.82 -38.61 32.52
CA MET B 72 18.44 -38.03 31.23
C MET B 72 17.24 -37.14 31.41
N VAL B 73 17.32 -35.92 30.85
CA VAL B 73 16.21 -34.98 30.86
C VAL B 73 15.88 -34.63 29.41
N MET B 74 14.60 -34.71 29.07
CA MET B 74 14.12 -34.50 27.71
C MET B 74 13.23 -33.26 27.72
N ILE B 75 13.57 -32.27 26.91
CA ILE B 75 12.82 -31.01 26.86
C ILE B 75 12.06 -30.94 25.55
N ALA B 76 10.73 -31.01 25.64
CA ALA B 76 9.86 -31.16 24.48
C ALA B 76 8.98 -29.93 24.29
N ILE B 77 9.49 -28.75 24.59
CA ILE B 77 8.75 -27.52 24.34
C ILE B 77 8.91 -27.14 22.88
N GLY B 78 7.82 -27.25 22.12
CA GLY B 78 7.87 -27.01 20.69
C GLY B 78 7.44 -25.63 20.23
N ALA B 79 6.28 -25.18 20.72
CA ALA B 79 5.70 -23.94 20.22
C ALA B 79 6.55 -22.73 20.58
N ASP B 80 6.95 -22.63 21.85
CA ASP B 80 7.71 -21.48 22.33
C ASP B 80 9.20 -21.79 22.22
N VAL B 81 9.88 -21.07 21.31
CA VAL B 81 11.32 -21.20 21.19
C VAL B 81 12.01 -20.64 22.43
N ASN B 82 11.53 -19.50 22.93
CA ASN B 82 12.12 -18.89 24.11
C ASN B 82 12.02 -19.81 25.32
N ALA B 83 10.87 -20.47 25.48
CA ALA B 83 10.71 -21.40 26.59
C ALA B 83 11.69 -22.56 26.49
N SER B 84 11.90 -23.08 25.28
CA SER B 84 12.85 -24.17 25.10
C SER B 84 14.27 -23.73 25.42
N ILE B 85 14.65 -22.54 24.96
CA ILE B 85 15.99 -22.02 25.24
C ILE B 85 16.18 -21.83 26.75
N LEU B 86 15.17 -21.25 27.41
CA LEU B 86 15.24 -21.04 28.85
C LEU B 86 15.35 -22.36 29.60
N ALA B 87 14.53 -23.35 29.21
CA ALA B 87 14.56 -24.64 29.88
C ALA B 87 15.91 -25.30 29.73
N THR B 88 16.47 -25.28 28.51
CA THR B 88 17.80 -25.85 28.31
C THR B 88 18.85 -25.13 29.14
N LEU B 89 18.79 -23.79 29.18
CA LEU B 89 19.78 -23.03 29.92
C LEU B 89 19.73 -23.34 31.41
N ILE B 90 18.52 -23.34 31.99
CA ILE B 90 18.39 -23.62 33.42
C ILE B 90 18.74 -25.07 33.73
N ALA B 91 18.41 -25.99 32.82
CA ALA B 91 18.79 -27.38 33.02
C ALA B 91 20.30 -27.54 33.08
N LYS B 92 21.01 -26.88 32.16
CA LYS B 92 22.47 -26.94 32.19
C LYS B 92 23.02 -26.23 33.41
N GLU B 93 22.36 -25.16 33.85
CA GLU B 93 22.81 -24.44 35.05
C GLU B 93 22.68 -25.30 36.29
N ALA B 94 21.61 -26.12 36.36
CA ALA B 94 21.38 -26.94 37.55
C ALA B 94 22.48 -27.97 37.73
N GLY B 95 22.96 -28.56 36.64
CA GLY B 95 24.04 -29.51 36.72
C GLY B 95 23.65 -30.91 36.32
N VAL B 96 22.66 -31.04 35.43
CA VAL B 96 22.24 -32.33 34.89
C VAL B 96 23.26 -32.75 33.83
N LYS B 97 23.66 -34.02 33.89
CA LYS B 97 24.77 -34.48 33.05
C LYS B 97 24.43 -34.41 31.57
N SER B 98 23.22 -34.87 31.19
CA SER B 98 22.86 -35.06 29.79
C SER B 98 21.50 -34.41 29.53
N VAL B 99 21.49 -33.47 28.58
CA VAL B 99 20.26 -32.77 28.22
C VAL B 99 19.92 -33.10 26.77
N TRP B 100 18.68 -33.54 26.53
CA TRP B 100 18.16 -33.74 25.19
C TRP B 100 17.00 -32.77 24.97
N VAL B 101 17.06 -32.01 23.89
CA VAL B 101 16.08 -30.96 23.61
C VAL B 101 15.59 -31.11 22.18
N LYS B 102 14.31 -30.84 21.97
CA LYS B 102 13.70 -30.87 20.64
C LYS B 102 13.70 -29.47 20.05
N ALA B 103 14.17 -29.35 18.81
CA ALA B 103 14.26 -28.07 18.12
C ALA B 103 13.34 -28.10 16.90
N ASN B 104 12.74 -26.95 16.59
CA ASN B 104 11.80 -26.90 15.47
C ASN B 104 12.50 -26.48 14.18
N ASP B 105 13.48 -25.58 14.28
CA ASP B 105 14.18 -25.09 13.11
C ASP B 105 15.68 -25.16 13.35
N ARG B 106 16.46 -24.79 12.32
CA ARG B 106 17.90 -24.92 12.41
C ARG B 106 18.54 -23.82 13.24
N PHE B 107 17.95 -22.62 13.23
CA PHE B 107 18.47 -21.54 14.07
C PHE B 107 18.33 -21.90 15.55
N GLN B 108 17.17 -22.41 15.94
CA GLN B 108 16.97 -22.87 17.31
C GLN B 108 17.94 -24.00 17.64
N ALA B 109 18.14 -24.93 16.70
CA ALA B 109 19.05 -26.05 16.94
C ALA B 109 20.47 -25.55 17.19
N ARG B 110 20.92 -24.58 16.40
CA ARG B 110 22.31 -24.12 16.57
C ARG B 110 22.46 -23.25 17.81
N VAL B 111 21.42 -22.48 18.17
CA VAL B 111 21.46 -21.78 19.45
C VAL B 111 21.54 -22.77 20.61
N LEU B 112 20.76 -23.85 20.53
CA LEU B 112 20.81 -24.89 21.56
C LEU B 112 22.17 -25.55 21.62
N GLN B 113 22.78 -25.79 20.46
CA GLN B 113 24.12 -26.38 20.43
C GLN B 113 25.14 -25.45 21.08
N LYS B 114 25.04 -24.14 20.82
CA LYS B 114 25.91 -23.19 21.49
C LYS B 114 25.66 -23.17 23.00
N ILE B 115 24.40 -23.29 23.42
CA ILE B 115 24.09 -23.27 24.84
C ILE B 115 24.74 -24.45 25.55
N GLY B 116 24.67 -25.64 24.95
CA GLY B 116 25.28 -26.81 25.55
C GLY B 116 24.43 -28.05 25.59
N ALA B 117 23.30 -28.04 24.88
CA ALA B 117 22.48 -29.24 24.80
C ALA B 117 23.26 -30.37 24.14
N ASP B 118 23.25 -31.54 24.78
CA ASP B 118 24.08 -32.66 24.33
C ASP B 118 23.55 -33.31 23.06
N HIS B 119 22.24 -33.48 22.94
CA HIS B 119 21.64 -34.07 21.74
C HIS B 119 20.43 -33.22 21.36
N ILE B 120 20.30 -32.96 20.06
CA ILE B 120 19.26 -32.05 19.55
C ILE B 120 18.43 -32.81 18.53
N ILE B 121 17.11 -32.75 18.66
CA ILE B 121 16.20 -33.49 17.81
C ILE B 121 15.35 -32.50 17.02
N MET B 122 15.40 -32.62 15.69
CA MET B 122 14.42 -31.96 14.82
C MET B 122 13.54 -33.03 14.21
N PRO B 123 12.31 -33.21 14.69
CA PRO B 123 11.49 -34.33 14.20
C PRO B 123 11.21 -34.29 12.70
N GLU B 124 10.97 -33.09 12.16
CA GLU B 124 10.59 -32.99 10.75
C GLU B 124 11.71 -33.47 9.84
N ARG B 125 12.93 -32.98 10.04
CA ARG B 125 14.03 -33.34 9.16
C ARG B 125 14.46 -34.79 9.38
N ASP B 126 14.38 -35.27 10.62
CA ASP B 126 14.74 -36.67 10.90
C ASP B 126 13.76 -37.64 10.25
N MET B 127 12.46 -37.37 10.37
CA MET B 127 11.48 -38.08 9.55
C MET B 127 11.77 -37.96 8.07
N GLY B 128 12.16 -36.78 7.59
CA GLY B 128 12.47 -36.66 6.18
C GLY B 128 13.53 -37.64 5.74
N ILE B 129 14.65 -37.67 6.47
CA ILE B 129 15.75 -38.57 6.12
C ILE B 129 15.31 -40.03 6.25
N ARG B 130 14.62 -40.36 7.34
CA ARG B 130 14.32 -41.77 7.58
C ARG B 130 13.28 -42.30 6.58
N VAL B 131 12.27 -41.49 6.25
CA VAL B 131 11.29 -41.94 5.27
C VAL B 131 11.93 -42.01 3.89
N ALA B 132 12.90 -41.13 3.60
CA ALA B 132 13.62 -41.26 2.34
C ALA B 132 14.40 -42.57 2.29
N ARG B 133 15.06 -42.93 3.39
CA ARG B 133 15.78 -44.19 3.44
C ARG B 133 14.84 -45.37 3.27
N LYS B 134 13.68 -45.33 3.94
CA LYS B 134 12.68 -46.38 3.77
C LYS B 134 12.20 -46.44 2.32
N MET B 135 12.05 -45.28 1.68
CA MET B 135 11.65 -45.22 0.28
C MET B 135 12.68 -45.89 -0.61
N LEU B 136 13.97 -45.67 -0.33
CA LEU B 136 15.02 -46.27 -1.13
C LEU B 136 14.98 -47.79 -1.06
N ASP B 137 14.88 -48.34 0.15
CA ASP B 137 14.90 -49.78 0.34
C ASP B 137 14.30 -50.17 1.68
N LYS C 6 13.18 -45.43 -8.08
CA LYS C 6 13.79 -44.68 -9.19
C LYS C 6 13.08 -43.35 -9.40
N GLN C 7 11.78 -43.41 -9.62
CA GLN C 7 10.96 -42.22 -9.83
C GLN C 7 10.16 -41.93 -8.56
N PHE C 8 10.37 -40.75 -7.99
CA PHE C 8 9.67 -40.33 -6.78
C PHE C 8 9.00 -38.99 -7.02
N ALA C 9 7.82 -38.83 -6.44
CA ALA C 9 7.09 -37.58 -6.47
C ALA C 9 6.71 -37.21 -5.05
N VAL C 10 7.02 -35.97 -4.66
CA VAL C 10 6.70 -35.46 -3.34
C VAL C 10 5.90 -34.17 -3.50
N ILE C 11 4.77 -34.10 -2.80
CA ILE C 11 3.88 -32.95 -2.86
C ILE C 11 3.91 -32.27 -1.50
N GLY C 12 4.26 -30.98 -1.49
CA GLY C 12 4.48 -30.27 -0.25
C GLY C 12 5.95 -30.15 0.04
N LEU C 13 6.48 -28.93 0.01
CA LEU C 13 7.92 -28.73 0.11
C LEU C 13 8.29 -28.00 1.39
N GLY C 14 7.66 -28.37 2.50
CA GLY C 14 7.98 -27.83 3.80
C GLY C 14 9.29 -28.37 4.35
N ARG C 15 9.39 -28.37 5.67
CA ARG C 15 10.59 -28.91 6.32
C ARG C 15 10.72 -30.41 6.05
N PHE C 16 9.60 -31.14 6.13
CA PHE C 16 9.63 -32.57 5.88
C PHE C 16 9.91 -32.88 4.42
N GLY C 17 9.19 -32.23 3.51
CA GLY C 17 9.34 -32.52 2.10
C GLY C 17 10.70 -32.14 1.55
N LEU C 18 11.23 -31.00 2.00
CA LEU C 18 12.56 -30.59 1.54
C LEU C 18 13.62 -31.58 1.98
N ALA C 19 13.53 -32.08 3.22
CA ALA C 19 14.47 -33.09 3.68
C ALA C 19 14.33 -34.38 2.87
N VAL C 20 13.09 -34.76 2.56
CA VAL C 20 12.88 -35.93 1.72
C VAL C 20 13.55 -35.75 0.37
N CYS C 21 13.38 -34.58 -0.24
CA CYS C 21 14.01 -34.29 -1.53
C CYS C 21 15.53 -34.37 -1.42
N LYS C 22 16.09 -33.74 -0.37
CA LYS C 22 17.54 -33.68 -0.23
C LYS C 22 18.13 -35.08 -0.08
N GLU C 23 17.48 -35.94 0.70
CA GLU C 23 18.00 -37.29 0.85
C GLU C 23 17.80 -38.12 -0.42
N LEU C 24 16.62 -38.02 -1.03
CA LEU C 24 16.32 -38.86 -2.19
C LEU C 24 17.21 -38.51 -3.37
N GLN C 25 17.45 -37.22 -3.63
CA GLN C 25 18.29 -36.85 -4.76
C GLN C 25 19.75 -37.18 -4.51
N ASP C 26 20.23 -36.93 -3.28
CA ASP C 26 21.60 -37.32 -2.94
C ASP C 26 21.79 -38.82 -3.05
N SER C 27 20.71 -39.58 -2.87
CA SER C 27 20.77 -41.02 -3.10
C SER C 27 20.98 -41.36 -4.57
N GLY C 28 20.56 -40.49 -5.48
CA GLY C 28 20.79 -40.72 -6.90
C GLY C 28 19.58 -41.17 -7.69
N SER C 29 18.42 -40.56 -7.41
CA SER C 29 17.19 -40.88 -8.12
C SER C 29 16.50 -39.60 -8.57
N GLN C 30 15.71 -39.72 -9.64
CA GLN C 30 14.95 -38.58 -10.15
C GLN C 30 13.72 -38.38 -9.28
N VAL C 31 13.56 -37.18 -8.73
CA VAL C 31 12.47 -36.85 -7.82
C VAL C 31 11.72 -35.65 -8.39
N LEU C 32 10.39 -35.68 -8.29
CA LEU C 32 9.55 -34.57 -8.70
C LEU C 32 9.08 -33.84 -7.45
N ALA C 33 9.42 -32.56 -7.33
CA ALA C 33 8.99 -31.72 -6.23
C ALA C 33 7.87 -30.81 -6.71
N VAL C 34 6.71 -30.90 -6.07
CA VAL C 34 5.53 -30.12 -6.43
C VAL C 34 5.05 -29.38 -5.21
N ASP C 35 4.85 -28.07 -5.34
CA ASP C 35 4.35 -27.26 -4.24
C ASP C 35 3.57 -26.09 -4.79
N ILE C 36 2.49 -25.73 -4.08
CA ILE C 36 1.64 -24.63 -4.54
C ILE C 36 2.34 -23.29 -4.37
N ASN C 37 3.21 -23.16 -3.38
CA ASN C 37 3.90 -21.90 -3.13
C ASN C 37 5.17 -21.88 -3.98
N GLU C 38 5.36 -20.78 -4.71
CA GLU C 38 6.45 -20.72 -5.69
C GLU C 38 7.80 -20.57 -5.02
N ASP C 39 7.84 -19.90 -3.87
CA ASP C 39 9.11 -19.68 -3.18
C ASP C 39 9.71 -21.00 -2.70
N ARG C 40 8.90 -21.88 -2.14
CA ARG C 40 9.39 -23.18 -1.71
C ARG C 40 9.88 -24.00 -2.90
N VAL C 41 9.18 -23.91 -4.02
CA VAL C 41 9.61 -24.61 -5.22
C VAL C 41 10.95 -24.07 -5.70
N LYS C 42 11.17 -22.75 -5.59
CA LYS C 42 12.48 -22.19 -5.90
C LYS C 42 13.56 -22.73 -4.97
N GLU C 43 13.26 -22.81 -3.68
CA GLU C 43 14.25 -23.31 -2.72
C GLU C 43 14.62 -24.75 -3.01
N ALA C 44 13.63 -25.58 -3.35
CA ALA C 44 13.88 -26.99 -3.60
C ALA C 44 14.25 -27.29 -5.05
N ALA C 45 14.25 -26.28 -5.93
CA ALA C 45 14.45 -26.53 -7.35
C ALA C 45 15.87 -27.01 -7.64
N GLY C 46 16.87 -26.44 -6.95
CA GLY C 46 18.24 -26.83 -7.22
C GLY C 46 18.51 -28.29 -6.89
N PHE C 47 17.94 -28.77 -5.78
CA PHE C 47 18.18 -30.14 -5.37
C PHE C 47 17.49 -31.13 -6.31
N VAL C 48 16.20 -30.93 -6.58
CA VAL C 48 15.42 -31.91 -7.30
C VAL C 48 15.67 -31.79 -8.80
N SER C 49 15.37 -32.87 -9.52
CA SER C 49 15.54 -32.87 -10.96
C SER C 49 14.53 -31.94 -11.63
N GLN C 50 13.27 -32.07 -11.27
CA GLN C 50 12.20 -31.22 -11.83
C GLN C 50 11.41 -30.63 -10.68
N ALA C 51 11.19 -29.32 -10.72
CA ALA C 51 10.41 -28.61 -9.72
C ALA C 51 9.24 -27.94 -10.41
N ILE C 52 8.02 -28.17 -9.90
CA ILE C 52 6.80 -27.67 -10.50
C ILE C 52 5.98 -26.96 -9.44
N VAL C 53 5.47 -25.78 -9.77
CA VAL C 53 4.49 -25.08 -8.95
C VAL C 53 3.11 -25.50 -9.43
N ALA C 54 2.41 -26.26 -8.60
CA ALA C 54 1.10 -26.79 -8.99
C ALA C 54 0.24 -26.95 -7.75
N ASN C 55 -1.06 -27.03 -7.98
CA ASN C 55 -2.04 -27.27 -6.92
C ASN C 55 -2.54 -28.70 -7.06
N CYS C 56 -2.13 -29.56 -6.13
CA CYS C 56 -2.54 -30.96 -6.18
C CYS C 56 -3.93 -31.18 -5.61
N THR C 57 -4.57 -30.12 -5.11
CA THR C 57 -5.98 -30.15 -4.80
C THR C 57 -6.84 -30.29 -6.05
N HIS C 58 -6.32 -29.88 -7.21
CA HIS C 58 -7.10 -29.83 -8.43
C HIS C 58 -6.92 -31.13 -9.20
N GLU C 59 -8.04 -31.75 -9.58
CA GLU C 59 -7.99 -33.08 -10.20
C GLU C 59 -7.30 -33.05 -11.55
N GLU C 60 -7.61 -32.05 -12.38
CA GLU C 60 -7.05 -32.02 -13.74
C GLU C 60 -5.55 -31.82 -13.72
N THR C 61 -5.04 -31.00 -12.79
CA THR C 61 -3.60 -30.83 -12.67
C THR C 61 -2.92 -32.14 -12.29
N VAL C 62 -3.52 -32.89 -11.35
CA VAL C 62 -2.96 -34.17 -10.95
C VAL C 62 -3.01 -35.17 -12.10
N ALA C 63 -4.07 -35.13 -12.92
CA ALA C 63 -4.12 -35.99 -14.09
C ALA C 63 -3.04 -35.63 -15.10
N GLU C 64 -2.84 -34.32 -15.33
CA GLU C 64 -1.83 -33.90 -16.31
C GLU C 64 -0.42 -34.27 -15.84
N LEU C 65 -0.11 -34.04 -14.57
CA LEU C 65 1.15 -34.50 -14.01
C LEU C 65 1.05 -35.99 -13.75
N LYS C 66 1.66 -36.80 -14.61
CA LYS C 66 1.42 -38.24 -14.61
C LYS C 66 2.08 -38.83 -13.37
N LEU C 67 1.34 -38.80 -12.26
CA LEU C 67 1.79 -39.39 -11.01
C LEU C 67 1.59 -40.90 -10.97
N ASP C 68 0.83 -41.46 -11.92
CA ASP C 68 0.56 -42.89 -11.93
C ASP C 68 1.75 -43.73 -12.38
N ASP C 69 2.74 -43.14 -13.03
CA ASP C 69 3.91 -43.90 -13.44
C ASP C 69 5.05 -43.82 -12.43
N TYR C 70 5.04 -42.80 -11.57
CA TYR C 70 6.03 -42.73 -10.50
C TYR C 70 5.87 -43.91 -9.55
N ASP C 71 7.02 -44.43 -9.10
CA ASP C 71 7.01 -45.61 -8.25
C ASP C 71 6.29 -45.33 -6.93
N MET C 72 6.51 -44.17 -6.34
CA MET C 72 5.93 -43.84 -5.06
C MET C 72 5.72 -42.33 -4.96
N VAL C 73 4.61 -41.93 -4.35
CA VAL C 73 4.19 -40.53 -4.30
C VAL C 73 4.06 -40.13 -2.83
N MET C 74 4.71 -39.03 -2.46
CA MET C 74 4.67 -38.51 -1.10
C MET C 74 3.78 -37.27 -1.04
N ILE C 75 2.81 -37.29 -0.14
CA ILE C 75 1.96 -36.14 0.15
C ILE C 75 2.39 -35.58 1.50
N ALA C 76 3.07 -34.43 1.50
CA ALA C 76 3.71 -33.89 2.68
C ALA C 76 3.13 -32.52 3.04
N ILE C 77 1.82 -32.36 2.95
CA ILE C 77 1.15 -31.17 3.43
C ILE C 77 0.76 -31.37 4.88
N GLY C 78 1.18 -30.45 5.74
CA GLY C 78 0.94 -30.59 7.17
C GLY C 78 -0.06 -29.62 7.75
N ALA C 79 -0.08 -28.38 7.24
CA ALA C 79 -0.92 -27.35 7.84
C ALA C 79 -2.39 -27.63 7.63
N ASP C 80 -2.78 -28.00 6.41
CA ASP C 80 -4.19 -28.17 6.05
C ASP C 80 -4.53 -29.65 6.07
N VAL C 81 -5.39 -30.05 7.00
CA VAL C 81 -5.81 -31.44 7.08
C VAL C 81 -6.70 -31.81 5.89
N ASN C 82 -7.64 -30.93 5.54
CA ASN C 82 -8.53 -31.21 4.42
C ASN C 82 -7.77 -31.29 3.10
N ALA C 83 -6.80 -30.39 2.91
CA ALA C 83 -6.00 -30.44 1.68
C ALA C 83 -5.22 -31.73 1.58
N SER C 84 -4.63 -32.19 2.69
CA SER C 84 -3.88 -33.44 2.66
C SER C 84 -4.78 -34.63 2.39
N ILE C 85 -5.94 -34.70 3.05
CA ILE C 85 -6.86 -35.80 2.83
C ILE C 85 -7.33 -35.83 1.38
N LEU C 86 -7.69 -34.65 0.84
CA LEU C 86 -8.16 -34.58 -0.53
C LEU C 86 -7.06 -34.92 -1.53
N ALA C 87 -5.82 -34.48 -1.28
CA ALA C 87 -4.73 -34.82 -2.17
C ALA C 87 -4.47 -36.33 -2.16
N THR C 88 -4.49 -36.95 -0.99
CA THR C 88 -4.34 -38.40 -0.92
C THR C 88 -5.45 -39.12 -1.67
N LEU C 89 -6.70 -38.67 -1.49
CA LEU C 89 -7.81 -39.38 -2.08
C LEU C 89 -7.83 -39.21 -3.60
N ILE C 90 -7.47 -38.02 -4.08
CA ILE C 90 -7.36 -37.80 -5.53
C ILE C 90 -6.21 -38.61 -6.11
N ALA C 91 -5.08 -38.71 -5.39
CA ALA C 91 -3.97 -39.51 -5.87
C ALA C 91 -4.35 -40.98 -5.96
N LYS C 92 -5.09 -41.48 -4.97
CA LYS C 92 -5.56 -42.86 -5.03
C LYS C 92 -6.54 -43.05 -6.18
N GLU C 93 -7.41 -42.07 -6.42
CA GLU C 93 -8.34 -42.15 -7.55
C GLU C 93 -7.60 -42.17 -8.88
N ALA C 94 -6.49 -41.43 -8.97
CA ALA C 94 -5.76 -41.31 -10.22
C ALA C 94 -4.97 -42.56 -10.58
N GLY C 95 -4.81 -43.50 -9.66
CA GLY C 95 -4.13 -44.74 -9.93
C GLY C 95 -2.72 -44.86 -9.39
N VAL C 96 -2.36 -44.07 -8.39
CA VAL C 96 -1.02 -44.18 -7.80
C VAL C 96 -0.97 -45.45 -6.96
N LYS C 97 0.05 -46.28 -7.20
CA LYS C 97 0.13 -47.56 -6.51
C LYS C 97 0.49 -47.40 -5.04
N SER C 98 1.47 -46.55 -4.74
CA SER C 98 1.94 -46.35 -3.37
C SER C 98 1.85 -44.87 -3.03
N VAL C 99 1.09 -44.56 -1.98
CA VAL C 99 0.93 -43.19 -1.50
C VAL C 99 1.33 -43.16 -0.03
N TRP C 100 2.34 -42.36 0.30
CA TRP C 100 2.75 -42.10 1.67
C TRP C 100 2.30 -40.69 2.03
N VAL C 101 1.66 -40.55 3.20
CA VAL C 101 1.08 -39.29 3.64
C VAL C 101 1.69 -38.88 4.96
N LYS C 102 2.09 -37.62 5.06
CA LYS C 102 2.59 -37.04 6.30
C LYS C 102 1.42 -36.43 7.06
N ALA C 103 1.11 -36.99 8.22
CA ALA C 103 -0.04 -36.57 9.02
C ALA C 103 0.44 -35.92 10.31
N ASN C 104 -0.26 -34.86 10.72
CA ASN C 104 0.13 -34.11 11.91
C ASN C 104 -0.66 -34.51 13.14
N ASP C 105 -1.86 -35.05 12.98
CA ASP C 105 -2.73 -35.36 14.11
C ASP C 105 -3.17 -36.81 14.04
N ARG C 106 -3.50 -37.35 15.21
CA ARG C 106 -3.95 -38.74 15.28
C ARG C 106 -5.28 -38.94 14.57
N PHE C 107 -6.18 -37.94 14.67
CA PHE C 107 -7.44 -38.01 13.94
C PHE C 107 -7.20 -38.01 12.44
N GLN C 108 -6.28 -37.16 11.96
CA GLN C 108 -5.92 -37.16 10.55
C GLN C 108 -5.33 -38.49 10.13
N ALA C 109 -4.45 -39.06 10.95
CA ALA C 109 -3.87 -40.36 10.63
C ALA C 109 -4.94 -41.43 10.54
N ARG C 110 -5.90 -41.40 11.46
CA ARG C 110 -7.00 -42.37 11.43
C ARG C 110 -7.83 -42.22 10.17
N VAL C 111 -8.16 -40.98 9.80
CA VAL C 111 -8.94 -40.76 8.58
C VAL C 111 -8.18 -41.24 7.35
N LEU C 112 -6.88 -40.94 7.28
CA LEU C 112 -6.10 -41.36 6.13
C LEU C 112 -5.97 -42.88 6.06
N GLN C 113 -5.83 -43.53 7.21
CA GLN C 113 -5.80 -44.99 7.23
C GLN C 113 -7.12 -45.58 6.75
N LYS C 114 -8.24 -44.95 7.14
CA LYS C 114 -9.54 -45.39 6.65
C LYS C 114 -9.67 -45.18 5.14
N ILE C 115 -9.09 -44.10 4.62
CA ILE C 115 -9.17 -43.82 3.20
C ILE C 115 -8.49 -44.91 2.38
N GLY C 116 -7.29 -45.32 2.78
CA GLY C 116 -6.58 -46.36 2.06
C GLY C 116 -5.14 -46.01 1.74
N ALA C 117 -4.62 -44.95 2.38
CA ALA C 117 -3.23 -44.60 2.22
C ALA C 117 -2.33 -45.72 2.72
N ASP C 118 -1.30 -46.05 1.92
CA ASP C 118 -0.46 -47.20 2.23
C ASP C 118 0.37 -46.97 3.49
N HIS C 119 1.06 -45.83 3.57
CA HIS C 119 1.93 -45.54 4.71
C HIS C 119 1.53 -44.19 5.31
N ILE C 120 1.47 -44.16 6.64
CA ILE C 120 1.15 -42.94 7.39
C ILE C 120 2.35 -42.61 8.27
N ILE C 121 2.83 -41.38 8.17
CA ILE C 121 4.02 -40.93 8.90
C ILE C 121 3.59 -39.87 9.90
N MET C 122 3.84 -40.13 11.17
CA MET C 122 3.61 -39.15 12.24
C MET C 122 4.96 -38.61 12.69
N PRO C 123 5.29 -37.34 12.38
CA PRO C 123 6.67 -36.89 12.57
C PRO C 123 7.13 -36.89 14.01
N GLU C 124 6.45 -36.16 14.90
CA GLU C 124 6.94 -36.05 16.27
C GLU C 124 6.68 -37.33 17.06
N ARG C 125 5.65 -38.09 16.68
CA ARG C 125 5.36 -39.33 17.36
C ARG C 125 6.44 -40.38 17.11
N ASP C 126 6.81 -40.58 15.83
CA ASP C 126 7.86 -41.53 15.50
C ASP C 126 9.18 -41.15 16.16
N MET C 127 9.55 -39.87 16.09
CA MET C 127 10.60 -39.37 16.97
C MET C 127 10.31 -39.61 18.44
N GLY C 128 9.05 -39.60 18.87
CA GLY C 128 8.78 -39.95 20.26
C GLY C 128 9.31 -41.32 20.61
N ILE C 129 8.87 -42.34 19.88
CA ILE C 129 9.35 -43.71 20.14
C ILE C 129 10.86 -43.81 19.93
N ARG C 130 11.33 -43.24 18.82
CA ARG C 130 12.77 -43.36 18.47
C ARG C 130 13.63 -42.79 19.61
N VAL C 131 13.42 -41.52 19.93
CA VAL C 131 14.27 -40.89 20.94
C VAL C 131 14.11 -41.60 22.27
N ALA C 132 12.90 -42.10 22.58
CA ALA C 132 12.75 -42.88 23.81
C ALA C 132 13.64 -44.10 23.78
N ARG C 133 13.67 -44.83 22.66
CA ARG C 133 14.52 -46.01 22.54
C ARG C 133 15.99 -45.63 22.62
N LYS C 134 16.36 -44.48 22.05
CA LYS C 134 17.75 -44.04 22.11
C LYS C 134 18.16 -43.70 23.53
N MET C 135 17.28 -43.07 24.31
CA MET C 135 17.55 -42.85 25.72
C MET C 135 17.67 -44.16 26.48
N LEU C 136 16.79 -45.12 26.17
CA LEU C 136 16.81 -46.39 26.88
C LEU C 136 18.11 -47.15 26.63
N ASP C 137 18.57 -47.18 25.39
CA ASP C 137 19.77 -47.92 25.05
C ASP C 137 20.76 -47.04 24.29
N LYS D 6 -40.52 -45.09 10.12
CA LYS D 6 -39.65 -43.94 9.99
C LYS D 6 -38.78 -43.77 11.23
N GLN D 7 -37.61 -44.41 11.21
CA GLN D 7 -36.68 -44.39 12.33
C GLN D 7 -35.41 -43.66 11.90
N PHE D 8 -34.98 -42.72 12.73
CA PHE D 8 -33.91 -41.78 12.36
C PHE D 8 -32.92 -41.62 13.48
N ALA D 9 -31.71 -41.18 13.13
CA ALA D 9 -30.65 -40.90 14.09
C ALA D 9 -29.98 -39.58 13.71
N VAL D 10 -29.63 -38.78 14.72
CA VAL D 10 -28.96 -37.50 14.51
C VAL D 10 -27.68 -37.50 15.33
N ILE D 11 -26.57 -37.15 14.68
CA ILE D 11 -25.25 -37.15 15.32
C ILE D 11 -24.81 -35.70 15.43
N GLY D 12 -24.55 -35.23 16.65
CA GLY D 12 -24.19 -33.84 16.84
C GLY D 12 -25.41 -32.98 17.09
N LEU D 13 -25.42 -32.23 18.20
CA LEU D 13 -26.62 -31.51 18.61
C LEU D 13 -26.39 -30.01 18.66
N GLY D 14 -25.75 -29.46 17.63
CA GLY D 14 -25.63 -28.02 17.48
C GLY D 14 -26.95 -27.41 17.07
N ARG D 15 -26.88 -26.17 16.56
CA ARG D 15 -28.09 -25.47 16.14
C ARG D 15 -28.82 -26.27 15.06
N PHE D 16 -28.08 -26.71 14.03
CA PHE D 16 -28.69 -27.48 12.95
C PHE D 16 -29.23 -28.81 13.47
N GLY D 17 -28.46 -29.47 14.34
CA GLY D 17 -28.91 -30.73 14.90
C GLY D 17 -30.14 -30.59 15.77
N LEU D 18 -30.16 -29.56 16.62
CA LEU D 18 -31.34 -29.31 17.45
C LEU D 18 -32.56 -29.00 16.60
N ALA D 19 -32.38 -28.20 15.54
CA ALA D 19 -33.50 -27.90 14.65
C ALA D 19 -34.02 -29.16 13.98
N VAL D 20 -33.11 -30.02 13.49
CA VAL D 20 -33.53 -31.27 12.86
C VAL D 20 -34.29 -32.14 13.85
N CYS D 21 -33.76 -32.29 15.06
CA CYS D 21 -34.42 -33.09 16.08
C CYS D 21 -35.79 -32.53 16.42
N LYS D 22 -35.89 -31.22 16.57
CA LYS D 22 -37.16 -30.58 16.89
C LYS D 22 -38.21 -30.86 15.82
N GLU D 23 -37.88 -30.56 14.56
CA GLU D 23 -38.86 -30.75 13.49
C GLU D 23 -39.20 -32.23 13.31
N LEU D 24 -38.22 -33.11 13.49
CA LEU D 24 -38.45 -34.52 13.23
C LEU D 24 -39.26 -35.17 14.34
N GLN D 25 -39.09 -34.71 15.58
CA GLN D 25 -39.97 -35.11 16.66
C GLN D 25 -41.38 -34.56 16.45
N ASP D 26 -41.48 -33.31 15.99
CA ASP D 26 -42.80 -32.75 15.70
C ASP D 26 -43.52 -33.55 14.62
N SER D 27 -42.77 -34.07 13.65
CA SER D 27 -43.38 -34.91 12.61
C SER D 27 -43.92 -36.22 13.17
N GLY D 28 -43.45 -36.65 14.35
CA GLY D 28 -43.96 -37.86 14.96
C GLY D 28 -43.18 -39.11 14.61
N SER D 29 -41.86 -39.08 14.80
CA SER D 29 -41.02 -40.24 14.52
C SER D 29 -40.04 -40.43 15.68
N GLN D 30 -39.68 -41.68 15.91
CA GLN D 30 -38.73 -42.03 16.97
C GLN D 30 -37.31 -41.74 16.49
N VAL D 31 -36.55 -41.01 17.30
CA VAL D 31 -35.19 -40.57 16.92
C VAL D 31 -34.24 -40.93 18.05
N LEU D 32 -32.97 -41.08 17.73
CA LEU D 32 -31.91 -41.19 18.73
C LEU D 32 -30.88 -40.10 18.43
N ALA D 33 -30.54 -39.32 19.45
CA ALA D 33 -29.62 -38.20 19.30
C ALA D 33 -28.33 -38.49 20.07
N VAL D 34 -27.20 -38.26 19.42
CA VAL D 34 -25.89 -38.44 20.04
C VAL D 34 -25.16 -37.10 20.02
N ASP D 35 -24.54 -36.76 21.15
CA ASP D 35 -23.76 -35.53 21.26
C ASP D 35 -22.69 -35.73 22.32
N ILE D 36 -21.53 -35.12 22.09
CA ILE D 36 -20.40 -35.32 22.99
C ILE D 36 -20.55 -34.46 24.24
N ASN D 37 -21.29 -33.37 24.15
CA ASN D 37 -21.47 -32.45 25.27
C ASN D 37 -22.77 -32.80 25.98
N GLU D 38 -22.70 -32.94 27.31
CA GLU D 38 -23.83 -33.46 28.07
C GLU D 38 -24.96 -32.44 28.18
N ASP D 39 -24.62 -31.14 28.26
CA ASP D 39 -25.64 -30.12 28.48
C ASP D 39 -26.63 -30.06 27.33
N ARG D 40 -26.14 -30.15 26.09
CA ARG D 40 -27.03 -30.12 24.94
C ARG D 40 -27.89 -31.37 24.86
N VAL D 41 -27.33 -32.50 25.31
CA VAL D 41 -28.13 -33.73 25.41
C VAL D 41 -29.26 -33.54 26.42
N LYS D 42 -28.97 -32.91 27.55
CA LYS D 42 -30.03 -32.62 28.53
C LYS D 42 -31.07 -31.67 27.95
N GLU D 43 -30.62 -30.67 27.19
CA GLU D 43 -31.55 -29.74 26.57
C GLU D 43 -32.48 -30.43 25.58
N ALA D 44 -31.95 -31.35 24.78
CA ALA D 44 -32.73 -32.01 23.75
C ALA D 44 -33.44 -33.27 24.25
N ALA D 45 -33.18 -33.72 25.47
CA ALA D 45 -33.78 -34.95 25.97
C ALA D 45 -35.30 -34.83 26.05
N GLY D 46 -35.80 -33.67 26.46
CA GLY D 46 -37.25 -33.50 26.57
C GLY D 46 -37.96 -33.65 25.23
N PHE D 47 -37.30 -33.25 24.15
CA PHE D 47 -37.94 -33.31 22.84
C PHE D 47 -37.72 -34.65 22.16
N VAL D 48 -36.48 -35.13 22.12
CA VAL D 48 -36.15 -36.33 21.36
C VAL D 48 -36.65 -37.56 22.10
N SER D 49 -36.80 -38.66 21.36
CA SER D 49 -37.23 -39.91 21.96
C SER D 49 -36.15 -40.50 22.87
N GLN D 50 -34.91 -40.54 22.37
CA GLN D 50 -33.80 -41.08 23.13
C GLN D 50 -32.55 -40.26 22.82
N ALA D 51 -31.83 -39.88 23.87
CA ALA D 51 -30.61 -39.09 23.74
C ALA D 51 -29.51 -39.72 24.60
N ILE D 52 -28.40 -40.08 23.96
CA ILE D 52 -27.28 -40.72 24.63
C ILE D 52 -26.03 -39.89 24.39
N VAL D 53 -25.29 -39.61 25.46
CA VAL D 53 -24.03 -38.87 25.38
C VAL D 53 -22.96 -39.86 24.95
N ALA D 54 -22.40 -39.66 23.76
CA ALA D 54 -21.39 -40.55 23.24
C ALA D 54 -20.58 -39.84 22.16
N ASN D 55 -19.44 -40.42 21.82
CA ASN D 55 -18.57 -39.92 20.76
C ASN D 55 -18.67 -40.86 19.57
N CYS D 56 -19.02 -40.32 18.41
CA CYS D 56 -19.19 -41.12 17.20
C CYS D 56 -17.92 -41.22 16.36
N THR D 57 -16.83 -40.62 16.83
CA THR D 57 -15.51 -40.90 16.27
C THR D 57 -14.83 -42.05 16.99
N HIS D 58 -15.53 -42.72 17.90
CA HIS D 58 -15.03 -43.87 18.64
C HIS D 58 -15.78 -45.10 18.14
N GLU D 59 -15.06 -46.00 17.46
CA GLU D 59 -15.71 -46.98 16.59
C GLU D 59 -16.56 -47.99 17.39
N GLU D 60 -16.04 -48.46 18.52
CA GLU D 60 -16.80 -49.46 19.28
C GLU D 60 -18.05 -48.84 19.90
N THR D 61 -18.01 -47.54 20.23
CA THR D 61 -19.21 -46.86 20.68
C THR D 61 -20.28 -46.85 19.59
N VAL D 62 -19.86 -46.59 18.34
CA VAL D 62 -20.80 -46.60 17.23
C VAL D 62 -21.36 -48.01 17.02
N ALA D 63 -20.49 -49.03 17.15
CA ALA D 63 -20.95 -50.41 17.02
C ALA D 63 -21.98 -50.75 18.09
N GLU D 64 -21.75 -50.27 19.32
CA GLU D 64 -22.74 -50.46 20.38
C GLU D 64 -24.04 -49.74 20.06
N LEU D 65 -23.96 -48.54 19.47
CA LEU D 65 -25.16 -47.77 19.15
C LEU D 65 -26.04 -48.44 18.11
N LYS D 66 -25.49 -49.34 17.29
CA LYS D 66 -26.25 -50.05 16.26
C LYS D 66 -26.93 -49.07 15.30
N LEU D 67 -26.10 -48.26 14.62
CA LEU D 67 -26.61 -47.28 13.69
C LEU D 67 -27.17 -47.87 12.41
N ASP D 68 -26.88 -49.15 12.13
CA ASP D 68 -27.35 -49.74 10.88
C ASP D 68 -28.85 -50.03 10.90
N ASP D 69 -29.48 -50.00 12.08
CA ASP D 69 -30.93 -50.15 12.15
C ASP D 69 -31.64 -48.97 11.54
N TYR D 70 -31.06 -47.78 11.66
CA TYR D 70 -31.75 -46.55 11.27
C TYR D 70 -31.72 -46.36 9.75
N ASP D 71 -32.83 -45.87 9.23
CA ASP D 71 -32.94 -45.67 7.78
C ASP D 71 -32.05 -44.51 7.32
N MET D 72 -32.07 -43.41 8.05
CA MET D 72 -31.27 -42.23 7.73
C MET D 72 -30.56 -41.76 8.98
N VAL D 73 -29.35 -41.23 8.80
CA VAL D 73 -28.56 -40.69 9.90
C VAL D 73 -28.10 -39.28 9.53
N MET D 74 -28.17 -38.38 10.51
CA MET D 74 -27.63 -37.02 10.39
C MET D 74 -26.31 -36.94 11.14
N ILE D 75 -25.25 -36.56 10.43
CA ILE D 75 -24.01 -36.14 11.08
C ILE D 75 -23.93 -34.62 10.94
N ALA D 76 -24.02 -33.92 12.06
CA ALA D 76 -24.11 -32.47 12.08
C ALA D 76 -23.01 -31.87 12.94
N ILE D 77 -21.78 -32.33 12.75
CA ILE D 77 -20.62 -31.78 13.45
C ILE D 77 -20.03 -30.68 12.58
N GLY D 78 -20.01 -29.46 13.09
CA GLY D 78 -19.57 -28.32 12.32
C GLY D 78 -18.19 -27.78 12.67
N ALA D 79 -17.87 -27.75 13.97
CA ALA D 79 -16.61 -27.14 14.40
C ALA D 79 -15.41 -27.93 13.90
N ASP D 80 -15.40 -29.24 14.13
CA ASP D 80 -14.28 -30.09 13.75
C ASP D 80 -14.62 -30.77 12.43
N VAL D 81 -13.99 -30.31 11.35
CA VAL D 81 -14.17 -30.95 10.05
C VAL D 81 -13.64 -32.38 10.08
N ASN D 82 -12.48 -32.58 10.71
CA ASN D 82 -11.89 -33.91 10.81
C ASN D 82 -12.83 -34.89 11.49
N ALA D 83 -13.47 -34.46 12.58
CA ALA D 83 -14.44 -35.30 13.26
C ALA D 83 -15.61 -35.63 12.35
N SER D 84 -16.07 -34.67 11.55
CA SER D 84 -17.18 -34.93 10.63
C SER D 84 -16.80 -35.98 9.60
N ILE D 85 -15.62 -35.86 8.98
CA ILE D 85 -15.19 -36.84 8.00
C ILE D 85 -15.05 -38.21 8.63
N LEU D 86 -14.43 -38.28 9.81
CA LEU D 86 -14.24 -39.57 10.46
C LEU D 86 -15.57 -40.20 10.85
N ALA D 87 -16.51 -39.41 11.36
CA ALA D 87 -17.83 -39.93 11.69
C ALA D 87 -18.55 -40.44 10.45
N THR D 88 -18.42 -39.72 9.33
CA THR D 88 -18.99 -40.21 8.08
C THR D 88 -18.39 -41.55 7.67
N LEU D 89 -17.07 -41.69 7.80
CA LEU D 89 -16.42 -42.94 7.43
C LEU D 89 -16.91 -44.09 8.31
N ILE D 90 -16.99 -43.87 9.63
CA ILE D 90 -17.44 -44.94 10.52
C ILE D 90 -18.90 -45.29 10.24
N ALA D 91 -19.74 -44.28 9.99
CA ALA D 91 -21.14 -44.56 9.68
C ALA D 91 -21.28 -45.37 8.40
N LYS D 92 -20.48 -45.03 7.38
CA LYS D 92 -20.53 -45.78 6.14
C LYS D 92 -20.03 -47.21 6.33
N GLU D 93 -18.97 -47.38 7.13
CA GLU D 93 -18.42 -48.72 7.36
C GLU D 93 -19.36 -49.59 8.16
N ALA D 94 -20.11 -48.98 9.10
CA ALA D 94 -21.01 -49.76 9.94
C ALA D 94 -22.14 -50.39 9.13
N GLY D 95 -22.43 -49.85 7.96
CA GLY D 95 -23.47 -50.37 7.11
C GLY D 95 -24.73 -49.52 7.01
N VAL D 96 -24.65 -48.22 7.27
CA VAL D 96 -25.83 -47.36 7.18
C VAL D 96 -26.22 -47.21 5.71
N LYS D 97 -27.49 -47.48 5.41
CA LYS D 97 -27.96 -47.44 4.03
C LYS D 97 -27.86 -46.04 3.44
N SER D 98 -28.23 -45.02 4.22
CA SER D 98 -28.25 -43.63 3.73
C SER D 98 -27.69 -42.73 4.81
N VAL D 99 -26.64 -41.98 4.48
CA VAL D 99 -25.98 -41.07 5.40
C VAL D 99 -26.11 -39.65 4.86
N TRP D 100 -26.52 -38.73 5.72
CA TRP D 100 -26.58 -37.31 5.40
C TRP D 100 -25.64 -36.57 6.34
N VAL D 101 -24.78 -35.73 5.79
CA VAL D 101 -23.75 -35.03 6.55
C VAL D 101 -23.78 -33.55 6.20
N LYS D 102 -23.57 -32.71 7.20
CA LYS D 102 -23.52 -31.26 7.02
C LYS D 102 -22.09 -30.80 6.78
N ALA D 103 -21.90 -29.93 5.80
CA ALA D 103 -20.60 -29.39 5.46
C ALA D 103 -20.62 -27.86 5.54
N ASN D 104 -19.57 -27.29 6.13
CA ASN D 104 -19.48 -25.84 6.26
C ASN D 104 -18.73 -25.19 5.12
N ASP D 105 -17.82 -25.90 4.46
CA ASP D 105 -16.98 -25.34 3.42
C ASP D 105 -17.02 -26.24 2.19
N ARG D 106 -16.68 -25.65 1.03
CA ARG D 106 -16.76 -26.40 -0.21
C ARG D 106 -15.69 -27.50 -0.28
N PHE D 107 -14.54 -27.27 0.35
CA PHE D 107 -13.52 -28.31 0.39
C PHE D 107 -13.99 -29.51 1.20
N GLN D 108 -14.60 -29.26 2.37
CA GLN D 108 -15.15 -30.36 3.16
C GLN D 108 -16.27 -31.06 2.41
N ALA D 109 -17.11 -30.29 1.71
CA ALA D 109 -18.18 -30.90 0.92
C ALA D 109 -17.62 -31.79 -0.18
N ARG D 110 -16.54 -31.35 -0.83
CA ARG D 110 -15.94 -32.13 -1.90
C ARG D 110 -15.31 -33.41 -1.35
N VAL D 111 -14.62 -33.30 -0.21
CA VAL D 111 -14.08 -34.49 0.44
C VAL D 111 -15.20 -35.46 0.78
N LEU D 112 -16.28 -34.94 1.38
CA LEU D 112 -17.37 -35.79 1.85
C LEU D 112 -18.07 -36.48 0.68
N GLN D 113 -18.25 -35.76 -0.43
CA GLN D 113 -18.83 -36.38 -1.62
C GLN D 113 -17.91 -37.45 -2.18
N LYS D 114 -16.60 -37.19 -2.21
CA LYS D 114 -15.69 -38.13 -2.85
C LYS D 114 -15.49 -39.38 -1.99
N ILE D 115 -15.65 -39.26 -0.68
CA ILE D 115 -15.56 -40.46 0.17
C ILE D 115 -16.84 -41.29 0.12
N GLY D 116 -17.97 -40.69 -0.26
CA GLY D 116 -19.17 -41.48 -0.46
C GLY D 116 -20.40 -41.06 0.33
N ALA D 117 -20.44 -39.82 0.80
CA ALA D 117 -21.63 -39.32 1.47
C ALA D 117 -22.77 -39.18 0.47
N ASP D 118 -23.96 -39.63 0.88
CA ASP D 118 -25.09 -39.66 -0.04
C ASP D 118 -25.61 -38.26 -0.32
N HIS D 119 -25.81 -37.45 0.71
CA HIS D 119 -26.29 -36.08 0.55
C HIS D 119 -25.41 -35.13 1.33
N ILE D 120 -25.12 -33.97 0.74
CA ILE D 120 -24.29 -32.94 1.36
C ILE D 120 -25.16 -31.72 1.60
N ILE D 121 -25.22 -31.27 2.85
CA ILE D 121 -26.01 -30.11 3.24
C ILE D 121 -25.05 -28.98 3.59
N MET D 122 -25.15 -27.88 2.84
CA MET D 122 -24.40 -26.66 3.14
C MET D 122 -25.39 -25.58 3.53
N PRO D 123 -25.56 -25.28 4.81
CA PRO D 123 -26.68 -24.43 5.23
C PRO D 123 -26.69 -23.04 4.64
N GLU D 124 -25.52 -22.41 4.51
CA GLU D 124 -25.47 -21.02 4.06
C GLU D 124 -25.85 -20.90 2.59
N ARG D 125 -25.32 -21.78 1.74
CA ARG D 125 -25.59 -21.67 0.31
C ARG D 125 -27.04 -22.02 -0.01
N ASP D 126 -27.53 -23.15 0.53
CA ASP D 126 -28.90 -23.57 0.23
C ASP D 126 -29.91 -22.54 0.71
N MET D 127 -29.73 -22.01 1.93
CA MET D 127 -30.50 -20.87 2.36
C MET D 127 -30.32 -19.68 1.43
N GLY D 128 -29.13 -19.51 0.87
CA GLY D 128 -28.93 -18.43 -0.09
C GLY D 128 -29.87 -18.52 -1.27
N ILE D 129 -29.83 -19.66 -1.98
CA ILE D 129 -30.72 -19.84 -3.14
C ILE D 129 -32.18 -19.74 -2.73
N ARG D 130 -32.56 -20.37 -1.61
CA ARG D 130 -33.98 -20.44 -1.31
C ARG D 130 -34.52 -19.12 -0.77
N VAL D 131 -33.71 -18.37 -0.02
CA VAL D 131 -34.10 -17.02 0.38
C VAL D 131 -34.23 -16.12 -0.83
N ALA D 132 -33.32 -16.24 -1.80
CA ALA D 132 -33.46 -15.46 -3.02
C ALA D 132 -34.75 -15.84 -3.75
N ARG D 133 -35.05 -17.13 -3.83
CA ARG D 133 -36.28 -17.56 -4.49
C ARG D 133 -37.51 -17.03 -3.78
N LYS D 134 -37.49 -16.99 -2.44
CA LYS D 134 -38.56 -16.34 -1.70
C LYS D 134 -38.62 -14.86 -2.03
N MET D 135 -37.47 -14.23 -2.27
CA MET D 135 -37.44 -12.82 -2.66
C MET D 135 -38.16 -12.60 -4.00
N LEU D 136 -37.94 -13.50 -4.96
CA LEU D 136 -38.62 -13.35 -6.25
C LEU D 136 -40.14 -13.37 -6.08
N ASP D 137 -40.66 -14.32 -5.33
CA ASP D 137 -42.09 -14.44 -5.14
C ASP D 137 -42.47 -14.40 -3.66
N ARG E 7 -7.22 -27.42 -17.96
CA ARG E 7 -6.63 -28.67 -17.50
C ARG E 7 -5.58 -28.42 -16.41
N GLY E 8 -4.35 -28.88 -16.66
CA GLY E 8 -3.29 -28.71 -15.70
C GLY E 8 -2.79 -27.28 -15.66
N VAL E 9 -2.89 -26.66 -14.48
CA VAL E 9 -2.43 -25.30 -14.27
C VAL E 9 -1.14 -25.39 -13.44
N PHE E 10 0.00 -25.33 -14.12
CA PHE E 10 1.28 -25.46 -13.44
C PHE E 10 2.37 -24.91 -14.35
N TYR E 11 3.55 -24.70 -13.76
CA TYR E 11 4.72 -24.26 -14.51
C TYR E 11 5.98 -24.62 -13.74
N VAL E 12 7.09 -24.64 -14.46
CA VAL E 12 8.41 -24.86 -13.87
C VAL E 12 9.07 -23.51 -13.66
N PRO E 13 9.52 -23.19 -12.44
CA PRO E 13 10.14 -21.88 -12.21
C PRO E 13 11.45 -21.72 -12.98
N ASP E 14 11.77 -20.48 -13.29
CA ASP E 14 12.98 -20.18 -14.04
C ASP E 14 14.22 -20.62 -13.28
N GLY E 15 14.25 -20.37 -11.97
CA GLY E 15 15.33 -20.80 -11.11
C GLY E 15 15.86 -19.66 -10.28
N LYS E 16 17.15 -19.77 -9.94
CA LYS E 16 17.84 -18.77 -9.12
C LYS E 16 17.14 -18.55 -7.79
N LYS E 21 14.65 -10.97 -11.68
CA LYS E 21 14.20 -9.90 -12.55
C LYS E 21 13.15 -10.46 -13.49
N GLY E 22 12.59 -9.58 -14.31
CA GLY E 22 11.66 -10.02 -15.32
C GLY E 22 12.33 -10.84 -16.41
N GLY E 23 11.69 -11.96 -16.77
CA GLY E 23 12.28 -12.86 -17.73
C GLY E 23 11.62 -12.95 -19.10
N GLU E 24 10.34 -12.59 -19.18
CA GLU E 24 9.67 -12.59 -20.48
C GLU E 24 10.26 -11.59 -21.46
N PRO E 25 10.67 -10.38 -21.06
CA PRO E 25 11.46 -9.53 -21.99
C PRO E 25 12.60 -10.25 -22.68
N ARG E 26 13.31 -11.13 -21.96
CA ARG E 26 14.34 -11.92 -22.61
C ARG E 26 13.77 -12.84 -23.68
N ILE E 27 12.62 -13.47 -23.40
CA ILE E 27 12.03 -14.37 -24.39
C ILE E 27 11.65 -13.59 -25.64
N ILE E 28 11.02 -12.43 -25.46
CA ILE E 28 10.60 -11.61 -26.59
C ILE E 28 11.81 -11.17 -27.41
N LEU E 29 12.86 -10.70 -26.73
CA LEU E 29 14.04 -10.19 -27.41
C LEU E 29 14.76 -11.29 -28.19
N LEU E 30 14.95 -12.46 -27.56
CA LEU E 30 15.64 -13.54 -28.25
C LEU E 30 14.79 -14.10 -29.39
N SER E 31 13.47 -14.17 -29.21
CA SER E 31 12.61 -14.60 -30.32
C SER E 31 12.74 -13.66 -31.51
N PHE E 32 12.68 -12.35 -31.25
CA PHE E 32 12.76 -11.38 -32.34
C PHE E 32 14.11 -11.46 -33.04
N LEU E 33 15.20 -11.54 -32.27
CA LEU E 33 16.52 -11.61 -32.89
C LEU E 33 16.72 -12.91 -33.66
N GLY E 34 16.26 -14.03 -33.09
CA GLY E 34 16.48 -15.32 -33.72
C GLY E 34 15.56 -15.57 -34.90
N VAL E 35 14.53 -14.75 -35.07
CA VAL E 35 13.79 -14.77 -36.32
C VAL E 35 14.31 -13.73 -37.31
N LEU E 36 14.88 -12.63 -36.84
CA LEU E 36 15.38 -11.60 -37.73
C LEU E 36 16.65 -12.03 -38.44
N LEU E 37 17.61 -12.62 -37.69
CA LEU E 37 18.90 -12.95 -38.29
C LEU E 37 18.78 -13.94 -39.45
N PRO E 38 18.07 -15.08 -39.33
CA PRO E 38 17.96 -15.97 -40.50
C PRO E 38 17.29 -15.32 -41.69
N SER E 39 16.30 -14.46 -41.47
CA SER E 39 15.65 -13.76 -42.57
C SER E 39 16.63 -12.83 -43.28
N ALA E 40 17.46 -12.13 -42.50
CA ALA E 40 18.47 -11.26 -43.09
C ALA E 40 19.49 -12.06 -43.89
N VAL E 41 19.87 -13.24 -43.38
CA VAL E 41 20.78 -14.10 -44.13
C VAL E 41 20.13 -14.56 -45.44
N LEU E 42 18.85 -14.95 -45.38
CA LEU E 42 18.17 -15.46 -46.56
C LEU E 42 18.03 -14.38 -47.62
N LEU E 43 17.72 -13.14 -47.21
CA LEU E 43 17.45 -12.10 -48.19
C LEU E 43 18.68 -11.73 -49.02
N THR E 44 19.88 -12.06 -48.55
CA THR E 44 21.08 -11.80 -49.35
C THR E 44 21.15 -12.72 -50.57
N LEU E 45 20.47 -13.86 -50.50
CA LEU E 45 20.52 -14.83 -51.60
C LEU E 45 19.84 -14.23 -52.84
N PRO E 46 20.47 -14.36 -54.02
CA PRO E 46 19.88 -13.78 -55.24
C PRO E 46 18.65 -14.52 -55.74
N VAL E 47 18.24 -15.61 -55.09
CA VAL E 47 17.05 -16.33 -55.52
C VAL E 47 15.80 -15.50 -55.24
N PHE E 48 15.83 -14.70 -54.18
CA PHE E 48 14.68 -13.91 -53.77
C PHE E 48 14.63 -12.53 -54.43
N SER E 49 15.76 -11.99 -54.84
CA SER E 49 15.82 -10.66 -55.45
C SER E 49 16.31 -10.77 -56.88
N VAL E 50 15.69 -9.99 -57.77
CA VAL E 50 16.02 -10.07 -59.19
C VAL E 50 17.44 -9.57 -59.44
N SER E 51 17.88 -8.56 -58.68
CA SER E 51 19.20 -7.97 -58.86
C SER E 51 20.12 -8.16 -57.67
N GLY E 52 19.60 -8.60 -56.53
CA GLY E 52 20.43 -8.74 -55.34
C GLY E 52 20.34 -7.52 -54.45
N LEU E 53 20.51 -7.75 -53.15
CA LEU E 53 20.41 -6.71 -52.15
C LEU E 53 21.72 -6.55 -51.39
N SER E 54 22.01 -5.32 -51.01
CA SER E 54 23.12 -5.07 -50.11
C SER E 54 22.80 -5.60 -48.71
N ILE E 55 23.85 -5.81 -47.91
CA ILE E 55 23.66 -6.32 -46.57
C ILE E 55 22.80 -5.37 -45.75
N THR E 56 23.09 -4.07 -45.83
CA THR E 56 22.29 -3.08 -45.12
C THR E 56 20.85 -3.07 -45.62
N ASP E 57 20.67 -3.05 -46.95
CA ASP E 57 19.33 -3.02 -47.51
C ASP E 57 18.57 -4.31 -47.22
N ALA E 58 19.25 -5.46 -47.33
CA ALA E 58 18.59 -6.73 -47.04
C ALA E 58 18.18 -6.81 -45.57
N LEU E 59 19.04 -6.35 -44.67
CA LEU E 59 18.70 -6.42 -43.25
C LEU E 59 17.59 -5.42 -42.91
N PHE E 60 17.58 -4.27 -43.59
CA PHE E 60 16.47 -3.32 -43.43
C PHE E 60 15.16 -3.93 -43.88
N THR E 61 15.17 -4.62 -45.03
CA THR E 61 13.96 -5.28 -45.51
C THR E 61 13.52 -6.38 -44.56
N ALA E 62 14.47 -7.14 -44.01
CA ALA E 62 14.12 -8.19 -43.06
C ALA E 62 13.51 -7.58 -41.79
N THR E 63 14.08 -6.48 -41.31
CA THR E 63 13.52 -5.80 -40.13
C THR E 63 12.12 -5.29 -40.41
N SER E 64 11.90 -4.70 -41.59
CA SER E 64 10.57 -4.20 -41.93
C SER E 64 9.56 -5.34 -42.05
N ALA E 65 9.99 -6.49 -42.57
CA ALA E 65 9.08 -7.62 -42.70
C ALA E 65 8.75 -8.24 -41.35
N ILE E 66 9.77 -8.46 -40.52
CA ILE E 66 9.53 -9.09 -39.22
C ILE E 66 8.80 -8.14 -38.28
N SER E 67 9.17 -6.86 -38.29
CA SER E 67 8.46 -5.87 -37.50
C SER E 67 7.17 -5.43 -38.15
N VAL E 68 6.84 -5.96 -39.33
CA VAL E 68 5.64 -5.68 -40.13
C VAL E 68 5.43 -4.18 -40.26
N THR E 69 6.52 -3.41 -40.21
CA THR E 69 6.42 -1.97 -40.42
C THR E 69 5.99 -1.66 -41.84
N GLY E 70 6.52 -2.38 -42.82
CA GLY E 70 6.20 -2.15 -44.20
C GLY E 70 7.00 -1.08 -44.88
N LEU E 71 7.98 -0.49 -44.20
CA LEU E 71 8.83 0.51 -44.82
C LEU E 71 9.77 -0.15 -45.82
N GLY E 72 9.87 0.43 -47.00
CA GLY E 72 10.67 -0.16 -48.05
C GLY E 72 11.71 0.75 -48.65
N VAL E 73 12.98 0.38 -48.50
CA VAL E 73 14.05 1.09 -49.21
C VAL E 73 14.05 0.75 -50.69
N VAL E 74 13.41 -0.36 -51.06
CA VAL E 74 13.29 -0.78 -52.45
C VAL E 74 11.83 -1.12 -52.72
N ASP E 75 11.46 -1.07 -54.00
CA ASP E 75 10.09 -1.37 -54.38
C ASP E 75 9.79 -2.85 -54.17
N THR E 76 8.66 -3.13 -53.53
CA THR E 76 8.29 -4.52 -53.22
C THR E 76 7.92 -5.27 -54.50
N GLY E 77 7.11 -4.66 -55.35
CA GLY E 77 6.59 -5.38 -56.50
C GLY E 77 7.66 -5.73 -57.51
N GLN E 78 8.63 -4.83 -57.71
CA GLN E 78 9.59 -5.02 -58.79
C GLN E 78 10.85 -5.73 -58.32
N HIS E 79 11.49 -5.21 -57.28
CA HIS E 79 12.80 -5.70 -56.88
C HIS E 79 12.79 -7.13 -56.37
N PHE E 80 11.64 -7.64 -55.95
CA PHE E 80 11.55 -9.01 -55.46
C PHE E 80 10.93 -9.92 -56.50
N THR E 81 11.49 -11.13 -56.58
CA THR E 81 10.99 -12.17 -57.48
C THR E 81 9.81 -12.88 -56.84
N LEU E 82 9.26 -13.86 -57.56
CA LEU E 82 8.14 -14.63 -57.03
C LEU E 82 8.54 -15.37 -55.76
N ALA E 83 9.74 -15.95 -55.75
CA ALA E 83 10.24 -16.60 -54.53
C ALA E 83 10.41 -15.58 -53.41
N GLY E 84 10.94 -14.40 -53.73
CA GLY E 84 11.05 -13.36 -52.72
C GLY E 84 9.70 -12.84 -52.28
N LYS E 85 8.74 -12.75 -53.21
CA LYS E 85 7.40 -12.29 -52.85
C LYS E 85 6.73 -13.27 -51.90
N ILE E 86 6.89 -14.57 -52.12
CA ILE E 86 6.37 -15.57 -51.19
C ILE E 86 7.12 -15.48 -49.86
N LEU E 87 8.41 -15.20 -49.91
CA LEU E 87 9.18 -15.02 -48.67
C LEU E 87 8.64 -13.87 -47.85
N LEU E 88 8.26 -12.76 -48.50
CA LEU E 88 7.69 -11.64 -47.78
C LEU E 88 6.38 -12.01 -47.10
N MET E 89 5.55 -12.83 -47.77
CA MET E 89 4.31 -13.30 -47.15
C MET E 89 4.60 -14.08 -45.88
N CYS E 90 5.54 -15.02 -45.94
CA CYS E 90 5.88 -15.81 -44.77
C CYS E 90 6.47 -14.93 -43.67
N LEU E 91 7.32 -13.96 -44.03
CA LEU E 91 7.93 -13.11 -43.02
C LEU E 91 6.89 -12.25 -42.31
N MET E 92 5.90 -11.74 -43.05
CA MET E 92 4.90 -10.86 -42.42
C MET E 92 3.85 -11.66 -41.65
N GLN E 93 3.53 -12.87 -42.11
CA GLN E 93 2.88 -13.84 -41.23
C GLN E 93 3.63 -14.03 -39.93
N ILE E 94 4.94 -14.32 -40.02
CA ILE E 94 5.70 -14.54 -38.80
C ILE E 94 5.63 -13.32 -37.90
N GLY E 95 5.93 -12.15 -38.44
CA GLY E 95 5.84 -10.92 -37.65
C GLY E 95 4.51 -10.78 -36.95
N GLY E 96 3.44 -10.56 -37.70
CA GLY E 96 2.15 -10.28 -37.09
C GLY E 96 1.60 -11.41 -36.25
N LEU E 97 1.39 -12.58 -36.88
CA LEU E 97 0.75 -13.67 -36.18
C LEU E 97 1.62 -14.21 -35.05
N GLY E 98 2.93 -14.30 -35.25
CA GLY E 98 3.81 -14.74 -34.19
C GLY E 98 3.85 -13.78 -33.02
N GLN E 99 3.81 -12.46 -33.29
CA GLN E 99 3.73 -11.52 -32.19
C GLN E 99 2.43 -11.70 -31.42
N MET E 100 1.30 -11.85 -32.13
CA MET E 100 0.03 -12.08 -31.46
C MET E 100 0.07 -13.35 -30.62
N THR E 101 0.58 -14.44 -31.18
CA THR E 101 0.60 -15.72 -30.48
C THR E 101 1.54 -15.69 -29.29
N LEU E 102 2.71 -15.06 -29.45
CA LEU E 102 3.67 -14.96 -28.35
C LEU E 102 3.11 -14.11 -27.22
N SER E 103 2.46 -13.00 -27.56
CA SER E 103 1.83 -12.18 -26.52
C SER E 103 0.73 -12.96 -25.80
N ALA E 104 -0.07 -13.73 -26.55
CA ALA E 104 -1.11 -14.53 -25.93
C ALA E 104 -0.52 -15.60 -25.01
N VAL E 105 0.56 -16.26 -25.44
CA VAL E 105 1.19 -17.30 -24.63
C VAL E 105 1.78 -16.71 -23.35
N LEU E 106 2.46 -15.57 -23.47
CA LEU E 106 3.01 -14.92 -22.29
C LEU E 106 1.91 -14.46 -21.34
N LEU E 107 0.81 -13.95 -21.89
CA LEU E 107 -0.33 -13.55 -21.04
C LEU E 107 -0.93 -14.77 -20.34
N TYR E 108 -1.03 -15.90 -21.05
CA TYR E 108 -1.55 -17.11 -20.44
C TYR E 108 -0.66 -17.58 -19.29
N MET E 109 0.66 -17.55 -19.51
CA MET E 109 1.58 -17.99 -18.46
C MET E 109 1.57 -17.03 -17.28
N PHE E 110 1.46 -15.73 -17.55
CA PHE E 110 1.33 -14.74 -16.48
C PHE E 110 0.07 -14.97 -15.67
N GLY E 111 -1.05 -15.25 -16.34
CA GLY E 111 -2.27 -15.56 -15.62
C GLY E 111 -2.16 -16.83 -14.80
N VAL E 112 -1.47 -17.83 -15.34
CA VAL E 112 -1.28 -19.08 -14.60
C VAL E 112 -0.48 -18.83 -13.33
N ARG E 113 0.61 -18.07 -13.43
CA ARG E 113 1.41 -17.77 -12.24
C ARG E 113 0.61 -16.93 -11.24
N LEU E 114 -0.17 -15.96 -11.73
CA LEU E 114 -1.03 -15.17 -10.85
C LEU E 114 -2.03 -16.06 -10.11
N SER E 115 -2.70 -16.95 -10.83
CA SER E 115 -3.69 -17.82 -10.22
C SER E 115 -3.06 -18.75 -9.19
N LEU E 116 -1.89 -19.30 -9.50
CA LEU E 116 -1.24 -20.19 -8.55
C LEU E 116 -0.79 -19.45 -7.30
N ARG E 117 -0.28 -18.22 -7.46
CA ARG E 117 0.12 -17.47 -6.27
C ARG E 117 -1.10 -17.05 -5.45
N GLN E 118 -2.21 -16.74 -6.12
CA GLN E 118 -3.44 -16.45 -5.39
C GLN E 118 -3.92 -17.65 -4.62
N GLN E 119 -3.87 -18.85 -5.22
CA GLN E 119 -4.24 -20.06 -4.52
C GLN E 119 -3.33 -20.32 -3.33
N ALA E 120 -2.02 -20.12 -3.50
CA ALA E 120 -1.08 -20.33 -2.41
C ALA E 120 -1.34 -19.37 -1.26
N LEU E 121 -1.60 -18.09 -1.57
CA LEU E 121 -1.88 -17.13 -0.51
C LEU E 121 -3.18 -17.46 0.22
N ALA E 122 -4.20 -17.87 -0.52
CA ALA E 122 -5.48 -18.20 0.09
C ALA E 122 -6.16 -19.34 -0.68
N VAL E 132 -9.54 -23.35 -20.73
CA VAL E 132 -8.82 -23.63 -21.97
C VAL E 132 -7.32 -23.67 -21.72
N ASN E 133 -6.66 -24.66 -22.30
CA ASN E 133 -5.21 -24.78 -22.14
C ASN E 133 -4.48 -23.97 -23.20
N LEU E 134 -3.14 -23.98 -23.09
CA LEU E 134 -2.33 -23.18 -24.00
C LEU E 134 -2.42 -23.69 -25.43
N ARG E 135 -2.44 -25.01 -25.62
CA ARG E 135 -2.45 -25.57 -26.97
C ARG E 135 -3.72 -25.20 -27.72
N ARG E 136 -4.88 -25.27 -27.05
CA ARG E 136 -6.12 -24.91 -27.71
C ARG E 136 -6.20 -23.41 -27.97
N LEU E 137 -5.60 -22.61 -27.08
CA LEU E 137 -5.55 -21.17 -27.30
C LEU E 137 -4.75 -20.83 -28.56
N VAL E 138 -3.62 -21.51 -28.75
CA VAL E 138 -2.82 -21.28 -29.96
C VAL E 138 -3.60 -21.70 -31.20
N LYS E 139 -4.34 -22.82 -31.10
CA LYS E 139 -5.14 -23.28 -32.23
C LYS E 139 -6.20 -22.27 -32.62
N LYS E 140 -6.82 -21.62 -31.63
CA LYS E 140 -7.85 -20.62 -31.92
C LYS E 140 -7.25 -19.38 -32.57
N ILE E 141 -6.03 -19.01 -32.19
CA ILE E 141 -5.38 -17.85 -32.80
C ILE E 141 -5.13 -18.10 -34.28
N VAL E 142 -4.59 -19.28 -34.60
CA VAL E 142 -4.30 -19.61 -36.00
C VAL E 142 -5.59 -19.74 -36.79
N THR E 143 -6.62 -20.35 -36.20
CA THR E 143 -7.89 -20.53 -36.90
C THR E 143 -8.51 -19.18 -37.24
N PHE E 144 -8.50 -18.24 -36.29
CA PHE E 144 -9.03 -16.91 -36.54
C PHE E 144 -8.26 -16.21 -37.65
N ALA E 145 -6.93 -16.30 -37.63
CA ALA E 145 -6.11 -15.66 -38.64
C ALA E 145 -6.41 -16.21 -40.02
N LEU E 146 -6.45 -17.54 -40.15
CA LEU E 146 -6.73 -18.15 -41.45
C LEU E 146 -8.14 -17.82 -41.93
N VAL E 147 -9.13 -17.83 -41.04
CA VAL E 147 -10.50 -17.53 -41.47
C VAL E 147 -10.61 -16.09 -41.96
N ALA E 148 -10.05 -15.14 -41.20
CA ALA E 148 -10.10 -13.74 -41.60
C ALA E 148 -9.34 -13.53 -42.91
N GLU E 149 -8.19 -14.17 -43.05
CA GLU E 149 -7.40 -14.01 -44.27
C GLU E 149 -8.09 -14.64 -45.46
N ALA E 150 -8.82 -15.73 -45.26
CA ALA E 150 -9.58 -16.34 -46.34
C ALA E 150 -10.74 -15.43 -46.77
N ILE E 151 -11.43 -14.82 -45.80
CA ILE E 151 -12.50 -13.88 -46.14
C ILE E 151 -11.95 -12.72 -46.95
N GLY E 152 -10.83 -12.15 -46.50
CA GLY E 152 -10.19 -11.08 -47.26
C GLY E 152 -9.76 -11.53 -48.64
N PHE E 153 -9.22 -12.76 -48.73
CA PHE E 153 -8.76 -13.29 -50.01
C PHE E 153 -9.92 -13.42 -51.00
N VAL E 154 -11.05 -13.97 -50.56
CA VAL E 154 -12.17 -14.15 -51.48
C VAL E 154 -12.76 -12.80 -51.88
N PHE E 155 -12.86 -11.87 -50.91
CA PHE E 155 -13.40 -10.55 -51.24
C PHE E 155 -12.51 -9.82 -52.24
N LEU E 156 -11.19 -9.92 -52.08
CA LEU E 156 -10.28 -9.27 -53.02
C LEU E 156 -10.23 -9.97 -54.37
N SER E 157 -10.35 -11.30 -54.37
CA SER E 157 -10.37 -12.05 -55.63
C SER E 157 -11.64 -11.76 -56.41
N TYR E 158 -12.71 -11.38 -55.73
CA TYR E 158 -13.94 -11.01 -56.44
C TYR E 158 -13.68 -9.87 -57.41
N ARG E 159 -12.71 -9.00 -57.12
CA ARG E 159 -12.38 -7.88 -57.98
C ARG E 159 -11.13 -8.08 -58.82
N TRP E 160 -10.02 -8.54 -58.22
CA TRP E 160 -8.75 -8.56 -58.94
C TRP E 160 -8.64 -9.70 -59.94
N VAL E 161 -9.31 -10.83 -59.72
CA VAL E 161 -9.24 -11.96 -60.64
C VAL E 161 -9.81 -11.59 -62.01
N PRO E 162 -10.99 -10.97 -62.11
CA PRO E 162 -11.51 -10.64 -63.46
C PRO E 162 -10.60 -9.73 -64.26
N GLU E 163 -9.93 -8.78 -63.62
CA GLU E 163 -9.15 -7.78 -64.32
C GLU E 163 -7.68 -8.17 -64.52
N MET E 164 -7.19 -9.19 -63.83
CA MET E 164 -5.78 -9.55 -63.91
C MET E 164 -5.52 -11.00 -64.31
N GLY E 165 -6.51 -11.87 -64.27
CA GLY E 165 -6.33 -13.27 -64.58
C GLY E 165 -6.58 -14.17 -63.38
N TRP E 166 -6.62 -15.47 -63.66
CA TRP E 166 -6.97 -16.45 -62.64
C TRP E 166 -5.88 -16.62 -61.59
N GLN E 167 -4.61 -16.68 -62.00
CA GLN E 167 -3.54 -16.97 -61.05
C GLN E 167 -2.85 -15.69 -60.54
N THR E 168 -2.78 -14.66 -61.37
CA THR E 168 -2.32 -13.36 -60.86
C THR E 168 -3.36 -12.75 -59.93
N GLY E 169 -4.64 -12.94 -60.22
CA GLY E 169 -5.68 -12.38 -59.37
C GLY E 169 -5.70 -13.00 -57.99
N MET E 170 -5.58 -14.33 -57.90
CA MET E 170 -5.53 -14.97 -56.59
C MET E 170 -4.28 -14.57 -55.82
N PHE E 171 -3.14 -14.46 -56.51
CA PHE E 171 -1.88 -14.20 -55.81
C PHE E 171 -1.90 -12.83 -55.14
N TYR E 172 -2.31 -11.79 -55.88
CA TYR E 172 -2.36 -10.45 -55.30
C TYR E 172 -3.40 -10.37 -54.20
N ALA E 173 -4.56 -11.01 -54.40
CA ALA E 173 -5.59 -11.00 -53.37
C ALA E 173 -5.10 -11.65 -52.09
N LEU E 174 -4.44 -12.80 -52.20
CA LEU E 174 -3.90 -13.48 -51.03
C LEU E 174 -2.81 -12.64 -50.37
N PHE E 175 -1.90 -12.07 -51.16
CA PHE E 175 -0.83 -11.27 -50.62
C PHE E 175 -1.37 -10.09 -49.83
N HIS E 176 -2.35 -9.39 -50.40
CA HIS E 176 -2.86 -8.18 -49.75
C HIS E 176 -3.76 -8.52 -48.56
N SER E 177 -4.45 -9.66 -48.60
CA SER E 177 -5.16 -10.11 -47.41
C SER E 177 -4.19 -10.42 -46.28
N ILE E 178 -3.09 -11.12 -46.59
CA ILE E 178 -2.07 -11.41 -45.59
C ILE E 178 -1.50 -10.12 -45.02
N SER E 179 -1.17 -9.17 -45.89
CA SER E 179 -0.58 -7.92 -45.42
C SER E 179 -1.55 -7.10 -44.58
N ALA E 180 -2.82 -7.05 -44.99
CA ALA E 180 -3.79 -6.23 -44.27
C ALA E 180 -4.15 -6.83 -42.91
N PHE E 181 -4.37 -8.14 -42.85
CA PHE E 181 -4.67 -8.76 -41.56
C PHE E 181 -3.50 -8.62 -40.60
N ASN E 182 -2.28 -8.80 -41.10
CA ASN E 182 -1.09 -8.73 -40.27
C ASN E 182 -0.62 -7.30 -40.01
N ASN E 183 -1.32 -6.30 -40.55
CA ASN E 183 -0.99 -4.90 -40.35
C ASN E 183 0.42 -4.59 -40.85
N ALA E 184 0.81 -5.23 -41.95
CA ALA E 184 2.14 -5.05 -42.52
C ALA E 184 2.20 -3.89 -43.50
N GLY E 185 1.16 -3.69 -44.29
CA GLY E 185 1.13 -2.60 -45.24
C GLY E 185 1.91 -2.81 -46.51
N PHE E 186 2.52 -3.99 -46.71
CA PHE E 186 3.24 -4.26 -47.93
C PHE E 186 2.28 -4.40 -49.10
N ALA E 187 2.54 -3.64 -50.17
CA ALA E 187 1.69 -3.63 -51.34
C ALA E 187 2.51 -4.04 -52.56
N LEU E 188 1.85 -4.73 -53.49
CA LEU E 188 2.49 -5.22 -54.70
C LEU E 188 2.44 -4.22 -55.83
N PHE E 189 1.80 -3.07 -55.63
CA PHE E 189 1.79 -2.01 -56.62
C PHE E 189 2.84 -0.96 -56.28
N SER E 190 3.29 -0.23 -57.30
CA SER E 190 4.30 0.80 -57.08
C SER E 190 3.80 1.85 -56.10
N ASP E 191 2.56 2.28 -56.25
CA ASP E 191 1.90 3.14 -55.29
C ASP E 191 0.88 2.33 -54.50
N SER E 192 1.01 2.33 -53.17
CA SER E 192 0.19 1.48 -52.33
C SER E 192 -1.21 2.05 -52.22
N MET E 193 -2.18 1.37 -52.80
CA MET E 193 -3.61 1.70 -52.72
C MET E 193 -3.95 3.06 -53.32
N MET E 194 -3.02 3.68 -54.03
CA MET E 194 -3.32 4.94 -54.71
C MET E 194 -4.33 4.75 -55.84
N SER E 195 -4.28 3.60 -56.52
CA SER E 195 -5.18 3.37 -57.65
C SER E 195 -6.59 3.02 -57.21
N PHE E 196 -6.81 2.78 -55.91
CA PHE E 196 -8.10 2.38 -55.39
C PHE E 196 -8.68 3.41 -54.42
N VAL E 197 -8.57 4.70 -54.74
CA VAL E 197 -9.08 5.73 -53.85
C VAL E 197 -10.60 5.66 -53.76
N ASN E 198 -11.27 5.55 -54.90
CA ASN E 198 -12.71 5.61 -54.97
C ASN E 198 -13.38 4.25 -55.05
N ASP E 199 -12.62 3.16 -54.98
CA ASP E 199 -13.20 1.83 -55.02
C ASP E 199 -13.51 1.38 -53.61
N PRO E 200 -14.77 1.13 -53.27
CA PRO E 200 -15.08 0.79 -51.88
C PRO E 200 -14.84 -0.66 -51.51
N LEU E 201 -14.91 -1.56 -52.49
CA LEU E 201 -14.77 -2.99 -52.20
C LEU E 201 -13.43 -3.28 -51.55
N VAL E 202 -12.33 -2.99 -52.26
CA VAL E 202 -11.00 -3.24 -51.71
C VAL E 202 -10.76 -2.39 -50.49
N SER E 203 -11.31 -1.17 -50.47
CA SER E 203 -11.07 -0.26 -49.34
C SER E 203 -11.60 -0.84 -48.04
N PHE E 204 -12.87 -1.29 -48.04
CA PHE E 204 -13.42 -1.87 -46.82
C PHE E 204 -12.88 -3.28 -46.57
N THR E 205 -12.52 -4.01 -47.63
CA THR E 205 -11.95 -5.34 -47.43
C THR E 205 -10.63 -5.25 -46.69
N LEU E 206 -9.76 -4.31 -47.10
CA LEU E 206 -8.51 -4.12 -46.39
C LEU E 206 -8.75 -3.49 -45.02
N ALA E 207 -9.66 -2.52 -44.95
CA ALA E 207 -9.92 -1.83 -43.69
C ALA E 207 -10.39 -2.81 -42.62
N GLY E 208 -11.34 -3.69 -42.96
CA GLY E 208 -11.82 -4.65 -42.00
C GLY E 208 -10.74 -5.60 -41.51
N LEU E 209 -9.75 -5.87 -42.36
CA LEU E 209 -8.72 -6.83 -41.99
C LEU E 209 -7.81 -6.30 -40.88
N PHE E 210 -7.37 -5.04 -40.97
CA PHE E 210 -6.48 -4.55 -39.93
C PHE E 210 -7.24 -3.91 -38.78
N ILE E 211 -8.53 -3.63 -38.97
CA ILE E 211 -9.37 -3.30 -37.81
C ILE E 211 -9.61 -4.53 -36.97
N PHE E 212 -9.92 -5.66 -37.61
CA PHE E 212 -10.07 -6.92 -36.89
C PHE E 212 -8.71 -7.47 -36.47
N GLY E 213 -7.70 -7.36 -37.35
CA GLY E 213 -6.37 -7.81 -36.99
C GLY E 213 -5.75 -6.98 -35.88
N GLY E 214 -6.03 -5.68 -35.86
CA GLY E 214 -5.56 -4.79 -34.82
C GLY E 214 -6.48 -4.64 -33.64
N LEU E 215 -7.59 -5.40 -33.60
CA LEU E 215 -8.50 -5.32 -32.48
C LEU E 215 -7.96 -6.03 -31.24
N GLY E 216 -7.22 -7.12 -31.43
CA GLY E 216 -6.69 -7.89 -30.32
C GLY E 216 -7.40 -9.21 -30.21
N PHE E 217 -6.63 -10.28 -29.98
CA PHE E 217 -7.23 -11.60 -29.83
C PHE E 217 -8.04 -11.70 -28.54
N THR E 218 -7.62 -10.98 -27.50
CA THR E 218 -8.36 -11.00 -26.25
C THR E 218 -9.77 -10.46 -26.44
N VAL E 219 -9.91 -9.35 -27.17
CA VAL E 219 -11.23 -8.77 -27.42
C VAL E 219 -12.09 -9.73 -28.25
N ILE E 220 -11.49 -10.31 -29.29
CA ILE E 220 -12.23 -11.22 -30.16
C ILE E 220 -12.72 -12.43 -29.36
N GLY E 221 -11.85 -13.00 -28.54
CA GLY E 221 -12.24 -14.16 -27.73
C GLY E 221 -13.29 -13.82 -26.69
N ASP E 222 -13.15 -12.66 -26.05
CA ASP E 222 -14.13 -12.25 -25.05
C ASP E 222 -15.51 -12.04 -25.68
N VAL E 223 -15.55 -11.42 -26.86
CA VAL E 223 -16.83 -11.25 -27.55
C VAL E 223 -17.36 -12.60 -28.02
N TRP E 224 -16.48 -13.51 -28.44
CA TRP E 224 -16.92 -14.82 -28.90
C TRP E 224 -17.55 -15.63 -27.78
N ARG E 225 -16.95 -15.59 -26.59
CA ARG E 225 -17.37 -16.48 -25.51
C ARG E 225 -18.44 -15.88 -24.60
N HIS E 226 -18.68 -14.57 -24.66
CA HIS E 226 -19.57 -13.92 -23.70
C HIS E 226 -20.48 -12.89 -24.35
N TRP E 227 -20.78 -13.02 -25.64
CA TRP E 227 -21.64 -12.03 -26.29
C TRP E 227 -23.08 -12.16 -25.83
N ARG E 228 -23.47 -13.33 -25.33
CA ARG E 228 -24.86 -13.53 -24.93
C ARG E 228 -25.18 -12.80 -23.64
N LYS E 229 -24.21 -12.68 -22.73
CA LYS E 229 -24.45 -11.98 -21.48
C LYS E 229 -24.60 -10.47 -21.70
N GLY E 230 -24.13 -9.97 -22.83
CA GLY E 230 -24.26 -8.58 -23.17
C GLY E 230 -22.95 -7.83 -23.04
N PHE E 231 -23.00 -6.55 -23.40
CA PHE E 231 -21.82 -5.69 -23.33
C PHE E 231 -21.43 -5.40 -21.88
N HIS E 232 -22.42 -5.35 -20.98
CA HIS E 232 -22.15 -4.98 -19.60
C HIS E 232 -21.21 -5.97 -18.91
N PHE E 233 -21.36 -7.26 -19.20
CA PHE E 233 -20.59 -8.29 -18.52
C PHE E 233 -19.33 -8.69 -19.27
N LEU E 234 -18.92 -7.91 -20.27
CA LEU E 234 -17.64 -8.14 -20.92
C LEU E 234 -16.51 -7.65 -20.04
N HIS E 235 -15.29 -8.04 -20.38
CA HIS E 235 -14.13 -7.63 -19.61
C HIS E 235 -13.81 -6.16 -19.85
N ILE E 236 -13.11 -5.55 -18.89
CA ILE E 236 -12.80 -4.12 -18.96
C ILE E 236 -11.97 -3.80 -20.21
N HIS E 237 -10.99 -4.65 -20.54
CA HIS E 237 -10.17 -4.39 -21.72
C HIS E 237 -11.00 -4.46 -22.99
N THR E 238 -11.93 -5.43 -23.06
CA THR E 238 -12.80 -5.56 -24.22
C THR E 238 -13.68 -4.34 -24.39
N LYS E 239 -14.25 -3.84 -23.29
CA LYS E 239 -15.08 -2.64 -23.37
C LYS E 239 -14.27 -1.43 -23.79
N ILE E 240 -13.06 -1.28 -23.24
CA ILE E 240 -12.22 -0.15 -23.61
C ILE E 240 -11.90 -0.19 -25.10
N MET E 241 -11.55 -1.36 -25.62
CA MET E 241 -11.24 -1.45 -27.05
C MET E 241 -12.48 -1.20 -27.91
N LEU E 242 -13.61 -1.81 -27.55
CA LEU E 242 -14.83 -1.68 -28.34
C LEU E 242 -15.41 -0.27 -28.30
N ILE E 243 -15.03 0.54 -27.33
CA ILE E 243 -15.43 1.94 -27.30
C ILE E 243 -14.41 2.83 -28.00
N ALA E 244 -13.11 2.58 -27.78
CA ALA E 244 -12.10 3.49 -28.28
C ALA E 244 -11.86 3.31 -29.78
N THR E 245 -11.89 2.07 -30.28
CA THR E 245 -11.61 1.85 -31.70
C THR E 245 -12.62 2.54 -32.61
N PRO E 246 -13.94 2.37 -32.44
CA PRO E 246 -14.87 3.16 -33.27
C PRO E 246 -14.75 4.64 -33.05
N LEU E 247 -14.51 5.07 -31.80
CA LEU E 247 -14.34 6.49 -31.52
C LEU E 247 -13.11 7.05 -32.21
N LEU E 248 -11.99 6.32 -32.15
CA LEU E 248 -10.77 6.77 -32.84
C LEU E 248 -10.98 6.80 -34.34
N LEU E 249 -11.64 5.79 -34.90
CA LEU E 249 -11.91 5.77 -36.34
C LEU E 249 -12.75 6.96 -36.74
N LEU E 250 -13.80 7.25 -35.97
CA LEU E 250 -14.69 8.36 -36.30
C LEU E 250 -13.97 9.70 -36.21
N VAL E 251 -13.19 9.91 -35.14
CA VAL E 251 -12.53 11.19 -34.98
C VAL E 251 -11.45 11.38 -36.05
N GLY E 252 -10.73 10.30 -36.38
CA GLY E 252 -9.75 10.39 -37.44
C GLY E 252 -10.37 10.70 -38.78
N THR E 253 -11.46 10.01 -39.11
CA THR E 253 -12.16 10.27 -40.37
C THR E 253 -12.66 11.71 -40.43
N VAL E 254 -13.25 12.20 -39.35
CA VAL E 254 -13.78 13.56 -39.34
C VAL E 254 -12.67 14.58 -39.49
N LEU E 255 -11.56 14.41 -38.75
CA LEU E 255 -10.47 15.37 -38.84
C LEU E 255 -9.80 15.34 -40.22
N PHE E 256 -9.57 14.16 -40.77
CA PHE E 256 -8.95 14.08 -42.08
C PHE E 256 -9.85 14.64 -43.17
N TRP E 257 -11.16 14.44 -43.03
CA TRP E 257 -12.09 15.04 -43.99
C TRP E 257 -12.09 16.56 -43.87
N LEU E 258 -12.09 17.08 -42.63
CA LEU E 258 -12.15 18.52 -42.44
C LEU E 258 -10.88 19.21 -42.93
N LEU E 259 -9.71 18.63 -42.65
CA LEU E 259 -8.45 19.31 -42.91
C LEU E 259 -7.92 19.13 -44.34
N GLU E 260 -8.50 18.22 -45.12
CA GLU E 260 -7.97 17.92 -46.44
C GLU E 260 -9.01 18.03 -47.56
N ARG E 261 -10.23 18.49 -47.24
CA ARG E 261 -11.26 18.53 -48.27
C ARG E 261 -11.10 19.72 -49.20
N HIS E 262 -10.22 20.67 -48.87
CA HIS E 262 -9.92 21.79 -49.74
C HIS E 262 -8.49 21.80 -50.26
N ASN E 263 -7.72 20.73 -50.02
CA ASN E 263 -6.38 20.63 -50.57
C ASN E 263 -6.47 20.00 -51.95
N PRO E 264 -6.08 20.70 -53.01
CA PRO E 264 -6.26 20.14 -54.36
C PRO E 264 -5.50 18.85 -54.60
N ASN E 265 -4.35 18.67 -53.94
CA ASN E 265 -3.46 17.57 -54.25
C ASN E 265 -3.96 16.21 -53.79
N THR E 266 -4.79 16.15 -52.74
CA THR E 266 -5.14 14.85 -52.17
C THR E 266 -6.63 14.52 -52.27
N MET E 267 -7.50 15.43 -51.85
CA MET E 267 -8.93 15.16 -51.73
C MET E 267 -9.80 16.21 -52.38
N GLY E 268 -9.21 17.29 -52.91
CA GLY E 268 -10.00 18.31 -53.56
C GLY E 268 -10.67 17.84 -54.84
N SER E 269 -10.00 16.98 -55.60
CA SER E 269 -10.53 16.57 -56.90
C SER E 269 -11.48 15.38 -56.79
N LEU E 270 -11.62 14.78 -55.62
CA LEU E 270 -12.46 13.61 -55.48
C LEU E 270 -13.92 13.98 -55.22
N THR E 271 -14.80 13.01 -55.41
CA THR E 271 -16.22 13.22 -55.18
C THR E 271 -16.51 13.20 -53.68
N THR E 272 -17.77 13.55 -53.34
CA THR E 272 -18.16 13.64 -51.93
C THR E 272 -18.01 12.29 -51.24
N GLY E 273 -18.48 11.22 -51.89
CA GLY E 273 -18.26 9.89 -51.35
C GLY E 273 -16.79 9.49 -51.36
N GLY E 274 -16.07 9.89 -52.41
CA GLY E 274 -14.66 9.56 -52.49
C GLY E 274 -13.84 10.23 -51.40
N GLN E 275 -14.16 11.48 -51.07
CA GLN E 275 -13.44 12.19 -50.02
C GLN E 275 -13.63 11.49 -48.68
N TRP E 276 -14.86 11.09 -48.36
CA TRP E 276 -15.13 10.39 -47.11
C TRP E 276 -14.47 9.02 -47.09
N LEU E 277 -14.48 8.33 -48.24
CA LEU E 277 -13.81 7.04 -48.33
C LEU E 277 -12.31 7.18 -48.05
N ALA E 278 -11.67 8.17 -48.68
CA ALA E 278 -10.24 8.38 -48.47
C ALA E 278 -9.96 8.77 -47.03
N ALA E 279 -10.77 9.65 -46.45
CA ALA E 279 -10.56 10.06 -45.06
C ALA E 279 -10.67 8.87 -44.11
N PHE E 280 -11.71 8.04 -44.30
CA PHE E 280 -11.86 6.87 -43.44
C PHE E 280 -10.72 5.88 -43.62
N PHE E 281 -10.29 5.67 -44.87
CA PHE E 281 -9.20 4.72 -45.12
C PHE E 281 -7.90 5.19 -44.47
N GLN E 282 -7.59 6.49 -44.60
CA GLN E 282 -6.39 7.01 -43.96
C GLN E 282 -6.50 6.96 -42.44
N SER E 283 -7.67 7.25 -41.89
CA SER E 283 -7.83 7.17 -40.44
C SER E 283 -7.63 5.74 -39.95
N ALA E 284 -8.18 4.76 -40.67
CA ALA E 284 -8.04 3.37 -40.25
C ALA E 284 -6.62 2.87 -40.43
N SER E 285 -5.93 3.30 -41.49
CA SER E 285 -4.61 2.78 -41.76
C SER E 285 -3.53 3.52 -40.98
N ALA E 286 -3.84 4.70 -40.45
CA ALA E 286 -2.89 5.39 -39.58
C ALA E 286 -2.63 4.58 -38.31
N ARG E 287 -3.58 3.73 -37.92
CA ARG E 287 -3.46 2.89 -36.74
C ARG E 287 -2.67 1.63 -37.04
N THR E 288 -1.39 1.83 -37.36
CA THR E 288 -0.41 0.77 -37.53
C THR E 288 -0.77 -0.21 -38.65
N ALA E 289 -1.28 0.29 -39.77
CA ALA E 289 -1.53 -0.54 -40.94
C ALA E 289 -0.55 -0.26 -42.07
N GLY E 290 -0.41 1.01 -42.48
CA GLY E 290 0.60 1.40 -43.44
C GLY E 290 0.10 1.69 -44.84
N PHE E 291 -1.13 1.32 -45.17
CA PHE E 291 -1.67 1.62 -46.49
C PHE E 291 -2.07 3.08 -46.57
N ASN E 292 -1.75 3.71 -47.71
CA ASN E 292 -2.07 5.12 -47.91
C ASN E 292 -2.83 5.29 -49.22
N SER E 293 -4.14 5.50 -49.13
CA SER E 293 -4.92 5.76 -50.33
C SER E 293 -4.55 7.10 -50.95
N VAL E 294 -4.03 8.03 -50.16
CA VAL E 294 -3.68 9.36 -50.62
C VAL E 294 -2.20 9.60 -50.33
N ASP E 295 -1.65 10.62 -51.00
CA ASP E 295 -0.23 10.93 -50.90
C ASP E 295 0.03 11.74 -49.64
N LEU E 296 1.03 11.31 -48.86
CA LEU E 296 1.38 12.00 -47.63
C LEU E 296 2.40 13.12 -47.84
N THR E 297 3.05 13.17 -49.01
CA THR E 297 3.98 14.25 -49.29
C THR E 297 3.27 15.59 -49.40
N GLN E 298 2.06 15.60 -49.96
CA GLN E 298 1.27 16.81 -50.16
C GLN E 298 0.16 16.91 -49.12
N PHE E 299 0.47 16.52 -47.89
CA PHE E 299 -0.48 16.42 -46.81
C PHE E 299 -0.22 17.53 -45.79
N THR E 300 -1.28 18.26 -45.43
CA THR E 300 -1.10 19.49 -44.68
C THR E 300 -0.62 19.22 -43.26
N GLN E 301 -0.03 20.25 -42.66
CA GLN E 301 0.65 20.07 -41.37
C GLN E 301 -0.28 19.67 -40.22
N PRO E 302 -1.43 20.33 -39.99
CA PRO E 302 -2.30 19.87 -38.88
C PRO E 302 -2.76 18.43 -39.05
N ALA E 303 -3.04 18.02 -40.28
CA ALA E 303 -3.44 16.64 -40.52
C ALA E 303 -2.26 15.70 -40.33
N LEU E 304 -1.04 16.16 -40.63
CA LEU E 304 0.14 15.36 -40.32
C LEU E 304 0.28 15.14 -38.81
N LEU E 305 0.04 16.20 -38.02
CA LEU E 305 0.08 16.03 -36.57
C LEU E 305 -1.01 15.08 -36.08
N ILE E 306 -2.21 15.19 -36.65
CA ILE E 306 -3.30 14.29 -36.28
C ILE E 306 -2.93 12.85 -36.60
N MET E 307 -2.33 12.62 -37.77
CA MET E 307 -1.95 11.27 -38.15
C MET E 307 -0.81 10.75 -37.28
N ILE E 308 0.10 11.64 -36.86
CA ILE E 308 1.16 11.23 -35.94
C ILE E 308 0.56 10.77 -34.62
N VAL E 309 -0.41 11.54 -34.10
CA VAL E 309 -1.08 11.15 -32.87
C VAL E 309 -1.78 9.80 -33.05
N LEU E 310 -2.45 9.61 -34.20
CA LEU E 310 -3.14 8.34 -34.44
C LEU E 310 -2.16 7.17 -34.51
N MET E 311 -1.01 7.37 -35.16
CA MET E 311 0.00 6.31 -35.20
C MET E 311 0.52 5.98 -33.82
N LEU E 312 0.72 7.00 -32.97
CA LEU E 312 1.19 6.73 -31.62
C LEU E 312 0.16 5.91 -30.84
N ILE E 313 -1.13 6.20 -31.01
CA ILE E 313 -2.17 5.50 -30.24
C ILE E 313 -2.21 4.03 -30.62
N GLY E 314 -1.96 3.71 -31.88
CA GLY E 314 -1.75 2.32 -32.27
C GLY E 314 -3.00 1.45 -32.25
N ALA E 315 -2.75 0.14 -32.24
CA ALA E 315 -3.76 -0.91 -32.25
C ALA E 315 -3.92 -1.52 -30.85
N GLY E 316 -4.67 -2.62 -30.76
CA GLY E 316 -4.89 -3.27 -29.48
C GLY E 316 -3.69 -4.06 -29.00
N SER E 317 -3.78 -4.50 -27.75
CA SER E 317 -2.62 -5.06 -27.05
C SER E 317 -2.16 -6.36 -27.68
N THR E 318 -2.98 -7.40 -27.63
CA THR E 318 -2.62 -8.70 -28.19
C THR E 318 -3.14 -8.79 -29.63
N SER E 319 -2.51 -7.99 -30.49
CA SER E 319 -2.90 -7.84 -31.88
C SER E 319 -1.66 -7.83 -32.77
N THR E 320 -1.88 -7.50 -34.04
CA THR E 320 -0.79 -7.39 -35.00
C THR E 320 -0.25 -5.97 -35.12
N GLY E 321 -0.83 -5.01 -34.40
CA GLY E 321 -0.46 -3.62 -34.54
C GLY E 321 0.78 -3.25 -33.73
N GLY E 322 1.09 -1.96 -33.74
CA GLY E 322 2.28 -1.46 -33.08
C GLY E 322 2.07 -0.22 -32.25
N GLY E 323 3.17 0.42 -31.86
CA GLY E 323 3.12 1.58 -30.99
C GLY E 323 2.62 1.23 -29.60
N ILE E 324 2.48 2.27 -28.77
CA ILE E 324 1.76 2.09 -27.53
C ILE E 324 0.31 1.75 -27.88
N LYS E 325 -0.30 0.86 -27.11
CA LYS E 325 -1.58 0.33 -27.53
C LYS E 325 -2.72 1.28 -27.14
N VAL E 326 -3.91 0.97 -27.66
CA VAL E 326 -5.08 1.82 -27.42
C VAL E 326 -5.44 1.83 -25.95
N SER E 327 -5.30 0.69 -25.28
CA SER E 327 -5.63 0.61 -23.86
C SER E 327 -4.70 1.49 -23.03
N THR E 328 -3.42 1.54 -23.39
CA THR E 328 -2.48 2.41 -22.68
C THR E 328 -2.90 3.88 -22.80
N PHE E 329 -3.27 4.30 -24.01
CA PHE E 329 -3.69 5.68 -24.21
C PHE E 329 -4.99 5.96 -23.46
N ALA E 330 -5.92 5.00 -23.45
CA ALA E 330 -7.18 5.19 -22.73
C ALA E 330 -6.95 5.32 -21.23
N VAL E 331 -6.06 4.48 -20.67
CA VAL E 331 -5.76 4.57 -19.25
C VAL E 331 -5.10 5.91 -18.94
N ALA E 332 -4.18 6.36 -19.80
CA ALA E 332 -3.54 7.66 -19.58
C ALA E 332 -4.57 8.79 -19.62
N PHE E 333 -5.49 8.73 -20.59
CA PHE E 333 -6.53 9.75 -20.72
C PHE E 333 -7.41 9.80 -19.47
N MET E 334 -7.89 8.63 -19.03
CA MET E 334 -8.79 8.59 -17.87
C MET E 334 -8.05 8.96 -16.59
N ALA E 335 -6.75 8.61 -16.49
CA ALA E 335 -5.97 9.03 -15.34
C ALA E 335 -5.78 10.54 -15.32
N THR E 336 -5.56 11.15 -16.49
CA THR E 336 -5.46 12.60 -16.56
C THR E 336 -6.77 13.25 -16.15
N TRP E 337 -7.90 12.69 -16.60
CA TRP E 337 -9.20 13.21 -16.20
C TRP E 337 -9.40 13.11 -14.69
N THR E 338 -9.02 11.97 -14.11
CA THR E 338 -9.13 11.78 -12.67
C THR E 338 -8.24 12.77 -11.92
N PHE E 339 -7.02 13.00 -12.40
CA PHE E 339 -6.13 13.95 -11.75
C PHE E 339 -6.70 15.36 -11.81
N LEU E 340 -7.26 15.75 -12.95
CA LEU E 340 -7.83 17.09 -13.08
C LEU E 340 -9.05 17.27 -12.19
N ARG E 341 -9.87 16.23 -12.02
CA ARG E 341 -10.99 16.29 -11.10
C ARG E 341 -10.58 15.97 -9.66
N GLN E 342 -9.31 15.62 -9.44
CA GLN E 342 -8.78 15.30 -8.12
C GLN E 342 -9.60 14.19 -7.44
N LYS E 343 -9.86 13.14 -8.21
CA LYS E 343 -10.50 11.94 -7.67
C LYS E 343 -9.43 10.98 -7.18
N LYS E 344 -9.79 10.18 -6.16
CA LYS E 344 -8.81 9.31 -5.52
C LYS E 344 -8.44 8.13 -6.42
N HIS E 345 -9.41 7.58 -7.15
CA HIS E 345 -9.19 6.40 -7.96
C HIS E 345 -9.50 6.68 -9.41
N VAL E 346 -8.77 6.03 -10.31
CA VAL E 346 -9.09 6.07 -11.73
C VAL E 346 -10.15 5.00 -12.01
N VAL E 347 -11.29 5.43 -12.51
CA VAL E 347 -12.45 4.57 -12.68
C VAL E 347 -12.85 4.55 -14.15
N MET E 348 -12.96 3.34 -14.71
CA MET E 348 -13.42 3.15 -16.08
C MET E 348 -14.45 2.02 -16.07
N PHE E 349 -15.64 2.31 -16.62
CA PHE E 349 -16.74 1.35 -16.65
C PHE E 349 -17.04 0.79 -15.25
N LYS E 350 -17.08 1.70 -14.28
CA LYS E 350 -17.39 1.35 -12.89
C LYS E 350 -16.36 0.38 -12.31
N ARG E 351 -15.13 0.43 -12.80
CA ARG E 351 -14.04 -0.41 -12.31
CA ARG E 351 -14.05 -0.40 -12.30
C ARG E 351 -12.85 0.48 -11.98
N THR E 352 -12.20 0.20 -10.85
CA THR E 352 -11.02 0.96 -10.47
C THR E 352 -9.80 0.39 -11.17
N VAL E 353 -9.04 1.27 -11.82
CA VAL E 353 -7.76 0.89 -12.41
C VAL E 353 -6.68 1.14 -11.38
N ASN E 354 -5.99 0.09 -10.98
CA ASN E 354 -5.03 0.21 -9.88
C ASN E 354 -3.84 1.07 -10.29
N TRP E 355 -3.20 1.65 -9.29
CA TRP E 355 -2.08 2.56 -9.53
C TRP E 355 -0.94 1.94 -10.31
N PRO E 356 -0.55 0.67 -10.11
CA PRO E 356 0.49 0.09 -10.98
C PRO E 356 0.17 0.15 -12.46
N THR E 357 -1.10 -0.03 -12.86
CA THR E 357 -1.44 0.04 -14.28
C THR E 357 -1.28 1.46 -14.81
N VAL E 358 -1.70 2.46 -14.03
CA VAL E 358 -1.51 3.84 -14.42
C VAL E 358 -0.02 4.15 -14.56
N THR E 359 0.79 3.66 -13.61
CA THR E 359 2.23 3.86 -13.68
C THR E 359 2.81 3.20 -14.93
N LYS E 360 2.34 1.99 -15.26
CA LYS E 360 2.82 1.33 -16.47
C LYS E 360 2.51 2.16 -17.70
N SER E 361 1.28 2.66 -17.80
CA SER E 361 0.89 3.44 -18.97
C SER E 361 1.74 4.71 -19.09
N LEU E 362 1.86 5.46 -17.99
CA LEU E 362 2.63 6.71 -18.02
C LEU E 362 4.09 6.44 -18.32
N ALA E 363 4.66 5.38 -17.73
CA ALA E 363 6.06 5.05 -17.98
C ALA E 363 6.28 4.65 -19.43
N ILE E 364 5.34 3.90 -20.02
CA ILE E 364 5.46 3.55 -21.42
C ILE E 364 5.47 4.80 -22.29
N ILE E 365 4.57 5.75 -21.99
CA ILE E 365 4.54 6.98 -22.77
C ILE E 365 5.85 7.74 -22.64
N VAL E 366 6.36 7.88 -21.41
CA VAL E 366 7.57 8.67 -21.19
C VAL E 366 8.78 8.02 -21.86
N VAL E 367 8.92 6.70 -21.73
CA VAL E 367 10.06 6.01 -22.32
C VAL E 367 9.98 6.09 -23.85
N SER E 368 8.78 5.91 -24.41
CA SER E 368 8.62 6.03 -25.85
C SER E 368 8.99 7.43 -26.33
N GLY E 369 8.57 8.45 -25.57
CA GLY E 369 8.91 9.81 -25.95
C GLY E 369 10.40 10.07 -25.91
N ALA E 370 11.09 9.57 -24.87
CA ALA E 370 12.53 9.75 -24.79
C ALA E 370 13.25 9.05 -25.94
N ILE E 371 12.86 7.81 -26.24
CA ILE E 371 13.47 7.09 -27.35
C ILE E 371 13.22 7.82 -28.66
N LEU E 372 12.00 8.31 -28.86
CA LEU E 372 11.67 9.04 -30.08
C LEU E 372 12.49 10.32 -30.20
N THR E 373 12.69 11.03 -29.09
CA THR E 373 13.50 12.25 -29.13
C THR E 373 14.95 11.95 -29.52
N THR E 374 15.54 10.91 -28.91
CA THR E 374 16.91 10.56 -29.28
C THR E 374 17.01 10.12 -30.73
N ALA E 375 16.04 9.33 -31.19
CA ALA E 375 16.05 8.88 -32.58
C ALA E 375 15.89 10.05 -33.55
N MET E 376 15.02 11.00 -33.23
CA MET E 376 14.83 12.16 -34.09
C MET E 376 16.10 13.01 -34.16
N PHE E 377 16.76 13.20 -33.02
CA PHE E 377 18.01 13.94 -33.02
C PHE E 377 19.07 13.23 -33.85
N LEU E 378 19.16 11.91 -33.72
CA LEU E 378 20.12 11.15 -34.52
C LEU E 378 19.82 11.25 -36.01
N LEU E 379 18.54 11.19 -36.39
CA LEU E 379 18.18 11.28 -37.80
C LEU E 379 18.47 12.67 -38.36
N MET E 380 18.20 13.72 -37.59
CA MET E 380 18.53 15.06 -38.06
C MET E 380 20.04 15.26 -38.13
N LEU E 381 20.80 14.50 -37.33
CA LEU E 381 22.25 14.56 -37.46
C LEU E 381 22.71 13.88 -38.73
N THR E 382 22.38 12.60 -38.89
CA THR E 382 22.86 11.84 -40.04
C THR E 382 22.23 12.32 -41.34
N GLU E 383 20.96 12.69 -41.31
CA GLU E 383 20.21 13.08 -42.49
C GLU E 383 19.81 14.54 -42.39
N LYS E 384 19.74 15.20 -43.54
CA LYS E 384 19.41 16.62 -43.63
C LYS E 384 18.03 16.77 -44.25
N ALA E 385 17.03 17.02 -43.41
CA ALA E 385 15.66 17.18 -43.85
C ALA E 385 14.91 18.00 -42.82
N SER E 386 13.74 18.50 -43.22
CA SER E 386 12.92 19.32 -42.34
C SER E 386 12.43 18.52 -41.14
N PHE E 387 12.10 19.25 -40.06
CA PHE E 387 11.73 18.60 -38.81
C PHE E 387 10.47 17.76 -38.96
N ASP E 388 9.47 18.27 -39.69
CA ASP E 388 8.22 17.54 -39.82
C ASP E 388 8.42 16.20 -40.51
N LYS E 389 9.25 16.16 -41.55
CA LYS E 389 9.56 14.90 -42.20
C LYS E 389 10.28 13.94 -41.27
N VAL E 390 11.30 14.43 -40.55
CA VAL E 390 12.07 13.57 -39.65
C VAL E 390 11.19 13.05 -38.52
N MET E 391 10.39 13.93 -37.92
CA MET E 391 9.53 13.51 -36.81
C MET E 391 8.47 12.53 -37.30
N PHE E 392 7.88 12.79 -38.46
CA PHE E 392 6.86 11.88 -39.00
C PHE E 392 7.47 10.51 -39.30
N GLU E 393 8.66 10.49 -39.90
CA GLU E 393 9.29 9.21 -40.22
C GLU E 393 9.67 8.45 -38.96
N THR E 394 10.16 9.16 -37.94
CA THR E 394 10.50 8.50 -36.68
C THR E 394 9.27 7.91 -36.01
N ILE E 395 8.17 8.67 -35.97
CA ILE E 395 6.94 8.15 -35.39
C ILE E 395 6.44 6.94 -36.18
N SER E 396 6.53 6.99 -37.51
CA SER E 396 6.08 5.88 -38.33
C SER E 396 6.91 4.63 -38.08
N ALA E 397 8.23 4.79 -37.97
CA ALA E 397 9.10 3.64 -37.74
C ALA E 397 8.90 3.05 -36.35
N PHE E 398 8.82 3.91 -35.32
CA PHE E 398 8.65 3.41 -33.96
C PHE E 398 7.28 2.78 -33.77
N ALA E 399 6.24 3.38 -34.37
CA ALA E 399 4.88 2.89 -34.19
C ALA E 399 4.53 1.75 -35.14
N THR E 400 5.47 1.34 -35.99
CA THR E 400 5.35 0.17 -36.87
C THR E 400 4.39 0.47 -38.01
N VAL E 401 3.86 1.69 -38.08
CA VAL E 401 2.87 2.03 -39.10
C VAL E 401 3.48 1.92 -40.50
N GLY E 402 4.65 2.51 -40.69
CA GLY E 402 5.31 2.42 -41.99
C GLY E 402 4.86 3.46 -43.00
N LEU E 403 4.09 4.45 -42.60
CA LEU E 403 3.69 5.51 -43.51
C LEU E 403 4.84 6.48 -43.71
N THR E 404 5.19 6.75 -44.96
CA THR E 404 6.33 7.59 -45.28
C THR E 404 5.87 8.97 -45.73
N ALA E 405 6.73 9.96 -45.50
CA ALA E 405 6.50 11.33 -45.92
C ALA E 405 7.54 11.81 -46.93
N GLY E 406 8.25 10.88 -47.56
CA GLY E 406 9.28 11.21 -48.54
C GLY E 406 10.70 11.14 -48.02
N LEU E 407 10.91 10.67 -46.79
CA LEU E 407 12.24 10.62 -46.20
C LEU E 407 12.88 9.25 -46.29
N THR E 408 12.09 8.18 -46.37
CA THR E 408 12.65 6.83 -46.46
C THR E 408 13.44 6.63 -47.75
N ALA E 409 12.97 7.17 -48.87
CA ALA E 409 13.67 6.98 -50.13
C ALA E 409 15.04 7.66 -50.13
N GLU E 410 15.19 8.73 -49.34
CA GLU E 410 16.42 9.49 -49.29
C GLU E 410 17.28 9.17 -48.07
N LEU E 411 17.07 8.01 -47.45
CA LEU E 411 17.85 7.62 -46.29
C LEU E 411 19.31 7.39 -46.66
N SER E 412 20.19 7.71 -45.71
CA SER E 412 21.59 7.31 -45.80
C SER E 412 21.81 6.00 -45.05
N GLU E 413 23.01 5.45 -45.18
CA GLU E 413 23.32 4.18 -44.50
C GLU E 413 23.22 4.31 -42.98
N PRO E 414 23.83 5.31 -42.33
CA PRO E 414 23.57 5.49 -40.89
C PRO E 414 22.11 5.75 -40.59
N GLY E 415 21.41 6.48 -41.47
CA GLY E 415 19.99 6.65 -41.29
C GLY E 415 19.24 5.34 -41.34
N LYS E 416 19.65 4.46 -42.26
CA LYS E 416 19.03 3.13 -42.32
C LYS E 416 19.28 2.34 -41.05
N TYR E 417 20.51 2.41 -40.50
CA TYR E 417 20.78 1.73 -39.24
C TYR E 417 19.92 2.26 -38.10
N ILE E 418 19.82 3.59 -37.99
CA ILE E 418 19.02 4.18 -36.92
C ILE E 418 17.55 3.80 -37.08
N MET E 419 17.05 3.82 -38.31
CA MET E 419 15.66 3.45 -38.55
C MET E 419 15.43 1.98 -38.23
N ILE E 420 16.42 1.13 -38.49
CA ILE E 420 16.32 -0.29 -38.13
C ILE E 420 16.21 -0.45 -36.63
N VAL E 421 17.06 0.26 -35.88
CA VAL E 421 17.01 0.18 -34.43
C VAL E 421 15.66 0.69 -33.91
N VAL E 422 15.15 1.77 -34.50
CA VAL E 422 13.85 2.31 -34.08
C VAL E 422 12.74 1.30 -34.35
N MET E 423 12.80 0.63 -35.50
CA MET E 423 11.80 -0.39 -35.82
C MET E 423 11.85 -1.55 -34.84
N ILE E 424 13.07 -1.99 -34.46
CA ILE E 424 13.19 -3.10 -33.53
C ILE E 424 12.68 -2.72 -32.16
N ILE E 425 13.08 -1.55 -31.66
CA ILE E 425 12.67 -1.11 -30.33
C ILE E 425 11.17 -0.83 -30.30
N GLY E 426 10.63 -0.26 -31.37
CA GLY E 426 9.22 0.05 -31.39
C GLY E 426 8.33 -1.18 -31.41
N ARG E 427 8.78 -2.24 -32.09
CA ARG E 427 7.95 -3.42 -32.24
C ARG E 427 7.82 -4.20 -30.93
N ILE E 428 8.90 -4.27 -30.15
CA ILE E 428 8.92 -5.09 -28.94
C ILE E 428 8.96 -4.26 -27.68
N GLY E 429 9.20 -2.96 -27.76
CA GLY E 429 9.44 -2.12 -26.60
C GLY E 429 8.31 -2.05 -25.60
N PRO E 430 7.15 -1.53 -26.01
CA PRO E 430 6.06 -1.33 -25.05
C PRO E 430 5.63 -2.60 -24.33
N LEU E 431 5.57 -3.73 -25.05
CA LEU E 431 5.29 -5.00 -24.38
C LEU E 431 6.43 -5.38 -23.45
N THR E 432 7.67 -5.16 -23.87
CA THR E 432 8.82 -5.46 -23.03
C THR E 432 8.83 -4.59 -21.77
N LEU E 433 8.56 -3.30 -21.92
CA LEU E 433 8.54 -2.42 -20.75
C LEU E 433 7.35 -2.73 -19.84
N ALA E 434 6.25 -3.21 -20.42
CA ALA E 434 5.13 -3.67 -19.61
C ALA E 434 5.52 -4.89 -18.78
N TYR E 435 6.25 -5.83 -19.38
CA TYR E 435 6.60 -7.04 -18.63
C TYR E 435 7.76 -6.84 -17.67
N MET E 436 8.65 -5.88 -17.91
CA MET E 436 9.65 -5.56 -16.89
C MET E 436 8.98 -5.00 -15.64
N LEU E 437 7.92 -4.21 -15.80
CA LEU E 437 7.15 -3.77 -14.65
C LEU E 437 6.31 -4.88 -14.04
N ALA E 438 6.15 -6.00 -14.74
CA ALA E 438 5.18 -7.00 -14.31
C ALA E 438 5.63 -7.69 -13.03
N ARG E 439 6.88 -8.13 -12.98
CA ARG E 439 7.46 -8.75 -11.80
C ARG E 439 8.97 -8.47 -11.73
N PRO E 440 9.35 -7.37 -11.06
CA PRO E 440 10.76 -6.95 -10.99
C PRO E 440 11.56 -7.77 -9.99
N GLU E 441 12.85 -7.45 -9.89
CA GLU E 441 13.71 -8.09 -8.90
C GLU E 441 13.27 -7.74 -7.49
N PRO E 442 13.10 -8.72 -6.61
CA PRO E 442 12.92 -8.38 -5.19
C PRO E 442 14.25 -7.99 -4.56
N THR E 443 14.19 -7.12 -3.57
CA THR E 443 15.37 -6.66 -2.86
C THR E 443 15.23 -6.88 -1.37
N LEU E 444 16.36 -7.19 -0.73
CA LEU E 444 16.43 -7.36 0.71
C LEU E 444 16.89 -6.10 1.43
N ILE E 445 17.44 -5.14 0.70
CA ILE E 445 17.94 -3.89 1.24
C ILE E 445 17.12 -2.75 0.66
N LYS E 446 16.53 -1.94 1.54
CA LYS E 446 15.74 -0.79 1.12
C LYS E 446 16.27 0.47 1.80
N TYR E 447 16.21 1.58 1.09
CA TYR E 447 16.71 2.86 1.58
C TYR E 447 15.55 3.71 2.08
N PRO E 448 15.82 4.66 2.97
CA PRO E 448 14.74 5.51 3.49
C PRO E 448 14.11 6.35 2.40
N GLU E 449 12.82 6.63 2.57
CA GLU E 449 12.09 7.42 1.59
C GLU E 449 12.24 8.91 1.89
N ASP E 450 12.53 9.69 0.86
CA ASP E 450 12.69 11.13 0.98
C ASP E 450 11.86 11.81 -0.11
N THR E 451 11.32 12.98 0.24
CA THR E 451 10.41 13.69 -0.65
C THR E 451 11.19 14.57 -1.64
N VAL E 452 10.78 14.51 -2.90
CA VAL E 452 11.36 15.32 -3.97
C VAL E 452 10.27 16.19 -4.56
N LEU E 453 10.55 17.49 -4.66
CA LEU E 453 9.56 18.44 -5.15
C LEU E 453 9.34 18.25 -6.65
N THR E 454 8.09 18.23 -7.07
CA THR E 454 7.73 18.12 -8.48
C THR E 454 6.80 19.24 -8.87
N GLY E 455 6.89 19.65 -10.14
CA GLY E 455 6.01 20.66 -10.67
C GLY E 455 6.32 22.09 -10.21
N LYS F 6 37.04 4.09 11.56
CA LYS F 6 36.11 3.75 12.67
C LYS F 6 34.69 3.63 12.11
N GLN F 7 34.39 2.51 11.42
CA GLN F 7 33.05 2.30 10.91
C GLN F 7 32.26 1.48 11.91
N PHE F 8 31.08 1.96 12.26
CA PHE F 8 30.21 1.31 13.23
C PHE F 8 28.89 0.94 12.58
N ALA F 9 28.28 -0.14 13.06
CA ALA F 9 26.97 -0.57 12.60
C ALA F 9 26.06 -0.75 13.82
N VAL F 10 24.94 -0.05 13.82
CA VAL F 10 23.96 -0.12 14.91
C VAL F 10 22.69 -0.76 14.36
N ILE F 11 22.34 -1.92 14.89
CA ILE F 11 21.16 -2.67 14.46
C ILE F 11 20.08 -2.47 15.52
N GLY F 12 18.97 -1.85 15.12
CA GLY F 12 17.95 -1.45 16.06
C GLY F 12 18.10 0.01 16.42
N LEU F 13 17.11 0.82 16.08
CA LEU F 13 17.21 2.28 16.21
C LEU F 13 16.19 2.78 17.22
N GLY F 14 16.03 2.04 18.32
CA GLY F 14 15.14 2.41 19.39
C GLY F 14 15.64 3.58 20.19
N ARG F 15 15.16 3.67 21.43
CA ARG F 15 15.60 4.75 22.31
C ARG F 15 17.09 4.65 22.60
N PHE F 16 17.58 3.43 22.83
CA PHE F 16 19.01 3.23 23.06
C PHE F 16 19.80 3.36 21.76
N GLY F 17 19.27 2.82 20.66
CA GLY F 17 20.04 2.78 19.42
C GLY F 17 20.32 4.16 18.85
N LEU F 18 19.31 5.04 18.86
CA LEU F 18 19.48 6.37 18.27
C LEU F 18 20.53 7.17 19.03
N ALA F 19 20.53 7.07 20.37
CA ALA F 19 21.51 7.81 21.15
C ALA F 19 22.93 7.36 20.84
N VAL F 20 23.12 6.04 20.66
CA VAL F 20 24.42 5.53 20.25
C VAL F 20 24.80 6.09 18.88
N CYS F 21 23.86 6.07 17.94
CA CYS F 21 24.13 6.62 16.61
C CYS F 21 24.45 8.10 16.68
N LYS F 22 23.66 8.86 17.45
CA LYS F 22 23.89 10.29 17.58
C LYS F 22 25.28 10.57 18.14
N GLU F 23 25.64 9.91 19.23
CA GLU F 23 26.95 10.16 19.85
C GLU F 23 28.09 9.74 18.92
N LEU F 24 27.97 8.57 18.28
CA LEU F 24 29.01 8.11 17.39
C LEU F 24 29.22 9.05 16.22
N GLN F 25 28.12 9.53 15.61
CA GLN F 25 28.24 10.42 14.48
C GLN F 25 28.76 11.79 14.90
N ASP F 26 28.35 12.27 16.08
CA ASP F 26 28.85 13.54 16.57
C ASP F 26 30.34 13.47 16.88
N SER F 27 30.81 12.28 17.28
CA SER F 27 32.23 12.11 17.58
C SER F 27 33.10 11.94 16.34
N GLY F 28 32.55 12.20 15.15
CA GLY F 28 33.36 12.21 13.94
C GLY F 28 33.49 10.88 13.23
N SER F 29 32.72 9.87 13.61
CA SER F 29 32.81 8.56 12.96
C SER F 29 31.55 8.29 12.14
N GLN F 30 31.72 7.51 11.08
CA GLN F 30 30.63 7.13 10.19
C GLN F 30 30.00 5.85 10.70
N VAL F 31 28.67 5.84 10.80
CA VAL F 31 27.94 4.70 11.34
C VAL F 31 26.89 4.25 10.32
N LEU F 32 26.49 2.99 10.43
CA LEU F 32 25.44 2.42 9.60
C LEU F 32 24.24 2.08 10.50
N ALA F 33 23.07 2.60 10.14
CA ALA F 33 21.85 2.39 10.90
C ALA F 33 20.95 1.41 10.16
N VAL F 34 20.52 0.36 10.85
CA VAL F 34 19.65 -0.67 10.28
C VAL F 34 18.44 -0.85 11.19
N ASP F 35 17.26 -0.89 10.59
CA ASP F 35 16.03 -1.08 11.34
C ASP F 35 14.95 -1.60 10.41
N ILE F 36 14.05 -2.41 10.97
CA ILE F 36 12.93 -2.92 10.19
C ILE F 36 11.80 -1.91 10.08
N ASN F 37 11.70 -0.97 11.03
CA ASN F 37 10.68 0.07 11.02
C ASN F 37 11.20 1.20 10.15
N GLU F 38 10.58 1.38 8.97
CA GLU F 38 11.05 2.39 8.04
C GLU F 38 10.91 3.80 8.61
N ASP F 39 9.79 4.08 9.28
CA ASP F 39 9.57 5.41 9.83
C ASP F 39 10.63 5.75 10.88
N ARG F 40 11.17 4.73 11.54
CA ARG F 40 12.23 4.97 12.52
C ARG F 40 13.58 5.11 11.83
N VAL F 41 13.73 4.51 10.64
CA VAL F 41 14.93 4.71 9.85
C VAL F 41 15.00 6.15 9.34
N LYS F 42 13.84 6.75 9.04
CA LYS F 42 13.80 8.12 8.54
C LYS F 42 14.39 9.09 9.55
N GLU F 43 14.06 8.91 10.83
CA GLU F 43 14.59 9.79 11.86
C GLU F 43 16.11 9.72 11.94
N ALA F 44 16.66 8.51 11.89
CA ALA F 44 18.11 8.36 11.97
C ALA F 44 18.80 8.79 10.68
N ALA F 45 18.08 8.78 9.56
CA ALA F 45 18.70 9.07 8.27
C ALA F 45 19.22 10.50 8.18
N GLY F 46 18.70 11.40 9.02
CA GLY F 46 19.15 12.77 8.98
C GLY F 46 20.60 12.94 9.42
N PHE F 47 20.98 12.29 10.52
CA PHE F 47 22.28 12.49 11.12
C PHE F 47 23.23 11.31 10.95
N VAL F 48 22.78 10.20 10.36
CA VAL F 48 23.60 9.02 10.18
C VAL F 48 24.14 9.02 8.75
N SER F 49 25.39 8.55 8.59
CA SER F 49 26.01 8.53 7.27
C SER F 49 25.16 7.75 6.27
N GLN F 50 24.71 6.55 6.64
CA GLN F 50 23.86 5.75 5.79
C GLN F 50 22.88 4.95 6.66
N ALA F 51 21.61 4.96 6.27
CA ALA F 51 20.54 4.27 6.99
C ALA F 51 19.87 3.30 6.04
N ILE F 52 19.53 2.12 6.55
CA ILE F 52 19.00 1.04 5.73
C ILE F 52 17.82 0.39 6.45
N VAL F 53 16.75 0.12 5.69
CA VAL F 53 15.59 -0.62 6.17
C VAL F 53 15.83 -2.08 5.80
N ALA F 54 16.24 -2.88 6.78
CA ALA F 54 16.56 -4.27 6.53
C ALA F 54 16.24 -5.11 7.75
N ASN F 55 16.01 -6.40 7.52
CA ASN F 55 15.74 -7.34 8.60
C ASN F 55 17.01 -8.15 8.86
N CYS F 56 17.60 -7.99 10.04
CA CYS F 56 18.89 -8.57 10.34
C CYS F 56 18.80 -9.98 10.89
N THR F 57 17.60 -10.55 10.99
CA THR F 57 17.44 -11.95 11.36
C THR F 57 17.48 -12.88 10.17
N HIS F 58 17.70 -12.35 8.96
CA HIS F 58 17.84 -13.16 7.77
C HIS F 58 19.31 -13.15 7.36
N GLU F 59 19.87 -14.34 7.08
CA GLU F 59 21.30 -14.44 6.82
C GLU F 59 21.71 -13.70 5.56
N GLU F 60 20.91 -13.82 4.49
CA GLU F 60 21.28 -13.18 3.23
C GLU F 60 21.23 -11.66 3.34
N THR F 61 20.29 -11.13 4.12
CA THR F 61 20.23 -9.69 4.32
C THR F 61 21.49 -9.17 5.00
N VAL F 62 21.96 -9.89 6.02
CA VAL F 62 23.20 -9.52 6.70
C VAL F 62 24.38 -9.66 5.75
N ALA F 63 24.35 -10.67 4.88
CA ALA F 63 25.42 -10.82 3.89
C ALA F 63 25.47 -9.64 2.94
N GLU F 64 24.30 -9.15 2.51
CA GLU F 64 24.26 -7.99 1.63
C GLU F 64 24.67 -6.72 2.37
N LEU F 65 24.49 -6.70 3.70
CA LEU F 65 24.87 -5.53 4.48
C LEU F 65 26.37 -5.37 4.61
N LYS F 66 27.14 -6.45 4.40
CA LYS F 66 28.60 -6.42 4.56
C LYS F 66 29.01 -5.94 5.94
N LEU F 67 28.42 -6.56 6.97
CA LEU F 67 28.76 -6.21 8.34
C LEU F 67 30.18 -6.62 8.71
N ASP F 68 30.78 -7.54 7.97
CA ASP F 68 32.14 -7.97 8.26
C ASP F 68 33.15 -6.84 8.09
N ASP F 69 32.87 -5.90 7.16
CA ASP F 69 33.79 -4.80 6.94
C ASP F 69 33.85 -3.86 8.13
N TYR F 70 32.71 -3.65 8.80
CA TYR F 70 32.64 -2.71 9.90
C TYR F 70 33.44 -3.21 11.10
N ASP F 71 34.07 -2.28 11.81
CA ASP F 71 34.91 -2.64 12.96
C ASP F 71 34.08 -3.22 14.09
N MET F 72 32.93 -2.60 14.38
CA MET F 72 32.12 -2.97 15.52
C MET F 72 30.65 -2.87 15.17
N VAL F 73 29.86 -3.84 15.63
CA VAL F 73 28.44 -3.92 15.34
C VAL F 73 27.67 -3.93 16.66
N MET F 74 26.73 -2.99 16.80
CA MET F 74 25.85 -2.91 17.95
C MET F 74 24.45 -3.41 17.57
N ILE F 75 23.92 -4.35 18.33
CA ILE F 75 22.53 -4.79 18.20
C ILE F 75 21.76 -4.23 19.38
N ALA F 76 20.83 -3.31 19.08
CA ALA F 76 20.05 -2.63 20.10
C ALA F 76 18.58 -3.04 20.05
N ILE F 77 18.32 -4.30 19.74
CA ILE F 77 16.95 -4.80 19.70
C ILE F 77 16.52 -5.16 21.11
N GLY F 78 15.56 -4.41 21.66
CA GLY F 78 15.17 -4.57 23.03
C GLY F 78 13.94 -5.41 23.28
N ALA F 79 12.85 -5.12 22.56
CA ALA F 79 11.58 -5.79 22.84
C ALA F 79 11.61 -7.24 22.37
N ASP F 80 12.11 -7.49 21.17
CA ASP F 80 12.12 -8.84 20.61
C ASP F 80 13.41 -9.52 21.03
N VAL F 81 13.33 -10.34 22.08
CA VAL F 81 14.49 -11.09 22.55
C VAL F 81 14.96 -12.06 21.47
N ASN F 82 14.03 -12.75 20.82
CA ASN F 82 14.39 -13.72 19.79
C ASN F 82 15.10 -13.04 18.63
N ALA F 83 14.65 -11.85 18.24
CA ALA F 83 15.31 -11.11 17.17
C ALA F 83 16.73 -10.73 17.57
N SER F 84 16.94 -10.33 18.82
CA SER F 84 18.28 -10.01 19.29
C SER F 84 19.19 -11.23 19.25
N ILE F 85 18.67 -12.38 19.69
CA ILE F 85 19.45 -13.62 19.67
C ILE F 85 19.83 -13.98 18.24
N LEU F 86 18.87 -13.93 17.32
CA LEU F 86 19.14 -14.28 15.94
C LEU F 86 20.13 -13.30 15.31
N ALA F 87 19.98 -12.01 15.58
CA ALA F 87 20.89 -11.01 15.03
C ALA F 87 22.31 -11.22 15.53
N THR F 88 22.47 -11.48 16.83
CA THR F 88 23.79 -11.73 17.38
C THR F 88 24.41 -12.98 16.76
N LEU F 89 23.64 -14.06 16.66
CA LEU F 89 24.16 -15.29 16.08
C LEU F 89 24.60 -15.07 14.64
N ILE F 90 23.74 -14.45 13.83
CA ILE F 90 24.05 -14.26 12.41
C ILE F 90 25.23 -13.32 12.24
N ALA F 91 25.34 -12.30 13.11
CA ALA F 91 26.49 -11.42 13.05
C ALA F 91 27.78 -12.17 13.35
N LYS F 92 27.74 -13.08 14.33
CA LYS F 92 28.92 -13.90 14.61
C LYS F 92 29.27 -14.80 13.43
N GLU F 93 28.27 -15.41 12.80
CA GLU F 93 28.55 -16.21 11.61
C GLU F 93 29.02 -15.35 10.45
N ALA F 94 28.52 -14.11 10.37
CA ALA F 94 28.95 -13.21 9.31
C ALA F 94 30.45 -12.93 9.41
N GLY F 95 30.97 -12.79 10.63
CA GLY F 95 32.38 -12.59 10.82
C GLY F 95 32.75 -11.24 11.38
N VAL F 96 31.86 -10.65 12.18
CA VAL F 96 32.11 -9.37 12.83
C VAL F 96 33.14 -9.59 13.94
N LYS F 97 34.15 -8.72 14.00
CA LYS F 97 35.21 -8.89 14.98
C LYS F 97 34.69 -8.59 16.39
N SER F 98 33.99 -7.47 16.56
CA SER F 98 33.50 -7.04 17.86
C SER F 98 31.99 -6.83 17.77
N VAL F 99 31.23 -7.52 18.61
CA VAL F 99 29.79 -7.43 18.63
C VAL F 99 29.34 -6.98 20.01
N TRP F 100 28.49 -5.95 20.05
CA TRP F 100 27.93 -5.42 21.28
C TRP F 100 26.42 -5.56 21.23
N VAL F 101 25.84 -6.12 22.29
CA VAL F 101 24.42 -6.46 22.30
C VAL F 101 23.79 -5.90 23.57
N LYS F 102 22.64 -5.25 23.42
CA LYS F 102 21.83 -4.81 24.54
C LYS F 102 21.05 -5.99 25.10
N ALA F 103 21.00 -6.11 26.42
CA ALA F 103 20.27 -7.17 27.08
C ALA F 103 19.25 -6.58 28.04
N ASN F 104 18.05 -7.15 28.03
CA ASN F 104 16.98 -6.71 28.92
C ASN F 104 16.72 -7.65 30.07
N ASP F 105 17.37 -8.82 30.09
CA ASP F 105 17.17 -9.80 31.14
C ASP F 105 18.47 -10.54 31.42
N ARG F 106 18.60 -11.05 32.64
CA ARG F 106 19.80 -11.78 33.01
C ARG F 106 19.92 -13.09 32.26
N PHE F 107 18.79 -13.79 32.07
CA PHE F 107 18.81 -15.00 31.25
C PHE F 107 19.18 -14.68 29.82
N GLN F 108 18.63 -13.59 29.27
CA GLN F 108 19.02 -13.14 27.94
C GLN F 108 20.51 -12.82 27.89
N ALA F 109 21.02 -12.16 28.93
CA ALA F 109 22.44 -11.81 28.96
C ALA F 109 23.32 -13.05 28.96
N ARG F 110 22.97 -14.06 29.75
CA ARG F 110 23.80 -15.26 29.80
C ARG F 110 23.68 -16.07 28.51
N VAL F 111 22.49 -16.10 27.90
CA VAL F 111 22.36 -16.75 26.60
C VAL F 111 23.24 -16.05 25.57
N LEU F 112 23.21 -14.72 25.54
CA LEU F 112 24.04 -13.98 24.60
C LEU F 112 25.52 -14.21 24.85
N GLN F 113 25.91 -14.30 26.13
CA GLN F 113 27.30 -14.60 26.45
C GLN F 113 27.70 -15.97 25.94
N LYS F 114 26.82 -16.96 26.10
CA LYS F 114 27.12 -18.30 25.58
C LYS F 114 27.21 -18.31 24.06
N ILE F 115 26.38 -17.52 23.38
CA ILE F 115 26.46 -17.47 21.91
C ILE F 115 27.80 -16.92 21.45
N GLY F 116 28.32 -15.90 22.12
CA GLY F 116 29.59 -15.34 21.72
C GLY F 116 29.63 -13.82 21.66
N ALA F 117 28.61 -13.17 22.19
CA ALA F 117 28.61 -11.71 22.24
C ALA F 117 29.80 -11.21 23.05
N ASP F 118 30.54 -10.27 22.48
CA ASP F 118 31.77 -9.77 23.10
C ASP F 118 31.49 -8.84 24.27
N HIS F 119 30.53 -7.94 24.14
CA HIS F 119 30.15 -7.01 25.20
C HIS F 119 28.64 -7.02 25.32
N ILE F 120 28.15 -7.15 26.56
CA ILE F 120 26.72 -7.21 26.83
C ILE F 120 26.35 -6.02 27.71
N ILE F 121 25.36 -5.26 27.29
CA ILE F 121 24.91 -4.06 28.00
C ILE F 121 23.50 -4.30 28.51
N MET F 122 23.32 -4.16 29.82
CA MET F 122 21.99 -4.14 30.42
C MET F 122 21.71 -2.72 30.88
N PRO F 123 20.95 -1.92 30.12
CA PRO F 123 20.84 -0.48 30.45
C PRO F 123 20.30 -0.21 31.84
N GLU F 124 19.28 -0.95 32.27
CA GLU F 124 18.68 -0.69 33.57
C GLU F 124 19.67 -0.95 34.69
N ARG F 125 20.33 -2.12 34.68
CA ARG F 125 21.26 -2.47 35.74
C ARG F 125 22.47 -1.55 35.77
N ASP F 126 23.09 -1.30 34.62
CA ASP F 126 24.26 -0.45 34.57
C ASP F 126 23.93 0.99 34.98
N MET F 127 22.81 1.51 34.48
CA MET F 127 22.38 2.85 34.86
C MET F 127 22.09 2.93 36.34
N GLY F 128 21.49 1.88 36.92
CA GLY F 128 21.25 1.88 38.35
C GLY F 128 22.54 1.89 39.14
N ILE F 129 23.51 1.06 38.75
CA ILE F 129 24.79 1.03 39.44
C ILE F 129 25.45 2.41 39.40
N ARG F 130 25.49 3.03 38.21
CA ARG F 130 26.28 4.25 38.09
C ARG F 130 25.52 5.45 38.67
N VAL F 131 24.20 5.43 38.65
CA VAL F 131 23.43 6.46 39.36
C VAL F 131 23.58 6.31 40.87
N ALA F 132 23.67 5.08 41.36
CA ALA F 132 23.98 4.88 42.78
C ALA F 132 25.35 5.45 43.11
N ARG F 133 26.32 5.26 42.21
CA ARG F 133 27.63 5.87 42.40
C ARG F 133 27.54 7.39 42.43
N LYS F 134 26.75 7.97 41.53
CA LYS F 134 26.57 9.43 41.53
C LYS F 134 25.93 9.92 42.82
N MET F 135 24.91 9.21 43.31
CA MET F 135 24.23 9.61 44.54
C MET F 135 25.15 9.45 45.74
N LEU F 136 26.04 8.47 45.71
CA LEU F 136 27.05 8.34 46.75
C LEU F 136 27.99 9.53 46.80
N ASP F 137 28.41 10.04 45.64
CA ASP F 137 29.32 11.18 45.60
C ASP F 137 28.57 12.45 45.19
N LYS G 6 -35.65 0.97 49.38
CA LYS G 6 -35.67 0.64 47.96
C LYS G 6 -34.45 -0.19 47.57
N GLN G 7 -34.67 -1.25 46.81
CA GLN G 7 -33.62 -2.18 46.41
C GLN G 7 -33.27 -1.94 44.95
N PHE G 8 -31.99 -1.79 44.66
CA PHE G 8 -31.50 -1.54 43.31
C PHE G 8 -30.52 -2.64 42.91
N ALA G 9 -30.46 -2.92 41.61
CA ALA G 9 -29.53 -3.90 41.05
C ALA G 9 -28.62 -3.18 40.06
N VAL G 10 -27.32 -3.41 40.20
CA VAL G 10 -26.32 -2.80 39.34
C VAL G 10 -25.60 -3.90 38.58
N ILE G 11 -25.66 -3.84 37.26
CA ILE G 11 -24.98 -4.79 36.38
C ILE G 11 -23.75 -4.11 35.81
N GLY G 12 -22.58 -4.68 36.06
CA GLY G 12 -21.33 -4.05 35.69
C GLY G 12 -20.76 -3.24 36.83
N LEU G 13 -19.46 -3.41 37.10
CA LEU G 13 -18.81 -2.78 38.24
C LEU G 13 -17.58 -2.00 37.77
N GLY G 14 -17.77 -1.18 36.75
CA GLY G 14 -16.75 -0.27 36.27
C GLY G 14 -16.72 1.01 37.06
N ARG G 15 -16.15 2.05 36.46
CA ARG G 15 -16.07 3.35 37.12
C ARG G 15 -17.47 3.92 37.37
N PHE G 16 -18.36 3.76 36.40
CA PHE G 16 -19.73 4.25 36.54
C PHE G 16 -20.48 3.45 37.61
N GLY G 17 -20.39 2.12 37.55
CA GLY G 17 -21.13 1.29 38.48
C GLY G 17 -20.66 1.47 39.92
N LEU G 18 -19.35 1.61 40.11
CA LEU G 18 -18.83 1.82 41.46
C LEU G 18 -19.29 3.16 42.01
N ALA G 19 -19.34 4.20 41.19
CA ALA G 19 -19.86 5.49 41.66
C ALA G 19 -21.33 5.38 42.04
N VAL G 20 -22.12 4.68 41.22
CA VAL G 20 -23.53 4.46 41.56
C VAL G 20 -23.64 3.72 42.88
N CYS G 21 -22.79 2.72 43.09
CA CYS G 21 -22.83 1.95 44.34
C CYS G 21 -22.46 2.81 45.53
N LYS G 22 -21.39 3.61 45.41
CA LYS G 22 -21.06 4.61 46.43
C LYS G 22 -22.28 5.45 46.80
N GLU G 23 -22.89 6.11 45.82
CA GLU G 23 -23.97 7.03 46.14
C GLU G 23 -25.17 6.31 46.73
N LEU G 24 -25.55 5.16 46.17
CA LEU G 24 -26.71 4.43 46.65
C LEU G 24 -26.50 3.90 48.06
N GLN G 25 -25.32 3.34 48.34
CA GLN G 25 -25.05 2.84 49.69
C GLN G 25 -24.96 3.99 50.70
N ASP G 26 -24.36 5.11 50.31
CA ASP G 26 -24.30 6.26 51.22
C ASP G 26 -25.68 6.87 51.42
N SER G 27 -26.62 6.62 50.50
CA SER G 27 -27.98 7.11 50.63
C SER G 27 -28.86 6.23 51.49
N GLY G 28 -28.34 5.10 51.99
CA GLY G 28 -29.10 4.25 52.88
C GLY G 28 -29.93 3.18 52.22
N SER G 29 -29.64 2.84 50.97
CA SER G 29 -30.38 1.82 50.24
C SER G 29 -29.55 0.55 50.11
N GLN G 30 -30.23 -0.56 49.79
CA GLN G 30 -29.59 -1.85 49.63
C GLN G 30 -29.47 -2.15 48.14
N VAL G 31 -28.26 -2.49 47.69
CA VAL G 31 -27.98 -2.71 46.28
C VAL G 31 -27.29 -4.06 46.11
N LEU G 32 -27.45 -4.64 44.92
CA LEU G 32 -26.77 -5.87 44.54
C LEU G 32 -25.88 -5.59 43.33
N ALA G 33 -24.63 -6.02 43.41
CA ALA G 33 -23.63 -5.71 42.40
C ALA G 33 -23.22 -6.97 41.66
N VAL G 34 -23.25 -6.91 40.32
CA VAL G 34 -22.90 -8.04 39.47
C VAL G 34 -21.76 -7.63 38.54
N ASP G 35 -20.75 -8.47 38.45
CA ASP G 35 -19.65 -8.26 37.50
C ASP G 35 -19.06 -9.62 37.15
N ILE G 36 -18.38 -9.67 36.00
CA ILE G 36 -17.76 -10.91 35.56
C ILE G 36 -16.35 -11.08 36.09
N ASN G 37 -15.67 -9.98 36.44
CA ASN G 37 -14.30 -10.05 36.93
C ASN G 37 -14.32 -10.09 38.45
N GLU G 38 -13.59 -11.03 39.04
CA GLU G 38 -13.59 -11.20 40.48
C GLU G 38 -12.87 -10.04 41.18
N ASP G 39 -11.96 -9.38 40.47
CA ASP G 39 -11.22 -8.26 41.07
C ASP G 39 -12.15 -7.11 41.42
N ARG G 40 -13.08 -6.78 40.52
CA ARG G 40 -13.94 -5.62 40.74
C ARG G 40 -15.02 -5.90 41.78
N VAL G 41 -15.55 -7.13 41.80
CA VAL G 41 -16.61 -7.44 42.75
C VAL G 41 -16.06 -7.47 44.18
N LYS G 42 -14.81 -7.90 44.35
CA LYS G 42 -14.21 -7.90 45.69
C LYS G 42 -14.11 -6.49 46.24
N GLU G 43 -13.72 -5.53 45.40
CA GLU G 43 -13.71 -4.13 45.83
C GLU G 43 -15.13 -3.65 46.16
N ALA G 44 -16.09 -4.05 45.34
CA ALA G 44 -17.47 -3.64 45.58
C ALA G 44 -18.07 -4.35 46.80
N ALA G 45 -17.61 -5.56 47.10
CA ALA G 45 -18.18 -6.33 48.20
C ALA G 45 -17.97 -5.64 49.54
N GLY G 46 -17.03 -4.71 49.62
CA GLY G 46 -16.76 -4.04 50.89
C GLY G 46 -17.93 -3.21 51.38
N PHE G 47 -18.70 -2.63 50.46
CA PHE G 47 -19.73 -1.67 50.82
C PHE G 47 -21.13 -2.05 50.34
N VAL G 48 -21.26 -2.81 49.26
CA VAL G 48 -22.59 -3.16 48.76
C VAL G 48 -23.23 -4.18 49.69
N SER G 49 -24.57 -4.23 49.66
CA SER G 49 -25.30 -5.20 50.49
C SER G 49 -25.02 -6.63 50.03
N GLN G 50 -25.07 -6.86 48.72
CA GLN G 50 -24.80 -8.18 48.16
C GLN G 50 -23.91 -8.01 46.93
N ALA G 51 -22.86 -8.83 46.85
CA ALA G 51 -21.94 -8.81 45.71
C ALA G 51 -21.84 -10.22 45.16
N ILE G 52 -22.18 -10.38 43.88
CA ILE G 52 -22.19 -11.69 43.22
C ILE G 52 -21.45 -11.56 41.89
N VAL G 53 -20.55 -12.51 41.63
CA VAL G 53 -19.85 -12.59 40.36
C VAL G 53 -20.67 -13.47 39.43
N ALA G 54 -21.04 -12.91 38.28
CA ALA G 54 -21.91 -13.61 37.33
C ALA G 54 -21.85 -12.91 35.98
N ASN G 55 -22.29 -13.62 34.95
CA ASN G 55 -22.45 -13.07 33.61
C ASN G 55 -23.94 -12.84 33.36
N CYS G 56 -24.30 -11.62 32.99
CA CYS G 56 -25.69 -11.24 32.82
C CYS G 56 -26.19 -11.46 31.39
N THR G 57 -25.38 -12.07 30.53
CA THR G 57 -25.81 -12.40 29.18
C THR G 57 -26.41 -13.80 29.07
N HIS G 58 -26.47 -14.54 30.17
CA HIS G 58 -27.03 -15.88 30.19
C HIS G 58 -28.39 -15.84 30.88
N GLU G 59 -29.40 -16.41 30.22
CA GLU G 59 -30.77 -16.30 30.72
C GLU G 59 -30.94 -16.96 32.07
N GLU G 60 -30.37 -18.16 32.25
CA GLU G 60 -30.55 -18.89 33.50
C GLU G 60 -29.90 -18.15 34.67
N THR G 61 -28.70 -17.60 34.46
CA THR G 61 -28.02 -16.87 35.52
C THR G 61 -28.82 -15.64 35.94
N VAL G 62 -29.38 -14.91 34.96
CA VAL G 62 -30.20 -13.76 35.29
C VAL G 62 -31.47 -14.19 36.02
N ALA G 63 -32.05 -15.32 35.64
CA ALA G 63 -33.22 -15.83 36.33
C ALA G 63 -32.90 -16.18 37.78
N GLU G 64 -31.71 -16.76 38.02
CA GLU G 64 -31.32 -17.10 39.38
C GLU G 64 -31.18 -15.87 40.26
N LEU G 65 -30.75 -14.74 39.69
CA LEU G 65 -30.56 -13.53 40.48
C LEU G 65 -31.89 -12.87 40.86
N LYS G 66 -32.99 -13.23 40.19
CA LYS G 66 -34.31 -12.66 40.46
C LYS G 66 -34.29 -11.14 40.32
N LEU G 67 -33.95 -10.67 39.11
CA LEU G 67 -33.91 -9.23 38.84
C LEU G 67 -35.29 -8.59 38.89
N ASP G 68 -36.36 -9.38 38.73
CA ASP G 68 -37.70 -8.81 38.66
C ASP G 68 -38.14 -8.20 40.00
N ASP G 69 -37.54 -8.64 41.10
CA ASP G 69 -37.90 -8.10 42.40
C ASP G 69 -37.53 -6.63 42.51
N TYR G 70 -36.38 -6.24 41.99
CA TYR G 70 -35.90 -4.87 42.12
C TYR G 70 -36.70 -3.94 41.22
N ASP G 71 -37.00 -2.74 41.74
CA ASP G 71 -37.74 -1.76 40.96
C ASP G 71 -36.85 -1.07 39.93
N MET G 72 -35.59 -0.85 40.27
CA MET G 72 -34.64 -0.20 39.37
C MET G 72 -33.43 -1.10 39.20
N VAL G 73 -33.10 -1.42 37.95
CA VAL G 73 -31.93 -2.21 37.61
C VAL G 73 -31.02 -1.36 36.74
N MET G 74 -29.74 -1.31 37.08
CA MET G 74 -28.77 -0.49 36.36
C MET G 74 -27.78 -1.40 35.64
N ILE G 75 -27.53 -1.10 34.36
CA ILE G 75 -26.55 -1.82 33.56
C ILE G 75 -25.42 -0.85 33.23
N ALA G 76 -24.21 -1.20 33.63
CA ALA G 76 -23.05 -0.33 33.51
C ALA G 76 -21.93 -0.98 32.71
N ILE G 77 -22.29 -1.82 31.75
CA ILE G 77 -21.30 -2.45 30.88
C ILE G 77 -20.90 -1.45 29.80
N GLY G 78 -19.65 -0.99 29.84
CA GLY G 78 -19.19 0.04 28.94
C GLY G 78 -18.45 -0.42 27.71
N ALA G 79 -17.45 -1.27 27.88
CA ALA G 79 -16.58 -1.64 26.76
C ALA G 79 -17.30 -2.51 25.76
N ASP G 80 -17.99 -3.54 26.24
CA ASP G 80 -18.67 -4.50 25.36
C ASP G 80 -20.08 -3.99 25.08
N VAL G 81 -20.26 -3.44 23.88
CA VAL G 81 -21.59 -3.01 23.45
C VAL G 81 -22.51 -4.21 23.29
N ASN G 82 -21.97 -5.35 22.82
CA ASN G 82 -22.77 -6.56 22.70
C ASN G 82 -23.28 -7.00 24.06
N ALA G 83 -22.41 -6.98 25.07
CA ALA G 83 -22.83 -7.37 26.41
C ALA G 83 -23.90 -6.43 26.95
N SER G 84 -23.77 -5.13 26.71
CA SER G 84 -24.76 -4.17 27.21
C SER G 84 -26.12 -4.42 26.56
N ILE G 85 -26.14 -4.54 25.23
CA ILE G 85 -27.41 -4.77 24.53
C ILE G 85 -28.03 -6.10 24.96
N LEU G 86 -27.22 -7.15 25.04
CA LEU G 86 -27.75 -8.46 25.40
C LEU G 86 -28.27 -8.48 26.83
N ALA G 87 -27.54 -7.87 27.76
CA ALA G 87 -28.00 -7.81 29.15
C ALA G 87 -29.29 -7.00 29.27
N THR G 88 -29.39 -5.89 28.54
CA THR G 88 -30.63 -5.12 28.55
C THR G 88 -31.79 -5.96 28.02
N LEU G 89 -31.56 -6.69 26.93
CA LEU G 89 -32.61 -7.52 26.36
C LEU G 89 -33.05 -8.61 27.33
N ILE G 90 -32.08 -9.26 27.98
CA ILE G 90 -32.40 -10.32 28.94
C ILE G 90 -33.17 -9.75 30.12
N ALA G 91 -32.75 -8.59 30.62
CA ALA G 91 -33.47 -7.97 31.74
C ALA G 91 -34.89 -7.63 31.36
N LYS G 92 -35.09 -7.04 30.18
CA LYS G 92 -36.43 -6.71 29.74
C LYS G 92 -37.29 -7.95 29.55
N GLU G 93 -36.71 -9.03 29.00
CA GLU G 93 -37.47 -10.25 28.81
C GLU G 93 -37.79 -10.93 30.15
N ALA G 94 -36.95 -10.70 31.16
CA ALA G 94 -37.21 -11.26 32.48
C ALA G 94 -38.48 -10.66 33.09
N GLY G 95 -38.71 -9.37 32.86
CA GLY G 95 -39.90 -8.72 33.36
C GLY G 95 -39.63 -7.68 34.41
N VAL G 96 -38.47 -7.03 34.34
CA VAL G 96 -38.15 -5.95 35.26
C VAL G 96 -38.85 -4.68 34.80
N LYS G 97 -39.49 -3.98 35.73
CA LYS G 97 -40.38 -2.88 35.38
C LYS G 97 -39.62 -1.71 34.77
N SER G 98 -38.43 -1.41 35.29
CA SER G 98 -37.67 -0.24 34.87
C SER G 98 -36.22 -0.63 34.63
N VAL G 99 -35.70 -0.25 33.47
CA VAL G 99 -34.32 -0.55 33.08
C VAL G 99 -33.62 0.76 32.80
N TRP G 100 -32.44 0.94 33.41
CA TRP G 100 -31.56 2.06 33.09
C TRP G 100 -30.24 1.50 32.58
N VAL G 101 -29.82 1.95 31.40
CA VAL G 101 -28.64 1.42 30.73
C VAL G 101 -27.69 2.57 30.39
N LYS G 102 -26.39 2.30 30.50
CA LYS G 102 -25.37 3.27 30.11
C LYS G 102 -24.93 3.00 28.68
N ALA G 103 -24.87 4.06 27.88
CA ALA G 103 -24.49 3.96 26.48
C ALA G 103 -23.27 4.83 26.22
N ASN G 104 -22.43 4.40 25.27
CA ASN G 104 -21.20 5.11 24.94
C ASN G 104 -21.34 5.98 23.71
N ASP G 105 -22.18 5.60 22.76
CA ASP G 105 -22.35 6.35 21.52
C ASP G 105 -23.83 6.41 21.17
N ARG G 106 -24.14 7.17 20.11
CA ARG G 106 -25.53 7.40 19.75
C ARG G 106 -26.15 6.19 19.09
N PHE G 107 -25.37 5.39 18.36
CA PHE G 107 -25.90 4.19 17.73
C PHE G 107 -26.37 3.20 18.79
N GLN G 108 -25.55 2.98 19.81
CA GLN G 108 -25.97 2.17 20.95
C GLN G 108 -27.19 2.76 21.63
N ALA G 109 -27.25 4.09 21.70
CA ALA G 109 -28.39 4.75 22.32
C ALA G 109 -29.68 4.43 21.59
N ARG G 110 -29.67 4.50 20.25
CA ARG G 110 -30.90 4.24 19.52
C ARG G 110 -31.23 2.75 19.48
N VAL G 111 -30.21 1.90 19.50
CA VAL G 111 -30.47 0.45 19.62
C VAL G 111 -31.15 0.16 20.95
N LEU G 112 -30.67 0.77 22.03
CA LEU G 112 -31.32 0.60 23.34
C LEU G 112 -32.72 1.19 23.34
N GLN G 113 -32.92 2.29 22.63
CA GLN G 113 -34.26 2.86 22.49
C GLN G 113 -35.21 1.86 21.82
N LYS G 114 -34.74 1.20 20.77
CA LYS G 114 -35.56 0.18 20.11
C LYS G 114 -35.84 -0.99 21.04
N ILE G 115 -34.85 -1.39 21.84
CA ILE G 115 -35.04 -2.49 22.78
C ILE G 115 -36.11 -2.14 23.80
N GLY G 116 -36.04 -0.92 24.36
CA GLY G 116 -37.06 -0.49 25.29
C GLY G 116 -36.54 -0.09 26.64
N ALA G 117 -35.25 0.25 26.73
CA ALA G 117 -34.70 0.75 27.97
C ALA G 117 -35.42 2.02 28.40
N ASP G 118 -35.84 2.06 29.65
CA ASP G 118 -36.63 3.18 30.16
C ASP G 118 -35.86 4.49 30.15
N HIS G 119 -34.60 4.47 30.57
CA HIS G 119 -33.75 5.65 30.57
C HIS G 119 -32.35 5.26 30.11
N ILE G 120 -31.77 6.07 29.25
CA ILE G 120 -30.43 5.82 28.70
C ILE G 120 -29.53 6.98 29.13
N ILE G 121 -28.39 6.63 29.71
CA ILE G 121 -27.43 7.61 30.22
C ILE G 121 -26.16 7.50 29.40
N MET G 122 -25.77 8.60 28.76
CA MET G 122 -24.51 8.69 28.04
C MET G 122 -23.60 9.66 28.77
N PRO G 123 -22.66 9.17 29.60
CA PRO G 123 -21.94 10.08 30.50
C PRO G 123 -21.14 11.17 29.80
N GLU G 124 -20.51 10.85 28.67
CA GLU G 124 -19.64 11.83 28.02
C GLU G 124 -20.41 13.06 27.55
N ARG G 125 -21.48 12.84 26.78
CA ARG G 125 -22.22 13.97 26.25
C ARG G 125 -22.99 14.69 27.34
N ASP G 126 -23.51 13.96 28.33
CA ASP G 126 -24.24 14.60 29.43
C ASP G 126 -23.32 15.51 30.24
N MET G 127 -22.11 15.04 30.55
CA MET G 127 -21.15 15.90 31.22
C MET G 127 -20.72 17.06 30.34
N GLY G 128 -20.60 16.84 29.03
CA GLY G 128 -20.34 17.97 28.15
C GLY G 128 -21.42 19.05 28.28
N ILE G 129 -22.68 18.61 28.27
CA ILE G 129 -23.80 19.55 28.38
C ILE G 129 -23.72 20.30 29.69
N ARG G 130 -23.55 19.57 30.80
CA ARG G 130 -23.62 20.23 32.11
C ARG G 130 -22.39 21.08 32.39
N VAL G 131 -21.21 20.66 31.91
CA VAL G 131 -20.02 21.49 32.08
C VAL G 131 -20.16 22.77 31.28
N ALA G 132 -20.73 22.69 30.07
CA ALA G 132 -20.98 23.92 29.32
C ALA G 132 -21.95 24.83 30.06
N ARG G 133 -23.02 24.24 30.63
CA ARG G 133 -23.96 25.04 31.42
C ARG G 133 -23.28 25.69 32.61
N LYS G 134 -22.41 24.94 33.30
CA LYS G 134 -21.74 25.46 34.48
C LYS G 134 -20.77 26.57 34.11
N MET G 135 -20.07 26.44 32.98
CA MET G 135 -19.25 27.53 32.47
C MET G 135 -20.10 28.76 32.16
N LEU G 136 -21.30 28.54 31.64
CA LEU G 136 -22.20 29.66 31.37
C LEU G 136 -22.80 30.23 32.65
N ASP G 137 -22.54 29.61 33.80
CA ASP G 137 -22.98 30.10 35.11
C ASP G 137 -24.49 30.14 35.23
N LYS G 138 -25.16 29.04 34.88
CA LYS G 138 -26.61 28.95 34.99
C LYS G 138 -27.06 27.49 35.02
N LYS H 6 -17.66 34.54 28.16
CA LYS H 6 -17.85 35.08 26.82
C LYS H 6 -17.00 34.34 25.80
N GLN H 7 -15.69 34.40 25.98
CA GLN H 7 -14.73 33.71 25.11
C GLN H 7 -14.28 32.42 25.80
N PHE H 8 -14.39 31.30 25.08
CA PHE H 8 -14.08 30.00 25.63
C PHE H 8 -13.13 29.26 24.69
N ALA H 9 -12.29 28.41 25.27
CA ALA H 9 -11.36 27.59 24.51
C ALA H 9 -11.50 26.14 24.94
N VAL H 10 -11.68 25.25 23.97
CA VAL H 10 -11.81 23.82 24.22
C VAL H 10 -10.69 23.10 23.49
N ILE H 11 -9.87 22.37 24.25
CA ILE H 11 -8.77 21.60 23.69
C ILE H 11 -9.15 20.12 23.78
N GLY H 12 -9.17 19.45 22.63
CA GLY H 12 -9.66 18.09 22.57
C GLY H 12 -11.11 18.07 22.14
N LEU H 13 -11.39 17.50 20.97
CA LEU H 13 -12.72 17.56 20.40
C LEU H 13 -13.34 16.17 20.31
N GLY H 14 -13.18 15.37 21.36
CA GLY H 14 -13.78 14.06 21.45
C GLY H 14 -15.26 14.15 21.74
N ARG H 15 -15.78 13.09 22.37
CA ARG H 15 -17.18 13.07 22.75
C ARG H 15 -17.50 14.15 23.77
N PHE H 16 -16.61 14.32 24.76
CA PHE H 16 -16.82 15.34 25.78
C PHE H 16 -16.58 16.74 25.22
N GLY H 17 -15.52 16.90 24.43
CA GLY H 17 -15.20 18.22 23.91
C GLY H 17 -16.23 18.73 22.92
N LEU H 18 -16.72 17.86 22.03
CA LEU H 18 -17.72 18.27 21.06
C LEU H 18 -19.02 18.68 21.75
N ALA H 19 -19.42 17.95 22.79
CA ALA H 19 -20.65 18.28 23.51
C ALA H 19 -20.56 19.65 24.17
N VAL H 20 -19.39 19.98 24.72
CA VAL H 20 -19.21 21.29 25.35
C VAL H 20 -19.36 22.41 24.31
N CYS H 21 -18.75 22.22 23.14
CA CYS H 21 -18.77 23.25 22.11
C CYS H 21 -20.18 23.53 21.63
N LYS H 22 -21.01 22.49 21.51
CA LYS H 22 -22.35 22.66 20.96
C LYS H 22 -23.21 23.54 21.86
N GLU H 23 -23.17 23.31 23.18
CA GLU H 23 -23.95 24.16 24.08
C GLU H 23 -23.39 25.56 24.18
N LEU H 24 -22.06 25.69 24.16
CA LEU H 24 -21.44 27.00 24.28
C LEU H 24 -21.80 27.89 23.09
N GLN H 25 -21.94 27.30 21.91
CA GLN H 25 -22.34 28.08 20.74
C GLN H 25 -23.83 28.42 20.79
N ASP H 26 -24.65 27.52 21.34
CA ASP H 26 -26.08 27.78 21.42
C ASP H 26 -26.39 28.97 22.32
N SER H 27 -25.51 29.27 23.27
CA SER H 27 -25.72 30.37 24.20
C SER H 27 -25.11 31.66 23.67
N GLY H 28 -24.73 31.68 22.40
CA GLY H 28 -24.18 32.86 21.77
C GLY H 28 -22.86 33.32 22.36
N SER H 29 -21.93 32.39 22.55
CA SER H 29 -20.62 32.70 23.10
C SER H 29 -19.54 32.32 22.10
N GLN H 30 -18.47 33.11 22.07
CA GLN H 30 -17.33 32.83 21.21
C GLN H 30 -16.53 31.68 21.79
N VAL H 31 -16.49 30.56 21.08
CA VAL H 31 -15.79 29.36 21.55
C VAL H 31 -14.70 29.01 20.53
N LEU H 32 -13.52 28.66 21.04
CA LEU H 32 -12.39 28.26 20.21
C LEU H 32 -12.19 26.75 20.39
N ALA H 33 -12.23 26.02 19.28
CA ALA H 33 -12.02 24.58 19.29
C ALA H 33 -10.64 24.27 18.73
N VAL H 34 -9.83 23.56 19.51
CA VAL H 34 -8.46 23.21 19.13
C VAL H 34 -8.31 21.71 19.31
N ASP H 35 -7.77 21.04 18.29
CA ASP H 35 -7.56 19.60 18.34
C ASP H 35 -6.37 19.22 17.46
N ILE H 36 -5.70 18.13 17.83
CA ILE H 36 -4.55 17.68 17.06
C ILE H 36 -4.98 17.04 15.75
N ASN H 37 -6.10 16.32 15.76
CA ASN H 37 -6.56 15.60 14.58
C ASN H 37 -7.45 16.52 13.75
N GLU H 38 -7.07 16.72 12.48
CA GLU H 38 -7.83 17.63 11.61
C GLU H 38 -9.25 17.12 11.37
N ASP H 39 -9.40 15.80 11.27
CA ASP H 39 -10.72 15.24 10.97
C ASP H 39 -11.74 15.59 12.04
N ARG H 40 -11.33 15.62 13.31
CA ARG H 40 -12.26 15.98 14.37
C ARG H 40 -12.53 17.48 14.40
N VAL H 41 -11.54 18.29 14.01
CA VAL H 41 -11.74 19.73 13.95
C VAL H 41 -12.80 20.08 12.91
N LYS H 42 -12.80 19.36 11.78
CA LYS H 42 -13.78 19.63 10.74
C LYS H 42 -15.20 19.32 11.20
N GLU H 43 -15.35 18.28 12.03
CA GLU H 43 -16.67 17.94 12.55
C GLU H 43 -17.21 19.06 13.42
N ALA H 44 -16.36 19.66 14.24
CA ALA H 44 -16.75 20.77 15.11
C ALA H 44 -16.65 22.12 14.44
N ALA H 45 -16.23 22.18 13.17
CA ALA H 45 -16.01 23.45 12.50
C ALA H 45 -17.30 24.27 12.41
N GLY H 46 -18.41 23.61 12.10
CA GLY H 46 -19.68 24.28 11.98
C GLY H 46 -20.39 24.56 13.30
N PHE H 47 -19.81 24.12 14.42
CA PHE H 47 -20.40 24.34 15.72
C PHE H 47 -19.62 25.31 16.60
N VAL H 48 -18.55 25.92 16.08
CA VAL H 48 -17.72 26.83 16.85
C VAL H 48 -17.45 28.08 16.02
N SER H 49 -17.05 29.15 16.70
CA SER H 49 -16.68 30.38 16.00
C SER H 49 -15.40 30.19 15.21
N GLN H 50 -14.38 29.61 15.84
CA GLN H 50 -13.10 29.35 15.19
C GLN H 50 -12.66 27.93 15.51
N ALA H 51 -12.13 27.23 14.50
CA ALA H 51 -11.65 25.87 14.65
C ALA H 51 -10.20 25.82 14.15
N ILE H 52 -9.29 25.36 15.00
CA ILE H 52 -7.87 25.34 14.71
C ILE H 52 -7.33 23.94 14.96
N VAL H 53 -6.52 23.46 14.02
CA VAL H 53 -5.79 22.21 14.20
C VAL H 53 -4.42 22.57 14.78
N ALA H 54 -4.17 22.17 16.02
CA ALA H 54 -2.94 22.52 16.71
C ALA H 54 -2.59 21.47 17.72
N ASN H 55 -1.33 21.48 18.15
CA ASN H 55 -0.84 20.60 19.19
C ASN H 55 -0.62 21.41 20.46
N CYS H 56 -1.48 21.22 21.44
CA CYS H 56 -1.40 21.97 22.69
C CYS H 56 -0.36 21.40 23.65
N THR H 57 0.27 20.28 23.30
CA THR H 57 1.43 19.80 24.00
C THR H 57 2.67 20.64 23.70
N HIS H 58 2.73 21.26 22.52
CA HIS H 58 3.85 22.09 22.12
C HIS H 58 3.73 23.45 22.79
N GLU H 59 4.77 23.85 23.53
CA GLU H 59 4.69 25.06 24.33
C GLU H 59 4.59 26.32 23.47
N GLU H 60 5.34 26.38 22.38
CA GLU H 60 5.34 27.57 21.54
C GLU H 60 4.00 27.74 20.82
N THR H 61 3.36 26.64 20.43
CA THR H 61 2.06 26.73 19.78
C THR H 61 1.02 27.32 20.73
N VAL H 62 1.05 26.91 22.00
CA VAL H 62 0.13 27.45 22.99
C VAL H 62 0.40 28.94 23.20
N ALA H 63 1.66 29.37 23.12
CA ALA H 63 1.98 30.78 23.29
C ALA H 63 1.34 31.63 22.19
N GLU H 64 1.38 31.15 20.95
CA GLU H 64 0.84 31.95 19.84
C GLU H 64 -0.68 32.07 19.95
N LEU H 65 -1.37 30.96 20.19
CA LEU H 65 -2.81 30.99 20.44
C LEU H 65 -3.03 31.56 21.83
N LYS H 66 -3.42 32.82 21.92
CA LYS H 66 -3.43 33.54 23.19
C LYS H 66 -4.58 32.98 24.03
N LEU H 67 -4.30 31.89 24.75
CA LEU H 67 -5.26 31.26 25.64
C LEU H 67 -5.47 32.04 26.91
N ASP H 68 -4.53 32.91 27.30
CA ASP H 68 -4.71 33.73 28.48
C ASP H 68 -5.78 34.80 28.28
N ASP H 69 -6.09 35.15 27.02
CA ASP H 69 -7.15 36.12 26.77
C ASP H 69 -8.52 35.50 27.00
N TYR H 70 -8.66 34.19 26.77
CA TYR H 70 -9.93 33.52 26.98
C TYR H 70 -10.24 33.40 28.47
N ASP H 71 -11.53 33.47 28.79
CA ASP H 71 -11.95 33.44 30.19
C ASP H 71 -11.78 32.05 30.79
N MET H 72 -12.20 31.01 30.07
CA MET H 72 -12.13 29.64 30.56
C MET H 72 -11.54 28.75 29.49
N VAL H 73 -10.76 27.76 29.91
CA VAL H 73 -10.08 26.83 29.01
C VAL H 73 -10.39 25.41 29.43
N MET H 74 -10.88 24.60 28.49
CA MET H 74 -11.12 23.18 28.70
C MET H 74 -10.03 22.36 28.02
N ILE H 75 -9.40 21.47 28.79
CA ILE H 75 -8.53 20.44 28.25
C ILE H 75 -9.32 19.14 28.28
N ALA H 76 -9.84 18.73 27.11
CA ALA H 76 -10.75 17.59 27.04
C ALA H 76 -10.08 16.40 26.38
N ILE H 77 -8.80 16.19 26.68
CA ILE H 77 -8.07 15.04 26.18
C ILE H 77 -8.21 13.89 27.17
N GLY H 78 -8.73 12.76 26.70
CA GLY H 78 -9.00 11.64 27.57
C GLY H 78 -8.12 10.43 27.36
N ALA H 79 -7.73 10.18 26.11
CA ALA H 79 -6.98 8.96 25.81
C ALA H 79 -5.60 8.97 26.44
N ASP H 80 -4.87 10.08 26.29
CA ASP H 80 -3.49 10.17 26.78
C ASP H 80 -3.51 10.83 28.15
N VAL H 81 -3.17 10.05 29.18
CA VAL H 81 -3.06 10.59 30.53
C VAL H 81 -1.93 11.59 30.61
N ASN H 82 -0.84 11.36 29.86
CA ASN H 82 0.31 12.24 29.93
C ASN H 82 0.06 13.56 29.22
N ALA H 83 -0.63 13.52 28.07
CA ALA H 83 -0.87 14.74 27.31
C ALA H 83 -1.78 15.71 28.08
N SER H 84 -2.81 15.19 28.73
CA SER H 84 -3.70 16.06 29.50
C SER H 84 -2.98 16.73 30.65
N ILE H 85 -2.12 15.99 31.35
CA ILE H 85 -1.35 16.56 32.44
C ILE H 85 -0.39 17.62 31.93
N LEU H 86 0.28 17.35 30.81
CA LEU H 86 1.23 18.31 30.25
C LEU H 86 0.53 19.53 29.68
N ALA H 87 -0.62 19.35 29.02
CA ALA H 87 -1.34 20.48 28.47
C ALA H 87 -1.85 21.40 29.60
N THR H 88 -2.31 20.82 30.70
CA THR H 88 -2.74 21.63 31.83
C THR H 88 -1.60 22.43 32.42
N LEU H 89 -0.42 21.81 32.54
CA LEU H 89 0.71 22.50 33.15
C LEU H 89 1.23 23.62 32.27
N ILE H 90 1.15 23.44 30.95
CA ILE H 90 1.54 24.51 30.04
C ILE H 90 0.54 25.66 30.09
N ALA H 91 -0.76 25.34 30.20
CA ALA H 91 -1.78 26.38 30.24
C ALA H 91 -1.63 27.25 31.48
N LYS H 92 -1.33 26.63 32.63
CA LYS H 92 -1.18 27.40 33.86
C LYS H 92 0.01 28.36 33.78
N GLU H 93 1.15 27.88 33.27
CA GLU H 93 2.31 28.75 33.15
C GLU H 93 2.16 29.76 32.02
N ALA H 94 1.25 29.49 31.07
CA ALA H 94 1.01 30.45 30.00
C ALA H 94 0.20 31.65 30.48
N GLY H 95 -0.48 31.53 31.61
CA GLY H 95 -1.25 32.63 32.16
C GLY H 95 -2.75 32.45 32.14
N VAL H 96 -3.25 31.22 31.99
CA VAL H 96 -4.69 30.99 31.99
C VAL H 96 -5.19 31.00 33.43
N LYS H 97 -6.20 31.82 33.70
CA LYS H 97 -6.70 31.96 35.07
C LYS H 97 -7.50 30.75 35.50
N SER H 98 -8.37 30.24 34.62
CA SER H 98 -9.22 29.10 34.93
C SER H 98 -8.98 27.99 33.92
N VAL H 99 -8.56 26.83 34.41
CA VAL H 99 -8.31 25.67 33.57
C VAL H 99 -9.20 24.53 34.07
N TRP H 100 -10.05 24.04 33.19
CA TRP H 100 -10.90 22.89 33.48
C TRP H 100 -10.36 21.69 32.73
N VAL H 101 -10.17 20.56 33.43
CA VAL H 101 -9.54 19.39 32.87
C VAL H 101 -10.47 18.20 33.00
N LYS H 102 -10.60 17.44 31.91
CA LYS H 102 -11.40 16.22 31.89
C LYS H 102 -10.49 15.03 32.19
N ALA H 103 -10.76 14.33 33.28
CA ALA H 103 -9.96 13.20 33.72
C ALA H 103 -10.76 11.91 33.56
N ASN H 104 -10.10 10.85 33.12
CA ASN H 104 -10.79 9.59 32.88
C ASN H 104 -10.68 8.63 34.06
N ASP H 105 -9.65 8.78 34.89
CA ASP H 105 -9.45 7.90 36.03
C ASP H 105 -9.09 8.72 37.27
N ARG H 106 -9.28 8.08 38.43
CA ARG H 106 -9.06 8.78 39.70
C ARG H 106 -7.58 9.09 39.92
N PHE H 107 -6.69 8.22 39.43
CA PHE H 107 -5.26 8.46 39.62
C PHE H 107 -4.80 9.73 38.92
N GLN H 108 -5.28 9.96 37.69
CA GLN H 108 -4.97 11.19 36.98
C GLN H 108 -5.58 12.40 37.69
N ALA H 109 -6.80 12.25 38.21
CA ALA H 109 -7.46 13.36 38.87
C ALA H 109 -6.68 13.83 40.09
N ARG H 110 -6.03 12.89 40.78
CA ARG H 110 -5.19 13.27 41.92
C ARG H 110 -4.03 14.16 41.47
N VAL H 111 -3.40 13.82 40.34
CA VAL H 111 -2.28 14.61 39.86
C VAL H 111 -2.75 15.98 39.42
N LEU H 112 -3.80 16.04 38.60
CA LEU H 112 -4.22 17.31 38.00
C LEU H 112 -4.64 18.32 39.06
N GLN H 113 -5.40 17.87 40.05
CA GLN H 113 -5.82 18.76 41.14
C GLN H 113 -4.62 19.26 41.92
N LYS H 114 -3.63 18.39 42.13
CA LYS H 114 -2.56 18.70 43.07
C LYS H 114 -1.43 19.48 42.39
N ILE H 115 -1.45 19.55 41.05
CA ILE H 115 -0.54 20.45 40.34
C ILE H 115 -1.15 21.83 40.09
N GLY H 116 -2.44 22.00 40.35
CA GLY H 116 -3.05 23.32 40.30
C GLY H 116 -4.20 23.50 39.32
N ALA H 117 -4.81 22.44 38.80
CA ALA H 117 -5.95 22.62 37.92
C ALA H 117 -7.15 23.16 38.70
N ASP H 118 -7.87 24.10 38.07
CA ASP H 118 -8.99 24.75 38.75
C ASP H 118 -10.15 23.80 39.01
N HIS H 119 -10.60 23.07 38.00
CA HIS H 119 -11.73 22.16 38.13
C HIS H 119 -11.37 20.82 37.52
N ILE H 120 -11.82 19.74 38.16
CA ILE H 120 -11.52 18.38 37.74
C ILE H 120 -12.84 17.69 37.40
N ILE H 121 -12.91 17.12 36.21
CA ILE H 121 -14.14 16.48 35.73
C ILE H 121 -13.87 15.05 35.31
N MET H 122 -14.48 14.10 36.01
CA MET H 122 -14.49 12.71 35.56
C MET H 122 -15.90 12.33 35.13
N PRO H 123 -16.18 12.29 33.83
CA PRO H 123 -17.56 12.06 33.37
C PRO H 123 -18.20 10.78 33.90
N GLU H 124 -17.44 9.69 33.97
CA GLU H 124 -18.04 8.41 34.35
C GLU H 124 -18.45 8.42 35.82
N ARG H 125 -17.65 9.06 36.67
CA ARG H 125 -17.98 9.08 38.09
C ARG H 125 -19.14 10.02 38.38
N ASP H 126 -19.15 11.20 37.74
CA ASP H 126 -20.11 12.24 38.09
C ASP H 126 -21.54 11.82 37.77
N MET H 127 -21.77 11.25 36.58
CA MET H 127 -23.07 10.64 36.31
C MET H 127 -23.34 9.46 37.24
N GLY H 128 -22.29 8.76 37.66
CA GLY H 128 -22.48 7.70 38.63
C GLY H 128 -23.14 8.19 39.91
N ILE H 129 -22.74 9.39 40.36
CA ILE H 129 -23.40 9.99 41.51
C ILE H 129 -24.82 10.42 41.16
N ARG H 130 -24.99 11.12 40.03
CA ARG H 130 -26.28 11.74 39.75
C ARG H 130 -27.32 10.71 39.28
N VAL H 131 -26.90 9.71 38.51
CA VAL H 131 -27.84 8.66 38.12
C VAL H 131 -28.40 7.97 39.36
N ALA H 132 -27.55 7.74 40.36
CA ALA H 132 -28.03 7.19 41.62
C ALA H 132 -29.02 8.15 42.30
N ARG H 133 -28.71 9.45 42.29
CA ARG H 133 -29.60 10.43 42.90
C ARG H 133 -30.95 10.48 42.17
N LYS H 134 -30.93 10.40 40.84
CA LYS H 134 -32.18 10.44 40.08
C LYS H 134 -33.00 9.18 40.30
N MET H 135 -32.34 8.04 40.50
CA MET H 135 -33.08 6.83 40.86
C MET H 135 -33.66 6.94 42.27
N LEU H 136 -32.92 7.56 43.19
CA LEU H 136 -33.41 7.70 44.56
C LEU H 136 -34.66 8.56 44.61
N ASP H 137 -34.69 9.65 43.87
CA ASP H 137 -35.83 10.56 43.87
C ASP H 137 -36.39 10.75 42.47
N LYS I 6 25.19 9.38 55.22
CA LYS I 6 24.62 9.21 53.90
C LYS I 6 23.30 8.45 53.99
N GLN I 7 22.19 9.18 53.89
CA GLN I 7 20.85 8.64 54.06
C GLN I 7 20.15 8.65 52.71
N PHE I 8 19.62 7.50 52.29
CA PHE I 8 19.03 7.34 50.97
C PHE I 8 17.74 6.52 51.06
N ALA I 9 16.84 6.78 50.11
CA ALA I 9 15.60 6.02 49.97
C ALA I 9 15.37 5.70 48.51
N VAL I 10 14.94 4.48 48.23
CA VAL I 10 14.67 4.02 46.87
C VAL I 10 13.21 3.60 46.78
N ILE I 11 12.49 4.16 45.82
CA ILE I 11 11.06 3.93 45.66
C ILE I 11 10.86 3.12 44.39
N GLY I 12 10.41 1.88 44.55
CA GLY I 12 10.24 1.01 43.41
C GLY I 12 11.40 0.06 43.20
N LEU I 13 11.23 -1.20 43.59
CA LEU I 13 12.31 -2.17 43.52
C LEU I 13 12.26 -2.98 42.23
N GLY I 14 12.36 -2.31 41.09
CA GLY I 14 12.44 -2.98 39.81
C GLY I 14 13.87 -3.36 39.47
N ARG I 15 14.10 -3.58 38.18
CA ARG I 15 15.47 -3.85 37.73
C ARG I 15 16.39 -2.69 38.05
N PHE I 16 15.93 -1.46 37.81
CA PHE I 16 16.71 -0.28 38.15
C PHE I 16 16.83 -0.12 39.67
N GLY I 17 15.75 -0.45 40.39
CA GLY I 17 15.77 -0.29 41.84
C GLY I 17 16.76 -1.20 42.52
N LEU I 18 16.79 -2.48 42.15
CA LEU I 18 17.73 -3.42 42.76
C LEU I 18 19.17 -3.03 42.46
N ALA I 19 19.44 -2.58 41.23
CA ALA I 19 20.79 -2.17 40.89
C ALA I 19 21.24 -0.98 41.73
N VAL I 20 20.34 -0.03 41.97
CA VAL I 20 20.67 1.10 42.85
C VAL I 20 20.86 0.62 44.28
N CYS I 21 19.96 -0.25 44.76
CA CYS I 21 20.04 -0.70 46.14
C CYS I 21 21.30 -1.50 46.40
N LYS I 22 21.67 -2.39 45.47
CA LYS I 22 22.83 -3.25 45.68
C LYS I 22 24.12 -2.44 45.72
N GLU I 23 24.34 -1.59 44.71
CA GLU I 23 25.58 -0.82 44.66
C GLU I 23 25.69 0.16 45.82
N LEU I 24 24.58 0.79 46.19
CA LEU I 24 24.61 1.82 47.22
C LEU I 24 24.88 1.21 48.60
N GLN I 25 24.32 0.03 48.86
CA GLN I 25 24.53 -0.61 50.15
C GLN I 25 25.97 -1.08 50.32
N ASP I 26 26.58 -1.58 49.25
CA ASP I 26 27.95 -2.08 49.34
C ASP I 26 28.92 -0.99 49.76
N SER I 27 28.59 0.27 49.46
CA SER I 27 29.44 1.38 49.89
C SER I 27 29.44 1.54 51.40
N GLY I 28 28.30 1.25 52.04
CA GLY I 28 28.21 1.36 53.48
C GLY I 28 27.25 2.44 53.94
N SER I 29 26.21 2.69 53.14
CA SER I 29 25.23 3.73 53.44
C SER I 29 23.92 3.10 53.86
N GLN I 30 23.16 3.84 54.66
CA GLN I 30 21.85 3.40 55.11
C GLN I 30 20.82 3.71 54.02
N VAL I 31 20.06 2.70 53.61
CA VAL I 31 19.13 2.80 52.49
C VAL I 31 17.78 2.26 52.92
N LEU I 32 16.71 2.89 52.42
CA LEU I 32 15.34 2.42 52.64
C LEU I 32 14.79 1.95 51.31
N ALA I 33 14.25 0.73 51.30
CA ALA I 33 13.68 0.13 50.09
C ALA I 33 12.16 0.06 50.26
N VAL I 34 11.43 0.63 49.31
CA VAL I 34 9.97 0.66 49.34
C VAL I 34 9.47 0.09 48.02
N ASP I 35 8.48 -0.81 48.11
CA ASP I 35 7.91 -1.42 46.93
C ASP I 35 6.53 -1.98 47.26
N ILE I 36 5.61 -1.83 46.32
CA ILE I 36 4.25 -2.32 46.53
C ILE I 36 4.21 -3.84 46.53
N ASN I 37 5.10 -4.47 45.77
CA ASN I 37 5.13 -5.94 45.67
C ASN I 37 6.00 -6.49 46.79
N GLU I 38 5.41 -7.37 47.62
CA GLU I 38 6.15 -7.94 48.74
C GLU I 38 7.25 -8.87 48.26
N ASP I 39 7.03 -9.59 47.16
CA ASP I 39 8.00 -10.57 46.70
C ASP I 39 9.33 -9.92 46.36
N ARG I 40 9.30 -8.76 45.69
CA ARG I 40 10.53 -8.08 45.32
C ARG I 40 11.19 -7.44 46.54
N VAL I 41 10.41 -7.20 47.60
CA VAL I 41 10.98 -6.69 48.84
C VAL I 41 11.82 -7.78 49.51
N LYS I 42 11.34 -9.02 49.48
CA LYS I 42 12.10 -10.12 50.06
C LYS I 42 13.42 -10.34 49.32
N GLU I 43 13.39 -10.18 48.00
CA GLU I 43 14.62 -10.31 47.21
C GLU I 43 15.63 -9.23 47.60
N ALA I 44 15.14 -8.04 47.94
CA ALA I 44 16.00 -6.94 48.35
C ALA I 44 16.23 -6.90 49.86
N ALA I 45 15.62 -7.81 50.62
CA ALA I 45 15.79 -7.81 52.07
C ALA I 45 17.24 -8.06 52.47
N GLY I 46 17.91 -8.97 51.78
CA GLY I 46 19.30 -9.28 52.04
C GLY I 46 20.31 -8.33 51.43
N PHE I 47 19.84 -7.30 50.72
CA PHE I 47 20.73 -6.34 50.09
C PHE I 47 20.52 -4.92 50.59
N VAL I 48 19.54 -4.69 51.47
CA VAL I 48 19.29 -3.38 52.04
C VAL I 48 19.19 -3.52 53.55
N SER I 49 19.40 -2.39 54.25
CA SER I 49 19.31 -2.39 55.71
C SER I 49 17.86 -2.50 56.16
N GLN I 50 16.96 -1.75 55.53
CA GLN I 50 15.55 -1.75 55.89
C GLN I 50 14.70 -1.68 54.63
N ALA I 51 13.70 -2.55 54.54
CA ALA I 51 12.79 -2.61 53.41
C ALA I 51 11.36 -2.73 53.93
N ILE I 52 10.48 -1.86 53.44
CA ILE I 52 9.09 -1.80 53.88
C ILE I 52 8.19 -1.92 52.65
N VAL I 53 7.20 -2.80 52.74
CA VAL I 53 6.22 -2.98 51.67
C VAL I 53 5.11 -1.95 51.88
N ALA I 54 5.06 -0.95 50.99
CA ALA I 54 4.08 0.13 51.13
C ALA I 54 3.87 0.78 49.77
N ASN I 55 2.80 1.56 49.68
CA ASN I 55 2.46 2.32 48.48
C ASN I 55 2.81 3.78 48.72
N CYS I 56 3.63 4.35 47.83
CA CYS I 56 4.09 5.71 47.98
C CYS I 56 3.23 6.72 47.24
N THR I 57 2.18 6.28 46.57
CA THR I 57 1.18 7.19 46.02
C THR I 57 0.07 7.49 47.02
N HIS I 58 0.14 6.92 48.22
CA HIS I 58 -0.81 7.19 49.28
C HIS I 58 -0.19 8.24 50.21
N GLU I 59 -0.88 9.36 50.39
CA GLU I 59 -0.28 10.50 51.08
C GLU I 59 0.01 10.19 52.54
N GLU I 60 -0.88 9.43 53.20
CA GLU I 60 -0.70 9.16 54.63
C GLU I 60 0.49 8.24 54.87
N THR I 61 0.71 7.28 53.97
CA THR I 61 1.81 6.33 54.15
C THR I 61 3.16 7.03 54.11
N VAL I 62 3.34 7.97 53.19
CA VAL I 62 4.63 8.63 53.02
C VAL I 62 5.02 9.40 54.28
N ALA I 63 4.04 10.02 54.94
CA ALA I 63 4.32 10.73 56.18
C ALA I 63 4.87 9.80 57.25
N GLU I 64 4.36 8.58 57.31
CA GLU I 64 4.87 7.59 58.27
C GLU I 64 6.32 7.24 57.96
N LEU I 65 6.65 7.09 56.67
CA LEU I 65 8.01 6.75 56.27
C LEU I 65 9.02 7.85 56.60
N LYS I 66 8.57 9.09 56.74
CA LYS I 66 9.45 10.23 57.04
C LYS I 66 10.56 10.35 56.01
N LEU I 67 10.17 10.59 54.76
CA LEU I 67 11.12 10.77 53.67
C LEU I 67 11.90 12.07 53.78
N ASP I 68 11.49 12.98 54.66
CA ASP I 68 12.20 14.25 54.81
C ASP I 68 13.60 14.08 55.38
N ASP I 69 13.79 13.12 56.29
CA ASP I 69 15.11 12.92 56.89
C ASP I 69 16.12 12.41 55.86
N TYR I 70 15.66 11.64 54.88
CA TYR I 70 16.55 11.10 53.86
C TYR I 70 17.12 12.21 52.98
N ASP I 71 18.43 12.13 52.73
CA ASP I 71 19.08 13.15 51.91
C ASP I 71 18.64 13.05 50.46
N MET I 72 18.51 11.84 49.94
CA MET I 72 18.11 11.62 48.55
C MET I 72 17.03 10.56 48.51
N VAL I 73 16.06 10.74 47.61
CA VAL I 73 15.02 9.76 47.35
C VAL I 73 15.08 9.39 45.87
N MET I 74 14.95 8.10 45.58
CA MET I 74 15.00 7.60 44.21
C MET I 74 13.64 6.97 43.89
N ILE I 75 12.95 7.54 42.91
CA ILE I 75 11.67 7.00 42.45
C ILE I 75 11.92 6.25 41.15
N ALA I 76 11.72 4.94 41.20
CA ALA I 76 12.08 4.05 40.09
C ALA I 76 10.87 3.23 39.67
N ILE I 77 9.72 3.91 39.52
CA ILE I 77 8.50 3.30 39.02
C ILE I 77 8.43 3.56 37.52
N GLY I 78 8.51 2.49 36.74
CA GLY I 78 8.53 2.63 35.29
C GLY I 78 7.26 2.15 34.60
N ALA I 79 6.63 1.11 35.16
CA ALA I 79 5.45 0.55 34.51
C ALA I 79 4.30 1.55 34.49
N ASP I 80 4.00 2.15 35.64
CA ASP I 80 2.90 3.11 35.75
C ASP I 80 3.48 4.51 35.71
N VAL I 81 3.35 5.17 34.56
CA VAL I 81 3.87 6.53 34.42
C VAL I 81 3.08 7.50 35.30
N ASN I 82 1.77 7.27 35.46
CA ASN I 82 0.96 8.16 36.28
C ASN I 82 1.37 8.06 37.75
N ALA I 83 1.66 6.84 38.23
CA ALA I 83 2.13 6.68 39.60
C ALA I 83 3.47 7.37 39.81
N SER I 84 4.34 7.33 38.81
CA SER I 84 5.64 8.01 38.91
C SER I 84 5.47 9.52 39.06
N ILE I 85 4.53 10.10 38.30
CA ILE I 85 4.27 11.53 38.41
C ILE I 85 3.71 11.87 39.77
N LEU I 86 2.72 11.08 40.23
CA LEU I 86 2.08 11.35 41.52
C LEU I 86 3.06 11.18 42.68
N ALA I 87 3.91 10.15 42.62
CA ALA I 87 4.86 9.91 43.70
C ALA I 87 5.88 11.04 43.79
N THR I 88 6.22 11.65 42.65
CA THR I 88 7.16 12.77 42.66
C THR I 88 6.57 13.98 43.38
N LEU I 89 5.28 14.24 43.17
CA LEU I 89 4.63 15.36 43.83
C LEU I 89 4.64 15.19 45.34
N ILE I 90 4.33 13.98 45.81
CA ILE I 90 4.22 13.73 47.25
C ILE I 90 5.56 13.97 47.94
N ALA I 91 6.65 13.48 47.35
CA ALA I 91 7.97 13.67 47.94
C ALA I 91 8.32 15.15 48.02
N LYS I 92 7.99 15.92 46.98
CA LYS I 92 8.23 17.35 47.01
C LYS I 92 7.40 18.02 48.11
N GLU I 93 6.15 17.60 48.26
CA GLU I 93 5.30 18.17 49.30
C GLU I 93 5.80 17.79 50.70
N ALA I 94 6.36 16.59 50.84
CA ALA I 94 6.88 16.15 52.12
C ALA I 94 8.13 16.91 52.55
N GLY I 95 8.75 17.67 51.66
CA GLY I 95 9.93 18.44 51.99
C GLY I 95 11.25 17.80 51.63
N VAL I 96 11.26 16.76 50.79
CA VAL I 96 12.51 16.13 50.41
C VAL I 96 13.32 17.09 49.55
N LYS I 97 14.59 17.30 49.94
CA LYS I 97 15.41 18.30 49.27
C LYS I 97 15.73 17.88 47.83
N SER I 98 16.04 16.62 47.61
CA SER I 98 16.47 16.13 46.31
C SER I 98 15.63 14.91 45.92
N VAL I 99 15.08 14.94 44.71
CA VAL I 99 14.25 13.85 44.18
C VAL I 99 14.84 13.43 42.85
N TRP I 100 15.16 12.14 42.72
CA TRP I 100 15.64 11.56 41.47
C TRP I 100 14.59 10.58 40.98
N VAL I 101 14.12 10.77 39.75
CA VAL I 101 13.08 9.95 39.14
C VAL I 101 13.57 9.43 37.80
N LYS I 102 13.34 8.15 37.54
CA LYS I 102 13.66 7.55 36.25
C LYS I 102 12.45 7.71 35.32
N ALA I 103 12.74 8.07 34.07
CA ALA I 103 11.70 8.29 33.07
C ALA I 103 11.93 7.37 31.88
N ASN I 104 10.89 6.63 31.48
CA ASN I 104 11.01 5.76 30.32
C ASN I 104 10.91 6.54 29.02
N ASP I 105 10.05 7.55 28.97
CA ASP I 105 9.78 8.28 27.75
C ASP I 105 10.10 9.76 27.93
N ARG I 106 10.39 10.43 26.80
CA ARG I 106 10.71 11.85 26.84
C ARG I 106 9.50 12.69 27.24
N PHE I 107 8.29 12.23 26.88
CA PHE I 107 7.10 12.95 27.29
C PHE I 107 6.93 12.95 28.79
N GLN I 108 7.19 11.80 29.44
CA GLN I 108 7.16 11.77 30.90
C GLN I 108 8.26 12.62 31.49
N ALA I 109 9.44 12.63 30.87
CA ALA I 109 10.55 13.43 31.37
C ALA I 109 10.23 14.92 31.31
N ARG I 110 9.57 15.37 30.24
CA ARG I 110 9.28 16.79 30.10
C ARG I 110 8.30 17.26 31.17
N VAL I 111 7.33 16.40 31.52
CA VAL I 111 6.45 16.69 32.65
C VAL I 111 7.26 16.77 33.93
N LEU I 112 8.16 15.80 34.14
CA LEU I 112 8.89 15.70 35.40
C LEU I 112 9.77 16.93 35.64
N GLN I 113 10.36 17.48 34.58
CA GLN I 113 11.16 18.68 34.73
C GLN I 113 10.31 19.85 35.20
N LYS I 114 9.12 20.02 34.62
CA LYS I 114 8.25 21.12 35.00
C LYS I 114 7.70 20.91 36.41
N ILE I 115 7.66 19.66 36.89
CA ILE I 115 7.28 19.41 38.28
C ILE I 115 8.29 20.02 39.23
N GLY I 116 9.58 19.82 38.99
CA GLY I 116 10.59 20.32 39.90
C GLY I 116 11.54 19.24 40.36
N ALA I 117 11.45 18.06 39.74
CA ALA I 117 12.39 16.98 40.03
C ALA I 117 13.80 17.42 39.68
N ASP I 118 14.74 17.19 40.61
CA ASP I 118 16.09 17.72 40.42
C ASP I 118 16.83 16.98 39.32
N HIS I 119 16.72 15.65 39.28
CA HIS I 119 17.41 14.86 38.26
C HIS I 119 16.41 13.97 37.55
N ILE I 120 16.55 13.90 36.23
CA ILE I 120 15.70 13.07 35.39
C ILE I 120 16.59 12.05 34.69
N ILE I 121 16.31 10.77 34.93
CA ILE I 121 17.15 9.69 34.44
C ILE I 121 16.37 8.90 33.39
N MET I 122 16.86 8.91 32.17
CA MET I 122 16.36 8.04 31.12
C MET I 122 17.40 6.96 30.83
N PRO I 123 17.29 5.79 31.45
CA PRO I 123 18.40 4.82 31.40
C PRO I 123 18.77 4.36 30.01
N GLU I 124 17.79 4.21 29.12
CA GLU I 124 18.10 3.70 27.78
C GLU I 124 18.85 4.74 26.96
N ARG I 125 18.47 6.01 27.06
CA ARG I 125 19.16 7.03 26.29
C ARG I 125 20.51 7.36 26.92
N ASP I 126 20.58 7.36 28.25
CA ASP I 126 21.83 7.70 28.93
C ASP I 126 22.92 6.69 28.64
N MET I 127 22.59 5.39 28.68
CA MET I 127 23.52 4.37 28.18
C MET I 127 23.82 4.57 26.69
N GLY I 128 22.94 5.22 25.95
CA GLY I 128 23.19 5.40 24.53
C GLY I 128 24.45 6.20 24.24
N ILE I 129 24.61 7.34 24.91
CA ILE I 129 25.85 8.12 24.81
C ILE I 129 26.97 7.40 25.55
N ARG I 130 26.64 6.84 26.72
CA ARG I 130 27.67 6.42 27.65
C ARG I 130 28.32 5.11 27.20
N VAL I 131 27.53 4.21 26.61
CA VAL I 131 28.10 3.02 25.97
C VAL I 131 28.83 3.40 24.69
N ALA I 132 28.27 4.32 23.91
CA ALA I 132 28.89 4.71 22.65
C ALA I 132 30.26 5.34 22.88
N ARG I 133 30.39 6.13 23.94
CA ARG I 133 31.69 6.72 24.26
C ARG I 133 32.73 5.62 24.52
N LYS I 134 32.30 4.49 25.07
CA LYS I 134 33.22 3.37 25.25
C LYS I 134 33.68 2.81 23.92
N MET I 135 32.83 2.90 22.89
CA MET I 135 33.21 2.40 21.57
C MET I 135 34.35 3.21 20.98
N LEU I 136 34.34 4.53 21.17
CA LEU I 136 35.38 5.37 20.62
C LEU I 136 36.75 5.00 21.18
N ASP I 137 36.83 4.83 22.50
CA ASP I 137 38.07 4.48 23.19
C ASP I 137 37.91 3.07 23.74
N LYS I 138 38.27 2.08 22.92
CA LYS I 138 38.17 0.68 23.32
C LYS I 138 39.55 0.11 23.59
N ARG J 7 7.72 28.48 15.51
CA ARG J 7 6.90 28.86 16.65
C ARG J 7 5.57 28.10 16.65
N GLY J 8 4.47 28.83 16.51
CA GLY J 8 3.16 28.20 16.52
C GLY J 8 2.90 27.45 15.22
N VAL J 9 2.79 26.13 15.32
CA VAL J 9 2.53 25.26 14.17
C VAL J 9 1.06 24.88 14.23
N PHE J 10 0.23 25.59 13.46
CA PHE J 10 -1.20 25.35 13.45
C PHE J 10 -1.79 25.95 12.19
N TYR J 11 -3.03 25.56 11.90
CA TYR J 11 -3.76 26.11 10.77
C TYR J 11 -5.25 25.98 11.02
N VAL J 12 -6.02 26.79 10.31
CA VAL J 12 -7.48 26.73 10.36
C VAL J 12 -7.95 25.91 9.17
N PRO J 13 -8.65 24.79 9.38
CA PRO J 13 -9.14 24.00 8.24
C PRO J 13 -10.12 24.80 7.39
N ASP J 14 -10.10 24.55 6.09
CA ASP J 14 -10.98 25.26 5.17
C ASP J 14 -12.44 24.96 5.47
N GLY J 15 -12.76 23.70 5.75
CA GLY J 15 -14.12 23.32 6.08
C GLY J 15 -14.62 22.14 5.29
N LYS J 16 -15.88 21.76 5.50
CA LYS J 16 -16.50 20.65 4.80
C LYS J 16 -17.10 21.05 3.46
N ALA J 20 -12.96 18.05 1.44
CA ALA J 20 -11.58 17.61 1.66
C ALA J 20 -10.79 17.48 0.37
N LYS J 21 -10.86 18.48 -0.50
CA LYS J 21 -10.06 18.53 -1.71
C LYS J 21 -9.07 19.69 -1.61
N GLY J 22 -8.00 19.60 -2.39
CA GLY J 22 -6.99 20.64 -2.35
C GLY J 22 -7.55 21.98 -2.80
N GLY J 23 -7.43 22.98 -1.91
CA GLY J 23 -7.83 24.33 -2.24
C GLY J 23 -6.66 25.16 -2.71
N GLU J 24 -5.46 24.62 -2.54
CA GLU J 24 -4.26 25.29 -3.05
C GLU J 24 -4.30 25.53 -4.55
N PRO J 25 -4.78 24.60 -5.40
CA PRO J 25 -4.97 24.94 -6.82
C PRO J 25 -5.88 26.14 -7.01
N ARG J 26 -6.90 26.30 -6.18
CA ARG J 26 -7.74 27.50 -6.26
C ARG J 26 -6.96 28.74 -5.85
N ILE J 27 -6.09 28.62 -4.83
CA ILE J 27 -5.30 29.76 -4.39
C ILE J 27 -4.36 30.22 -5.50
N ILE J 28 -3.70 29.28 -6.17
CA ILE J 28 -2.78 29.61 -7.25
C ILE J 28 -3.54 30.25 -8.41
N LEU J 29 -4.69 29.68 -8.77
CA LEU J 29 -5.43 30.13 -9.93
C LEU J 29 -5.95 31.56 -9.76
N LEU J 30 -6.51 31.85 -8.58
CA LEU J 30 -7.06 33.19 -8.35
C LEU J 30 -5.95 34.22 -8.12
N SER J 31 -4.82 33.79 -7.55
CA SER J 31 -3.71 34.70 -7.36
C SER J 31 -3.16 35.19 -8.69
N PHE J 32 -3.05 34.29 -9.68
CA PHE J 32 -2.57 34.68 -11.00
C PHE J 32 -3.59 35.56 -11.71
N LEU J 33 -4.86 35.16 -11.69
CA LEU J 33 -5.90 35.97 -12.35
C LEU J 33 -6.18 37.25 -11.58
N GLY J 34 -5.89 37.28 -10.28
CA GLY J 34 -6.17 38.47 -9.49
C GLY J 34 -5.22 39.62 -9.77
N VAL J 35 -4.07 39.32 -10.37
CA VAL J 35 -3.11 40.36 -10.72
C VAL J 35 -3.07 40.64 -12.22
N LEU J 36 -3.38 39.65 -13.05
CA LEU J 36 -3.32 39.84 -14.50
C LEU J 36 -4.39 40.82 -14.97
N LEU J 37 -5.62 40.67 -14.47
CA LEU J 37 -6.70 41.55 -14.91
C LEU J 37 -6.44 43.02 -14.57
N PRO J 38 -6.10 43.39 -13.33
CA PRO J 38 -5.79 44.82 -13.08
C PRO J 38 -4.59 45.31 -13.87
N SER J 39 -3.61 44.44 -14.11
CA SER J 39 -2.47 44.85 -14.92
C SER J 39 -2.88 45.04 -16.38
N ALA J 40 -3.87 44.27 -16.84
CA ALA J 40 -4.30 44.36 -18.23
C ALA J 40 -4.97 45.71 -18.50
N VAL J 41 -5.85 46.15 -17.61
CA VAL J 41 -6.54 47.42 -17.82
C VAL J 41 -5.57 48.59 -17.67
N LEU J 42 -4.55 48.43 -16.82
CA LEU J 42 -3.56 49.49 -16.66
C LEU J 42 -2.81 49.75 -17.97
N LEU J 43 -2.43 48.68 -18.68
CA LEU J 43 -1.68 48.84 -19.91
C LEU J 43 -2.51 49.50 -21.02
N THR J 44 -3.83 49.52 -20.90
CA THR J 44 -4.67 50.22 -21.85
C THR J 44 -4.54 51.73 -21.74
N LEU J 45 -4.13 52.23 -20.57
CA LEU J 45 -3.97 53.67 -20.39
C LEU J 45 -2.81 54.17 -21.24
N PRO J 46 -2.97 55.31 -21.92
CA PRO J 46 -1.88 55.83 -22.78
C PRO J 46 -0.72 56.42 -21.99
N VAL J 47 -0.77 56.41 -20.66
CA VAL J 47 0.35 56.93 -19.88
C VAL J 47 1.56 56.01 -19.97
N PHE J 48 1.31 54.71 -20.13
CA PHE J 48 2.38 53.72 -20.16
C PHE J 48 2.91 53.44 -21.55
N SER J 49 2.15 53.74 -22.60
CA SER J 49 2.54 53.45 -23.97
C SER J 49 2.61 54.76 -24.76
N VAL J 50 3.54 54.82 -25.70
CA VAL J 50 3.72 56.03 -26.50
C VAL J 50 2.50 56.28 -27.38
N SER J 51 1.93 55.22 -27.95
CA SER J 51 0.81 55.35 -28.87
C SER J 51 -0.45 54.63 -28.39
N GLY J 52 -0.36 53.83 -27.34
CA GLY J 52 -1.51 53.07 -26.89
C GLY J 52 -1.52 51.66 -27.43
N LEU J 53 -2.11 50.76 -26.64
CA LEU J 53 -2.16 49.35 -26.98
C LEU J 53 -3.59 48.88 -27.16
N SER J 54 -3.77 47.89 -28.04
CA SER J 54 -5.05 47.25 -28.21
C SER J 54 -5.37 46.39 -27.00
N ILE J 55 -6.64 46.01 -26.88
CA ILE J 55 -7.06 45.15 -25.77
C ILE J 55 -6.35 43.80 -25.86
N THR J 56 -6.27 43.23 -27.05
CA THR J 56 -5.55 41.99 -27.24
C THR J 56 -4.06 42.17 -26.98
N ASP J 57 -3.48 43.26 -27.48
CA ASP J 57 -2.06 43.50 -27.30
C ASP J 57 -1.71 43.77 -25.85
N ALA J 58 -2.54 44.56 -25.16
CA ALA J 58 -2.31 44.82 -23.74
C ALA J 58 -2.47 43.54 -22.93
N LEU J 59 -3.47 42.72 -23.25
CA LEU J 59 -3.66 41.45 -22.55
C LEU J 59 -2.48 40.53 -22.77
N PHE J 60 -1.98 40.45 -24.01
CA PHE J 60 -0.81 39.62 -24.29
C PHE J 60 0.41 40.15 -23.55
N THR J 61 0.61 41.47 -23.55
CA THR J 61 1.74 42.05 -22.83
C THR J 61 1.61 41.85 -21.33
N ALA J 62 0.40 42.06 -20.79
CA ALA J 62 0.19 41.86 -19.36
C ALA J 62 0.40 40.41 -18.97
N THR J 63 -0.10 39.48 -19.79
CA THR J 63 0.12 38.06 -19.52
C THR J 63 1.60 37.72 -19.58
N SER J 64 2.33 38.25 -20.56
CA SER J 64 3.74 37.96 -20.69
C SER J 64 4.54 38.54 -19.53
N ALA J 65 4.12 39.71 -19.03
CA ALA J 65 4.82 40.31 -17.90
C ALA J 65 4.55 39.56 -16.60
N ILE J 66 3.29 39.21 -16.36
CA ILE J 66 2.94 38.47 -15.15
C ILE J 66 3.48 37.05 -15.23
N SER J 67 3.44 36.43 -16.41
CA SER J 67 4.03 35.11 -16.57
C SER J 67 5.55 35.19 -16.68
N VAL J 68 6.11 36.40 -16.82
CA VAL J 68 7.53 36.66 -17.01
C VAL J 68 8.08 35.81 -18.16
N THR J 69 7.21 35.46 -19.10
CA THR J 69 7.65 34.75 -20.30
C THR J 69 8.57 35.61 -21.14
N GLY J 70 8.28 36.90 -21.23
CA GLY J 70 9.09 37.81 -22.00
C GLY J 70 8.74 37.92 -23.47
N LEU J 71 7.72 37.20 -23.92
CA LEU J 71 7.31 37.30 -25.31
C LEU J 71 6.64 38.64 -25.57
N GLY J 72 7.04 39.30 -26.66
CA GLY J 72 6.53 40.62 -26.95
C GLY J 72 5.96 40.78 -28.35
N VAL J 73 4.66 41.09 -28.43
CA VAL J 73 4.06 41.43 -29.72
C VAL J 73 4.54 42.79 -30.18
N VAL J 74 5.03 43.61 -29.24
CA VAL J 74 5.55 44.94 -29.54
C VAL J 74 6.93 45.06 -28.93
N ASP J 75 7.70 46.02 -29.45
CA ASP J 75 9.05 46.24 -28.95
C ASP J 75 9.00 46.88 -27.57
N THR J 76 9.70 46.26 -26.61
CA THR J 76 9.69 46.76 -25.24
C THR J 76 10.39 48.11 -25.14
N GLY J 77 11.53 48.26 -25.82
CA GLY J 77 12.34 49.45 -25.62
C GLY J 77 11.67 50.73 -26.10
N GLN J 78 10.90 50.65 -27.18
CA GLN J 78 10.36 51.84 -27.83
C GLN J 78 8.88 52.06 -27.53
N HIS J 79 8.05 51.03 -27.61
CA HIS J 79 6.61 51.23 -27.51
C HIS J 79 6.17 51.66 -26.13
N PHE J 80 6.99 51.39 -25.11
CA PHE J 80 6.64 51.75 -23.75
C PHE J 80 7.38 53.01 -23.31
N THR J 81 6.66 53.84 -22.56
CA THR J 81 7.21 55.06 -22.00
C THR J 81 8.01 54.74 -20.75
N LEU J 82 8.59 55.77 -20.13
CA LEU J 82 9.32 55.57 -18.89
C LEU J 82 8.41 55.03 -17.79
N ALA J 83 7.18 55.56 -17.70
CA ALA J 83 6.20 55.01 -16.78
C ALA J 83 5.85 53.57 -17.13
N GLY J 84 5.72 53.27 -18.42
CA GLY J 84 5.46 51.91 -18.83
C GLY J 84 6.61 50.97 -18.54
N LYS J 85 7.85 51.45 -18.74
CA LYS J 85 9.01 50.63 -18.44
C LYS J 85 9.09 50.28 -16.96
N ILE J 86 8.77 51.25 -16.09
CA ILE J 86 8.71 50.98 -14.66
C ILE J 86 7.56 50.03 -14.35
N LEU J 87 6.42 50.19 -15.05
CA LEU J 87 5.30 49.28 -14.85
C LEU J 87 5.68 47.85 -15.22
N LEU J 88 6.40 47.68 -16.33
CA LEU J 88 6.91 46.35 -16.67
C LEU J 88 7.86 45.83 -15.62
N MET J 89 8.66 46.73 -15.03
CA MET J 89 9.62 46.33 -14.00
C MET J 89 8.91 45.74 -12.79
N CYS J 90 7.83 46.38 -12.34
CA CYS J 90 7.10 45.89 -11.18
C CYS J 90 6.41 44.55 -11.46
N LEU J 91 5.84 44.41 -12.67
CA LEU J 91 5.10 43.19 -12.99
C LEU J 91 6.00 41.97 -12.98
N MET J 92 7.22 42.10 -13.52
CA MET J 92 8.12 40.96 -13.55
C MET J 92 8.73 40.67 -12.17
N GLN J 93 8.70 41.65 -11.25
CA GLN J 93 8.84 41.32 -9.84
C GLN J 93 7.67 40.50 -9.34
N ILE J 94 6.44 40.88 -9.69
CA ILE J 94 5.27 40.16 -9.22
C ILE J 94 5.20 38.77 -9.83
N GLY J 95 5.59 38.65 -11.09
CA GLY J 95 5.51 37.36 -11.75
C GLY J 95 6.53 36.36 -11.23
N GLY J 96 7.80 36.79 -11.13
CA GLY J 96 8.86 35.89 -10.74
C GLY J 96 9.00 35.71 -9.25
N LEU J 97 9.21 36.82 -8.53
CA LEU J 97 9.33 36.74 -7.08
C LEU J 97 8.00 36.38 -6.43
N GLY J 98 6.90 36.83 -7.04
CA GLY J 98 5.58 36.50 -6.49
C GLY J 98 5.29 35.01 -6.51
N GLN J 99 5.60 34.35 -7.62
CA GLN J 99 5.46 32.89 -7.66
C GLN J 99 6.43 32.22 -6.70
N MET J 100 7.66 32.71 -6.65
CA MET J 100 8.66 32.13 -5.76
C MET J 100 8.24 32.24 -4.30
N THR J 101 7.69 33.40 -3.91
CA THR J 101 7.16 33.56 -2.57
C THR J 101 5.90 32.73 -2.36
N LEU J 102 4.99 32.75 -3.33
CA LEU J 102 3.73 32.01 -3.20
C LEU J 102 3.96 30.51 -3.11
N SER J 103 4.87 29.98 -3.94
CA SER J 103 5.17 28.56 -3.87
C SER J 103 5.81 28.19 -2.54
N ALA J 104 6.67 29.07 -2.00
CA ALA J 104 7.27 28.81 -0.71
C ALA J 104 6.23 28.85 0.41
N VAL J 105 5.28 29.79 0.33
CA VAL J 105 4.24 29.89 1.35
C VAL J 105 3.37 28.64 1.34
N LEU J 106 2.95 28.19 0.16
CA LEU J 106 2.14 26.98 0.07
C LEU J 106 2.93 25.74 0.49
N LEU J 107 4.21 25.69 0.14
CA LEU J 107 5.06 24.58 0.57
C LEU J 107 5.22 24.58 2.09
N TYR J 108 5.35 25.75 2.69
CA TYR J 108 5.44 25.85 4.15
C TYR J 108 4.16 25.35 4.81
N MET J 109 3.00 25.76 4.27
CA MET J 109 1.73 25.36 4.87
C MET J 109 1.43 23.89 4.61
N PHE J 110 1.90 23.37 3.47
CA PHE J 110 1.71 21.95 3.19
C PHE J 110 2.48 21.09 4.19
N GLY J 111 3.70 21.51 4.55
CA GLY J 111 4.45 20.78 5.56
C GLY J 111 3.82 20.86 6.93
N VAL J 112 3.21 22.00 7.26
CA VAL J 112 2.57 22.16 8.56
C VAL J 112 1.43 21.17 8.72
N ARG J 113 0.61 21.01 7.69
CA ARG J 113 -0.46 20.02 7.73
C ARG J 113 0.10 18.61 7.82
N LEU J 114 1.20 18.34 7.11
CA LEU J 114 1.86 17.05 7.22
C LEU J 114 2.38 16.81 8.63
N SER J 115 3.02 17.82 9.23
CA SER J 115 3.61 17.65 10.55
C SER J 115 2.56 17.37 11.62
N LEU J 116 1.44 18.10 11.57
CA LEU J 116 0.41 17.93 12.59
C LEU J 116 -0.28 16.58 12.45
N ARG J 117 -0.43 16.09 11.22
CA ARG J 117 -1.06 14.78 11.03
C ARG J 117 -0.14 13.66 11.51
N GLN J 118 1.17 13.84 11.37
CA GLN J 118 2.11 12.86 11.91
C GLN J 118 2.04 12.81 13.43
N GLN J 119 1.93 13.97 14.08
CA GLN J 119 1.81 13.99 15.53
C GLN J 119 0.51 13.35 16.00
N ALA J 120 -0.58 13.58 15.27
CA ALA J 120 -1.85 13.00 15.66
C ALA J 120 -1.81 11.47 15.60
N LEU J 121 -1.22 10.91 14.54
CA LEU J 121 -1.07 9.46 14.47
C LEU J 121 -0.10 8.95 15.52
N ALA J 122 0.99 9.66 15.76
CA ALA J 122 1.99 9.27 16.74
C ALA J 122 2.73 10.47 17.29
N GLN J 131 11.92 24.57 12.52
CA GLN J 131 11.48 25.33 11.36
C GLN J 131 11.11 26.76 11.75
N VAL J 132 11.40 27.70 10.85
CA VAL J 132 11.10 29.11 11.08
C VAL J 132 9.63 29.36 10.75
N ASN J 133 9.13 30.51 11.17
CA ASN J 133 7.74 30.86 10.92
C ASN J 133 7.58 31.41 9.49
N LEU J 134 6.31 31.51 9.07
CA LEU J 134 6.03 31.91 7.69
C LEU J 134 6.48 33.34 7.42
N ARG J 135 6.24 34.25 8.36
CA ARG J 135 6.67 35.63 8.19
C ARG J 135 8.19 35.72 8.13
N ARG J 136 8.87 34.92 8.96
CA ARG J 136 10.33 34.89 8.92
C ARG J 136 10.84 34.38 7.58
N LEU J 137 10.16 33.37 7.01
CA LEU J 137 10.58 32.80 5.74
C LEU J 137 10.41 33.81 4.61
N VAL J 138 9.32 34.56 4.61
CA VAL J 138 9.06 35.52 3.55
C VAL J 138 10.12 36.62 3.54
N LYS J 139 10.59 37.02 4.73
CA LYS J 139 11.62 38.04 4.80
C LYS J 139 12.89 37.61 4.10
N LYS J 140 13.30 36.35 4.29
CA LYS J 140 14.49 35.84 3.63
C LYS J 140 14.31 35.76 2.12
N ILE J 141 13.11 35.41 1.67
CA ILE J 141 12.85 35.37 0.23
C ILE J 141 13.00 36.75 -0.38
N VAL J 142 12.42 37.76 0.26
CA VAL J 142 12.55 39.13 -0.22
C VAL J 142 13.99 39.60 -0.10
N THR J 143 14.64 39.29 1.03
CA THR J 143 16.03 39.71 1.23
C THR J 143 16.94 39.11 0.15
N PHE J 144 16.75 37.82 -0.15
CA PHE J 144 17.57 37.17 -1.15
C PHE J 144 17.38 37.80 -2.53
N ALA J 145 16.13 38.15 -2.87
CA ALA J 145 15.85 38.73 -4.18
C ALA J 145 16.50 40.10 -4.33
N LEU J 146 16.43 40.93 -3.29
CA LEU J 146 17.00 42.27 -3.38
C LEU J 146 18.53 42.24 -3.39
N VAL J 147 19.15 41.41 -2.56
CA VAL J 147 20.61 41.37 -2.54
C VAL J 147 21.15 40.79 -3.83
N ALA J 148 20.44 39.82 -4.41
CA ALA J 148 20.88 39.25 -5.70
C ALA J 148 20.77 40.28 -6.81
N GLU J 149 19.65 41.00 -6.87
CA GLU J 149 19.49 42.04 -7.87
C GLU J 149 20.44 43.20 -7.63
N ALA J 150 20.77 43.46 -6.36
CA ALA J 150 21.75 44.50 -6.05
C ALA J 150 23.12 44.15 -6.59
N ILE J 151 23.54 42.89 -6.43
CA ILE J 151 24.84 42.46 -6.97
C ILE J 151 24.86 42.57 -8.49
N GLY J 152 23.78 42.15 -9.14
CA GLY J 152 23.71 42.29 -10.59
C GLY J 152 23.66 43.74 -11.03
N PHE J 153 23.01 44.60 -10.24
CA PHE J 153 22.88 45.99 -10.60
C PHE J 153 24.24 46.68 -10.67
N VAL J 154 25.09 46.47 -9.66
CA VAL J 154 26.36 47.18 -9.61
C VAL J 154 27.31 46.68 -10.70
N PHE J 155 27.30 45.37 -10.97
CA PHE J 155 28.15 44.82 -12.02
C PHE J 155 27.72 45.32 -13.39
N LEU J 156 26.40 45.32 -13.66
CA LEU J 156 25.91 45.86 -14.92
C LEU J 156 26.15 47.35 -15.03
N SER J 157 26.09 48.08 -13.91
CA SER J 157 26.36 49.51 -13.95
C SER J 157 27.82 49.80 -14.23
N TYR J 158 28.70 48.84 -13.93
CA TYR J 158 30.13 49.04 -14.14
C TYR J 158 30.45 49.29 -15.61
N ARG J 159 29.61 48.79 -16.52
CA ARG J 159 29.82 48.97 -17.95
C ARG J 159 28.88 49.96 -18.60
N TRP J 160 27.59 49.87 -18.30
CA TRP J 160 26.59 50.67 -19.01
C TRP J 160 26.57 52.13 -18.58
N VAL J 161 26.92 52.44 -17.34
CA VAL J 161 26.93 53.82 -16.85
C VAL J 161 27.95 54.64 -17.63
N PRO J 162 29.20 54.19 -17.81
CA PRO J 162 30.13 54.97 -18.65
C PRO J 162 29.66 55.12 -20.10
N GLU J 163 28.98 54.09 -20.64
CA GLU J 163 28.59 54.14 -22.04
C GLU J 163 27.41 55.07 -22.27
N MET J 164 26.41 55.03 -21.39
CA MET J 164 25.16 55.74 -21.62
C MET J 164 24.89 56.88 -20.65
N GLY J 165 25.68 57.02 -19.58
CA GLY J 165 25.48 58.07 -18.61
C GLY J 165 25.07 57.53 -17.25
N TRP J 166 25.00 58.45 -16.29
CA TRP J 166 24.71 58.08 -14.92
C TRP J 166 23.27 57.59 -14.76
N GLN J 167 22.31 58.35 -15.28
CA GLN J 167 20.91 58.04 -15.03
C GLN J 167 20.39 56.95 -15.97
N THR J 168 20.80 56.99 -17.24
CA THR J 168 20.42 55.90 -18.15
C THR J 168 21.18 54.63 -17.82
N GLY J 169 22.43 54.75 -17.37
CA GLY J 169 23.22 53.58 -17.05
C GLY J 169 22.64 52.77 -15.91
N MET J 170 22.24 53.44 -14.82
CA MET J 170 21.65 52.73 -13.69
C MET J 170 20.32 52.11 -14.08
N PHE J 171 19.49 52.84 -14.83
CA PHE J 171 18.15 52.35 -15.15
C PHE J 171 18.23 51.08 -16.00
N TYR J 172 19.08 51.08 -17.02
CA TYR J 172 19.24 49.88 -17.83
C TYR J 172 19.85 48.75 -17.03
N ALA J 173 20.82 49.06 -16.17
CA ALA J 173 21.43 48.04 -15.33
C ALA J 173 20.44 47.47 -14.34
N LEU J 174 19.63 48.34 -13.70
CA LEU J 174 18.69 47.87 -12.69
C LEU J 174 17.51 47.16 -13.34
N PHE J 175 17.14 47.59 -14.55
CA PHE J 175 16.11 46.89 -15.31
C PHE J 175 16.53 45.46 -15.62
N HIS J 176 17.74 45.29 -16.14
CA HIS J 176 18.17 43.98 -16.61
C HIS J 176 18.56 43.08 -15.46
N SER J 177 18.98 43.66 -14.33
CA SER J 177 19.23 42.86 -13.14
C SER J 177 17.94 42.22 -12.64
N ILE J 178 16.86 43.00 -12.61
CA ILE J 178 15.56 42.46 -12.22
C ILE J 178 15.08 41.44 -13.23
N SER J 179 15.18 41.75 -14.52
CA SER J 179 14.68 40.85 -15.55
C SER J 179 15.43 39.53 -15.53
N ALA J 180 16.76 39.57 -15.37
CA ALA J 180 17.55 38.34 -15.39
C ALA J 180 17.26 37.48 -14.16
N PHE J 181 17.22 38.09 -12.97
CA PHE J 181 16.96 37.33 -11.75
C PHE J 181 15.57 36.70 -11.78
N ASN J 182 14.58 37.43 -12.31
CA ASN J 182 13.20 36.97 -12.30
C ASN J 182 12.88 36.03 -13.46
N ASN J 183 13.86 35.68 -14.29
CA ASN J 183 13.65 34.82 -15.46
C ASN J 183 12.66 35.44 -16.43
N ALA J 184 12.64 36.77 -16.49
CA ALA J 184 11.70 37.50 -17.34
C ALA J 184 12.18 37.59 -18.78
N GLY J 185 13.46 37.89 -18.99
CA GLY J 185 14.01 37.99 -20.32
C GLY J 185 13.68 39.27 -21.06
N PHE J 186 12.97 40.21 -20.43
CA PHE J 186 12.66 41.46 -21.08
C PHE J 186 13.91 42.30 -21.23
N ALA J 187 14.16 42.78 -22.44
CA ALA J 187 15.33 43.58 -22.75
C ALA J 187 14.90 44.94 -23.27
N LEU J 188 15.65 45.97 -22.89
CA LEU J 188 15.39 47.33 -23.31
C LEU J 188 16.01 47.66 -24.66
N PHE J 189 16.74 46.73 -25.25
CA PHE J 189 17.33 46.89 -26.58
C PHE J 189 16.46 46.19 -27.61
N SER J 190 16.54 46.66 -28.85
CA SER J 190 15.73 46.08 -29.92
C SER J 190 16.06 44.60 -30.11
N ASP J 191 17.34 44.26 -30.06
CA ASP J 191 17.79 42.88 -30.09
C ASP J 191 18.24 42.46 -28.69
N SER J 192 17.69 41.36 -28.19
CA SER J 192 17.93 40.92 -26.82
C SER J 192 19.34 40.36 -26.72
N MET J 193 20.26 41.16 -26.17
CA MET J 193 21.63 40.75 -25.86
C MET J 193 22.43 40.37 -27.11
N MET J 194 21.96 40.74 -28.29
CA MET J 194 22.71 40.49 -29.52
C MET J 194 23.96 41.35 -29.62
N SER J 195 23.96 42.54 -29.03
CA SER J 195 25.11 43.42 -29.11
C SER J 195 26.22 43.04 -28.13
N PHE J 196 25.96 42.06 -27.25
CA PHE J 196 26.93 41.64 -26.24
C PHE J 196 27.31 40.17 -26.39
N VAL J 197 27.56 39.73 -27.62
CA VAL J 197 27.90 38.32 -27.85
C VAL J 197 29.25 37.99 -27.24
N ASN J 198 30.24 38.85 -27.45
CA ASN J 198 31.60 38.62 -26.97
C ASN J 198 31.90 39.36 -25.68
N ASP J 199 30.88 39.90 -25.00
CA ASP J 199 31.08 40.65 -23.78
C ASP J 199 30.88 39.73 -22.59
N PRO J 200 31.94 39.39 -21.85
CA PRO J 200 31.77 38.43 -20.74
C PRO J 200 31.11 39.03 -19.51
N LEU J 201 31.31 40.33 -19.26
CA LEU J 201 30.83 40.93 -18.03
C LEU J 201 29.31 40.87 -17.94
N VAL J 202 28.62 41.35 -18.98
CA VAL J 202 27.16 41.30 -18.97
C VAL J 202 26.67 39.87 -19.17
N SER J 203 27.38 39.08 -19.98
CA SER J 203 26.91 37.72 -20.27
C SER J 203 26.97 36.84 -19.04
N PHE J 204 27.97 37.04 -18.18
CA PHE J 204 28.07 36.26 -16.95
C PHE J 204 27.26 36.86 -15.81
N THR J 205 27.16 38.19 -15.75
CA THR J 205 26.33 38.80 -14.72
C THR J 205 24.86 38.41 -14.91
N LEU J 206 24.39 38.42 -16.16
CA LEU J 206 23.05 37.92 -16.43
C LEU J 206 22.96 36.42 -16.19
N ALA J 207 23.99 35.67 -16.58
CA ALA J 207 23.96 34.22 -16.40
C ALA J 207 23.83 33.84 -14.94
N GLY J 208 24.63 34.45 -14.07
CA GLY J 208 24.53 34.14 -12.65
C GLY J 208 23.18 34.53 -12.08
N LEU J 209 22.54 35.56 -12.64
CA LEU J 209 21.29 36.04 -12.10
C LEU J 209 20.15 35.03 -12.30
N PHE J 210 20.05 34.43 -13.49
CA PHE J 210 18.95 33.49 -13.69
C PHE J 210 19.35 32.06 -13.36
N ILE J 211 20.65 31.80 -13.23
CA ILE J 211 21.08 30.49 -12.72
C ILE J 211 20.72 30.35 -11.26
N PHE J 212 21.01 31.38 -10.46
CA PHE J 212 20.62 31.35 -9.05
C PHE J 212 19.18 31.75 -8.86
N GLY J 213 18.67 32.64 -9.73
CA GLY J 213 17.25 32.94 -9.71
C GLY J 213 16.41 31.72 -10.06
N GLY J 214 16.85 30.96 -11.06
CA GLY J 214 16.20 29.72 -11.41
C GLY J 214 16.84 28.52 -10.74
N LEU J 215 17.03 28.60 -9.42
CA LEU J 215 17.64 27.52 -8.67
C LEU J 215 16.72 27.03 -7.57
N GLY J 216 15.89 27.91 -7.05
CA GLY J 216 14.97 27.55 -5.99
C GLY J 216 15.39 28.07 -4.64
N PHE J 217 14.44 28.62 -3.88
CA PHE J 217 14.76 29.11 -2.54
C PHE J 217 15.13 27.97 -1.61
N THR J 218 14.51 26.79 -1.81
CA THR J 218 14.82 25.64 -0.98
C THR J 218 16.27 25.21 -1.14
N VAL J 219 16.78 25.23 -2.38
CA VAL J 219 18.17 24.87 -2.62
C VAL J 219 19.10 25.89 -1.99
N ILE J 220 18.81 27.18 -2.17
CA ILE J 220 19.61 28.23 -1.56
C ILE J 220 19.49 28.18 -0.04
N GLY J 221 18.27 28.00 0.46
CA GLY J 221 18.08 27.95 1.91
C GLY J 221 18.75 26.76 2.56
N ASP J 222 18.65 25.58 1.93
CA ASP J 222 19.29 24.39 2.48
C ASP J 222 20.80 24.52 2.49
N VAL J 223 21.38 25.05 1.40
CA VAL J 223 22.82 25.26 1.36
C VAL J 223 23.24 26.33 2.36
N TRP J 224 22.40 27.35 2.54
CA TRP J 224 22.72 28.42 3.48
C TRP J 224 22.81 27.90 4.91
N ARG J 225 21.90 27.01 5.30
CA ARG J 225 21.79 26.59 6.68
C ARG J 225 22.62 25.36 7.03
N HIS J 226 23.00 24.55 6.05
CA HIS J 226 23.67 23.27 6.32
C HIS J 226 24.90 23.06 5.45
N TRP J 227 25.58 24.12 5.03
CA TRP J 227 26.77 23.93 4.20
C TRP J 227 27.92 23.35 5.00
N ARG J 228 27.92 23.57 6.32
CA ARG J 228 29.02 23.09 7.15
C ARG J 228 28.97 21.58 7.36
N LYS J 229 27.77 20.99 7.35
CA LYS J 229 27.67 19.55 7.53
C LYS J 229 28.18 18.80 6.30
N GLY J 230 28.25 19.48 5.16
CA GLY J 230 28.73 18.89 3.93
C GLY J 230 27.62 18.63 2.94
N PHE J 231 28.03 18.11 1.77
CA PHE J 231 27.08 17.81 0.72
C PHE J 231 26.27 16.55 1.04
N HIS J 232 26.87 15.61 1.76
CA HIS J 232 26.21 14.33 2.03
C HIS J 232 24.95 14.52 2.86
N PHE J 233 24.92 15.50 3.76
CA PHE J 233 23.81 15.70 4.66
C PHE J 233 22.83 16.76 4.19
N LEU J 234 22.95 17.21 2.94
CA LEU J 234 21.96 18.09 2.36
C LEU J 234 20.71 17.31 2.00
N HIS J 235 19.63 18.04 1.72
CA HIS J 235 18.37 17.39 1.37
C HIS J 235 18.45 16.79 -0.03
N ILE J 236 17.60 15.79 -0.28
CA ILE J 236 17.59 15.11 -1.57
C ILE J 236 17.28 16.09 -2.71
N HIS J 237 16.35 17.02 -2.49
CA HIS J 237 16.02 17.98 -3.54
C HIS J 237 17.19 18.91 -3.82
N THR J 238 17.92 19.31 -2.78
CA THR J 238 19.09 20.16 -2.97
C THR J 238 20.18 19.41 -3.73
N LYS J 239 20.40 18.14 -3.42
CA LYS J 239 21.43 17.37 -4.11
C LYS J 239 21.10 17.17 -5.57
N ILE J 240 19.81 17.00 -5.89
CA ILE J 240 19.41 16.85 -7.29
C ILE J 240 19.69 18.13 -8.07
N MET J 241 19.35 19.28 -7.50
CA MET J 241 19.51 20.54 -8.21
C MET J 241 20.98 20.95 -8.31
N LEU J 242 21.79 20.58 -7.31
CA LEU J 242 23.20 20.96 -7.33
C LEU J 242 24.02 20.12 -8.30
N ILE J 243 23.47 19.00 -8.78
CA ILE J 243 24.15 18.15 -9.74
C ILE J 243 23.58 18.31 -11.14
N ALA J 244 22.24 18.31 -11.25
CA ALA J 244 21.61 18.37 -12.57
C ALA J 244 21.79 19.72 -13.25
N THR J 245 21.71 20.81 -12.49
CA THR J 245 21.88 22.13 -13.10
C THR J 245 23.26 22.32 -13.71
N PRO J 246 24.37 22.04 -13.02
CA PRO J 246 25.67 22.07 -13.72
C PRO J 246 25.76 21.05 -14.84
N LEU J 247 25.14 19.89 -14.66
CA LEU J 247 25.14 18.87 -15.72
C LEU J 247 24.37 19.36 -16.93
N LEU J 248 23.22 19.99 -16.72
CA LEU J 248 22.45 20.54 -17.83
C LEU J 248 23.17 21.69 -18.49
N LEU J 249 23.81 22.55 -17.69
CA LEU J 249 24.60 23.64 -18.26
C LEU J 249 25.76 23.12 -19.08
N LEU J 250 26.42 22.07 -18.59
CA LEU J 250 27.56 21.51 -19.32
C LEU J 250 27.13 20.87 -20.62
N VAL J 251 26.10 20.01 -20.58
CA VAL J 251 25.66 19.34 -21.80
C VAL J 251 25.07 20.34 -22.77
N GLY J 252 24.39 21.38 -22.26
CA GLY J 252 23.86 22.40 -23.14
C GLY J 252 24.96 23.21 -23.82
N THR J 253 25.99 23.58 -23.06
CA THR J 253 27.09 24.35 -23.63
C THR J 253 27.86 23.55 -24.66
N VAL J 254 28.21 22.31 -24.34
CA VAL J 254 29.00 21.48 -25.24
C VAL J 254 28.20 21.14 -26.50
N LEU J 255 26.93 20.79 -26.34
CA LEU J 255 26.15 20.33 -27.48
C LEU J 255 25.75 21.48 -28.40
N PHE J 256 25.46 22.65 -27.83
CA PHE J 256 25.23 23.83 -28.65
C PHE J 256 26.49 24.23 -29.40
N TRP J 257 27.65 24.14 -28.74
CA TRP J 257 28.91 24.48 -29.39
C TRP J 257 29.20 23.56 -30.57
N LEU J 258 28.92 22.26 -30.40
CA LEU J 258 29.21 21.30 -31.47
C LEU J 258 28.34 21.54 -32.70
N LEU J 259 27.06 21.84 -32.50
CA LEU J 259 26.12 21.95 -33.60
C LEU J 259 26.09 23.34 -34.24
N GLU J 260 26.75 24.32 -33.64
CA GLU J 260 26.67 25.70 -34.12
C GLU J 260 28.04 26.30 -34.44
N ARG J 261 29.12 25.56 -34.25
CA ARG J 261 30.45 26.11 -34.49
C ARG J 261 30.72 26.34 -35.97
N HIS J 262 30.04 25.60 -36.84
CA HIS J 262 30.29 25.69 -38.28
C HIS J 262 29.13 26.33 -39.04
N ASN J 263 28.16 26.93 -38.36
CA ASN J 263 27.06 27.60 -39.04
C ASN J 263 27.44 29.06 -39.24
N PRO J 264 27.67 29.53 -40.46
CA PRO J 264 28.14 30.91 -40.65
C PRO J 264 27.17 31.97 -40.15
N ASN J 265 25.86 31.69 -40.21
CA ASN J 265 24.86 32.71 -39.97
C ASN J 265 24.85 33.26 -38.54
N THR J 266 25.01 32.41 -37.52
CA THR J 266 24.77 32.88 -36.16
C THR J 266 26.00 32.80 -35.26
N MET J 267 26.82 31.76 -35.39
CA MET J 267 27.94 31.56 -34.50
C MET J 267 29.25 31.23 -35.23
N GLY J 268 29.20 31.08 -36.56
CA GLY J 268 30.41 30.69 -37.28
C GLY J 268 31.42 31.81 -37.44
N SER J 269 31.01 33.06 -37.27
CA SER J 269 31.90 34.20 -37.46
C SER J 269 32.48 34.74 -36.16
N LEU J 270 32.49 33.95 -35.10
CA LEU J 270 32.96 34.36 -33.79
C LEU J 270 34.37 33.86 -33.52
N THR J 271 35.01 34.44 -32.50
CA THR J 271 36.29 33.97 -32.02
C THR J 271 36.11 32.68 -31.20
N THR J 272 37.23 32.00 -30.97
CA THR J 272 37.17 30.72 -30.25
C THR J 272 36.60 30.89 -28.85
N GLY J 273 37.04 31.93 -28.14
CA GLY J 273 36.41 32.25 -26.87
C GLY J 273 34.96 32.70 -27.04
N GLY J 274 34.69 33.44 -28.12
CA GLY J 274 33.33 33.82 -28.41
C GLY J 274 32.45 32.63 -28.73
N GLN J 275 33.03 31.58 -29.31
CA GLN J 275 32.28 30.35 -29.56
C GLN J 275 31.65 29.83 -28.29
N TRP J 276 32.45 29.70 -27.23
CA TRP J 276 31.99 29.06 -26.00
C TRP J 276 31.10 30.00 -25.20
N LEU J 277 31.39 31.31 -25.25
CA LEU J 277 30.55 32.28 -24.55
C LEU J 277 29.14 32.28 -25.08
N ALA J 278 28.98 32.26 -26.41
CA ALA J 278 27.66 32.18 -27.01
C ALA J 278 26.99 30.85 -26.69
N ALA J 279 27.75 29.75 -26.73
CA ALA J 279 27.18 28.44 -26.46
C ALA J 279 26.71 28.33 -25.02
N PHE J 280 27.49 28.85 -24.07
CA PHE J 280 27.11 28.77 -22.67
C PHE J 280 25.92 29.67 -22.36
N PHE J 281 25.90 30.88 -22.92
CA PHE J 281 24.83 31.81 -22.63
C PHE J 281 23.48 31.30 -23.14
N GLN J 282 23.48 30.72 -24.34
CA GLN J 282 22.23 30.18 -24.88
C GLN J 282 21.74 29.00 -24.05
N SER J 283 22.65 28.13 -23.62
CA SER J 283 22.24 26.98 -22.81
C SER J 283 21.70 27.43 -21.46
N ALA J 284 22.35 28.41 -20.84
CA ALA J 284 21.87 28.92 -19.56
C ALA J 284 20.53 29.62 -19.71
N SER J 285 20.35 30.36 -20.81
CA SER J 285 19.09 31.07 -21.02
C SER J 285 18.02 30.16 -21.58
N ALA J 286 18.40 28.99 -22.11
CA ALA J 286 17.41 28.03 -22.58
C ALA J 286 16.53 27.54 -21.43
N ARG J 287 17.10 27.39 -20.24
CA ARG J 287 16.37 26.92 -19.08
C ARG J 287 15.57 28.07 -18.44
N THR J 288 14.64 28.58 -19.24
CA THR J 288 13.67 29.60 -18.82
C THR J 288 14.34 30.89 -18.36
N ALA J 289 15.05 31.57 -19.26
CA ALA J 289 15.47 32.95 -19.04
C ALA J 289 14.93 33.89 -20.11
N GLY J 290 15.13 33.57 -21.38
CA GLY J 290 14.58 34.34 -22.49
C GLY J 290 15.59 35.13 -23.29
N PHE J 291 16.77 35.38 -22.73
CA PHE J 291 17.80 36.11 -23.45
C PHE J 291 18.43 35.23 -24.53
N ASN J 292 18.74 35.83 -25.67
CA ASN J 292 19.35 35.11 -26.78
C ASN J 292 20.53 35.92 -27.32
N SER J 293 21.74 35.52 -26.96
CA SER J 293 22.93 36.19 -27.50
C SER J 293 23.03 35.98 -29.00
N VAL J 294 22.49 34.87 -29.51
CA VAL J 294 22.56 34.55 -30.93
C VAL J 294 21.15 34.47 -31.49
N ASP J 295 21.06 34.57 -32.81
CA ASP J 295 19.78 34.60 -33.51
C ASP J 295 19.21 33.19 -33.61
N LEU J 296 17.92 33.03 -33.31
CA LEU J 296 17.28 31.73 -33.36
C LEU J 296 16.64 31.43 -34.70
N THR J 297 16.41 32.46 -35.53
CA THR J 297 15.84 32.23 -36.86
C THR J 297 16.81 31.46 -37.75
N GLN J 298 18.10 31.72 -37.63
CA GLN J 298 19.13 31.09 -38.44
C GLN J 298 19.85 30.02 -37.63
N PHE J 299 19.11 29.31 -36.80
CA PHE J 299 19.65 28.37 -35.82
C PHE J 299 19.20 26.96 -36.20
N THR J 300 20.18 26.07 -36.37
CA THR J 300 19.94 24.83 -37.10
C THR J 300 18.95 23.92 -36.37
N GLN J 301 18.27 23.08 -37.15
CA GLN J 301 17.21 22.24 -36.60
C GLN J 301 17.67 21.27 -35.51
N PRO J 302 18.78 20.52 -35.66
CA PRO J 302 19.20 19.65 -34.55
C PRO J 302 19.44 20.41 -33.26
N ALA J 303 19.93 21.64 -33.35
CA ALA J 303 20.11 22.46 -32.16
C ALA J 303 18.77 23.02 -31.67
N LEU J 304 17.80 23.17 -32.57
CA LEU J 304 16.46 23.57 -32.15
C LEU J 304 15.82 22.53 -31.23
N LEU J 305 15.98 21.25 -31.58
CA LEU J 305 15.41 20.20 -30.73
C LEU J 305 16.08 20.16 -29.37
N ILE J 306 17.40 20.35 -29.33
CA ILE J 306 18.12 20.32 -28.06
C ILE J 306 17.68 21.48 -27.18
N MET J 307 17.51 22.66 -27.76
CA MET J 307 17.01 23.78 -26.99
C MET J 307 15.56 23.55 -26.55
N ILE J 308 14.77 22.89 -27.39
CA ILE J 308 13.39 22.57 -27.02
C ILE J 308 13.36 21.68 -25.79
N VAL J 309 14.24 20.67 -25.74
CA VAL J 309 14.35 19.83 -24.55
C VAL J 309 14.78 20.66 -23.35
N LEU J 310 15.74 21.56 -23.54
CA LEU J 310 16.23 22.37 -22.43
C LEU J 310 15.15 23.28 -21.88
N MET J 311 14.33 23.87 -22.77
CA MET J 311 13.24 24.73 -22.29
C MET J 311 12.26 23.93 -21.44
N LEU J 312 11.92 22.72 -21.86
CA LEU J 312 10.99 21.91 -21.10
C LEU J 312 11.53 21.57 -19.71
N ILE J 313 12.83 21.23 -19.64
CA ILE J 313 13.41 20.82 -18.36
C ILE J 313 13.36 21.95 -17.35
N GLY J 314 13.52 23.19 -17.82
CA GLY J 314 13.24 24.35 -16.99
C GLY J 314 14.20 24.55 -15.82
N ALA J 315 13.76 25.41 -14.90
CA ALA J 315 14.47 25.74 -13.68
C ALA J 315 13.95 24.91 -12.51
N GLY J 316 14.34 25.28 -11.28
CA GLY J 316 13.96 24.51 -10.11
C GLY J 316 12.52 24.74 -9.70
N SER J 317 12.11 24.01 -8.66
CA SER J 317 10.70 23.96 -8.29
C SER J 317 10.22 25.24 -7.63
N THR J 318 11.06 25.87 -6.83
CA THR J 318 10.67 27.05 -6.04
C THR J 318 11.54 28.22 -6.52
N SER J 319 11.63 28.35 -7.84
CA SER J 319 12.44 29.36 -8.49
C SER J 319 11.54 30.42 -9.13
N THR J 320 12.16 31.36 -9.85
CA THR J 320 11.41 32.46 -10.43
C THR J 320 10.69 32.02 -11.70
N GLY J 321 11.16 30.97 -12.36
CA GLY J 321 10.53 30.53 -13.59
C GLY J 321 10.77 29.05 -13.86
N GLY J 322 10.16 28.58 -14.94
CA GLY J 322 10.41 27.22 -15.39
C GLY J 322 9.20 26.65 -16.09
N GLY J 323 9.40 25.46 -16.65
CA GLY J 323 8.32 24.66 -17.19
C GLY J 323 8.02 23.54 -16.22
N ILE J 324 8.13 22.28 -16.66
CA ILE J 324 8.30 21.21 -15.70
C ILE J 324 9.70 21.37 -15.11
N LYS J 325 9.84 21.08 -13.83
CA LYS J 325 11.07 21.46 -13.16
C LYS J 325 12.16 20.42 -13.33
N VAL J 326 13.38 20.80 -12.95
CA VAL J 326 14.53 19.91 -13.10
C VAL J 326 14.35 18.66 -12.25
N SER J 327 13.81 18.82 -11.04
CA SER J 327 13.56 17.68 -10.19
C SER J 327 12.52 16.75 -10.80
N THR J 328 11.49 17.32 -11.44
CA THR J 328 10.49 16.50 -12.11
C THR J 328 11.12 15.69 -13.24
N PHE J 329 12.00 16.32 -14.01
CA PHE J 329 12.71 15.59 -15.07
C PHE J 329 13.67 14.57 -14.49
N ALA J 330 14.32 14.91 -13.37
CA ALA J 330 15.30 14.00 -12.77
C ALA J 330 14.63 12.72 -12.25
N VAL J 331 13.47 12.85 -11.61
CA VAL J 331 12.80 11.67 -11.07
C VAL J 331 12.36 10.74 -12.19
N ALA J 332 11.77 11.30 -13.25
CA ALA J 332 11.32 10.48 -14.37
C ALA J 332 12.51 9.85 -15.09
N PHE J 333 13.63 10.56 -15.15
CA PHE J 333 14.82 10.02 -15.81
C PHE J 333 15.37 8.82 -15.05
N MET J 334 15.40 8.90 -13.71
CA MET J 334 15.90 7.78 -12.92
C MET J 334 14.81 6.75 -12.65
N ALA J 335 13.55 7.13 -12.80
CA ALA J 335 12.48 6.13 -12.81
C ALA J 335 12.63 5.23 -14.02
N THR J 336 12.94 5.81 -15.17
CA THR J 336 13.16 5.02 -16.38
C THR J 336 14.36 4.09 -16.22
N TRP J 337 15.43 4.59 -15.60
CA TRP J 337 16.60 3.76 -15.35
C TRP J 337 16.26 2.61 -14.40
N THR J 338 15.44 2.89 -13.38
CA THR J 338 14.97 1.84 -12.49
C THR J 338 14.10 0.84 -13.22
N PHE J 339 13.22 1.32 -14.10
CA PHE J 339 12.34 0.43 -14.84
C PHE J 339 13.12 -0.50 -15.78
N LEU J 340 14.10 0.05 -16.50
CA LEU J 340 14.87 -0.77 -17.43
C LEU J 340 15.75 -1.78 -16.71
N ARG J 341 16.33 -1.41 -15.57
CA ARG J 341 17.05 -2.35 -14.73
C ARG J 341 16.12 -3.11 -13.80
N GLN J 342 14.82 -2.84 -13.84
CA GLN J 342 13.82 -3.66 -13.18
C GLN J 342 14.07 -3.74 -11.69
N LYS J 343 14.49 -2.62 -11.11
CA LYS J 343 14.64 -2.46 -9.68
C LYS J 343 13.26 -2.21 -9.06
N LYS J 344 13.09 -2.65 -7.82
CA LYS J 344 11.81 -2.49 -7.16
C LYS J 344 11.54 -1.04 -6.76
N HIS J 345 12.59 -0.31 -6.37
CA HIS J 345 12.45 1.05 -5.87
C HIS J 345 13.31 2.00 -6.70
N VAL J 346 12.81 3.23 -6.84
CA VAL J 346 13.59 4.31 -7.46
C VAL J 346 14.46 4.95 -6.39
N VAL J 347 15.78 4.94 -6.59
CA VAL J 347 16.73 5.33 -5.57
C VAL J 347 17.68 6.39 -6.14
N MET J 348 17.80 7.52 -5.43
CA MET J 348 18.86 8.50 -5.65
C MET J 348 19.45 8.95 -4.34
N PHE J 349 20.78 9.07 -4.31
CA PHE J 349 21.52 9.51 -3.13
C PHE J 349 21.17 8.65 -1.92
N LYS J 350 21.06 7.35 -2.16
CA LYS J 350 20.73 6.35 -1.14
C LYS J 350 19.40 6.65 -0.48
N ARG J 351 18.47 7.25 -1.23
CA ARG J 351 17.13 7.55 -0.75
C ARG J 351 16.12 7.00 -1.74
N THR J 352 15.06 6.38 -1.21
CA THR J 352 14.01 5.84 -2.07
C THR J 352 12.99 6.93 -2.39
N VAL J 353 12.70 7.10 -3.68
CA VAL J 353 11.63 7.98 -4.12
C VAL J 353 10.35 7.16 -4.18
N ASN J 354 9.36 7.54 -3.38
CA ASN J 354 8.14 6.74 -3.29
C ASN J 354 7.33 6.84 -4.59
N TRP J 355 6.48 5.84 -4.79
CA TRP J 355 5.72 5.76 -6.04
C TRP J 355 4.81 6.96 -6.29
N PRO J 356 4.12 7.53 -5.30
CA PRO J 356 3.33 8.74 -5.60
C PRO J 356 4.15 9.87 -6.19
N THR J 357 5.39 10.06 -5.74
CA THR J 357 6.25 11.06 -6.35
C THR J 357 6.62 10.69 -7.78
N VAL J 358 6.87 9.39 -8.02
CA VAL J 358 7.12 8.92 -9.37
C VAL J 358 5.90 9.15 -10.26
N THR J 359 4.72 8.88 -9.71
CA THR J 359 3.49 9.13 -10.48
C THR J 359 3.31 10.61 -10.78
N LYS J 360 3.63 11.47 -9.81
CA LYS J 360 3.53 12.91 -10.04
C LYS J 360 4.44 13.36 -11.17
N SER J 361 5.69 12.88 -11.16
CA SER J 361 6.64 13.28 -12.21
C SER J 361 6.18 12.81 -13.58
N LEU J 362 5.69 11.56 -13.66
CA LEU J 362 5.24 11.04 -14.95
C LEU J 362 3.93 11.69 -15.39
N ALA J 363 3.05 12.01 -14.44
CA ALA J 363 1.76 12.61 -14.80
C ALA J 363 1.94 14.02 -15.33
N ILE J 364 2.89 14.78 -14.75
CA ILE J 364 3.10 16.15 -15.20
C ILE J 364 3.58 16.17 -16.65
N ILE J 365 4.45 15.23 -17.01
CA ILE J 365 4.98 15.19 -18.39
C ILE J 365 3.87 14.85 -19.37
N VAL J 366 3.07 13.83 -19.05
CA VAL J 366 2.05 13.37 -20.00
C VAL J 366 0.94 14.40 -20.14
N VAL J 367 0.58 15.09 -19.05
CA VAL J 367 -0.44 16.12 -19.13
C VAL J 367 0.08 17.33 -19.90
N SER J 368 1.34 17.71 -19.66
CA SER J 368 1.92 18.82 -20.41
C SER J 368 1.99 18.51 -21.90
N GLY J 369 2.37 17.28 -22.23
CA GLY J 369 2.43 16.89 -23.63
C GLY J 369 1.08 16.91 -24.30
N ALA J 370 0.03 16.54 -23.57
CA ALA J 370 -1.32 16.61 -24.13
C ALA J 370 -1.73 18.06 -24.38
N ILE J 371 -1.43 18.95 -23.43
CA ILE J 371 -1.74 20.37 -23.61
C ILE J 371 -0.94 20.94 -24.77
N LEU J 372 0.34 20.57 -24.87
CA LEU J 372 1.18 21.08 -25.94
C LEU J 372 0.68 20.65 -27.31
N THR J 373 0.23 19.40 -27.43
CA THR J 373 -0.23 18.89 -28.72
C THR J 373 -1.46 19.64 -29.21
N THR J 374 -2.45 19.86 -28.34
CA THR J 374 -3.63 20.61 -28.73
C THR J 374 -3.28 22.05 -29.05
N ALA J 375 -2.39 22.66 -28.25
CA ALA J 375 -1.97 24.03 -28.53
C ALA J 375 -1.22 24.12 -29.85
N MET J 376 -0.34 23.15 -30.12
CA MET J 376 0.37 23.14 -31.39
C MET J 376 -0.59 22.94 -32.56
N PHE J 377 -1.57 22.07 -32.39
CA PHE J 377 -2.55 21.82 -33.45
C PHE J 377 -3.37 23.08 -33.73
N LEU J 378 -3.75 23.82 -32.69
CA LEU J 378 -4.56 25.02 -32.88
C LEU J 378 -3.79 26.10 -33.63
N LEU J 379 -2.51 26.28 -33.34
CA LEU J 379 -1.75 27.35 -33.96
C LEU J 379 -1.60 27.15 -35.46
N MET J 380 -1.39 25.90 -35.90
CA MET J 380 -1.26 25.66 -37.34
C MET J 380 -2.57 25.89 -38.05
N LEU J 381 -3.68 25.92 -37.31
CA LEU J 381 -4.97 26.26 -37.93
C LEU J 381 -5.16 27.77 -38.00
N THR J 382 -4.89 28.47 -36.90
CA THR J 382 -5.07 29.92 -36.88
C THR J 382 -4.05 30.63 -37.75
N GLU J 383 -2.80 30.17 -37.73
CA GLU J 383 -1.74 30.76 -38.53
C GLU J 383 -1.03 29.67 -39.32
N LYS J 384 -0.45 30.06 -40.44
CA LYS J 384 0.19 29.12 -41.37
C LYS J 384 1.69 29.31 -41.33
N ALA J 385 2.39 28.32 -40.78
CA ALA J 385 3.84 28.34 -40.71
C ALA J 385 4.34 26.91 -40.58
N SER J 386 5.65 26.74 -40.77
CA SER J 386 6.25 25.42 -40.68
C SER J 386 6.13 24.88 -39.26
N PHE J 387 6.04 23.55 -39.16
CA PHE J 387 5.77 22.90 -37.88
C PHE J 387 6.90 23.12 -36.89
N ASP J 388 8.15 23.19 -37.38
CA ASP J 388 9.28 23.40 -36.48
C ASP J 388 9.18 24.76 -35.79
N LYS J 389 8.59 25.74 -36.47
CA LYS J 389 8.37 27.04 -35.85
C LYS J 389 7.21 26.99 -34.87
N VAL J 390 6.16 26.23 -35.19
CA VAL J 390 5.00 26.14 -34.31
C VAL J 390 5.36 25.44 -33.01
N MET J 391 6.11 24.34 -33.09
CA MET J 391 6.50 23.62 -31.89
C MET J 391 7.39 24.48 -31.00
N PHE J 392 8.35 25.20 -31.60
CA PHE J 392 9.28 25.99 -30.81
C PHE J 392 8.55 27.11 -30.05
N GLU J 393 7.60 27.77 -30.71
CA GLU J 393 6.87 28.84 -30.05
C GLU J 393 5.97 28.31 -28.94
N THR J 394 5.34 27.15 -29.19
CA THR J 394 4.45 26.57 -28.19
C THR J 394 5.22 26.16 -26.94
N ILE J 395 6.42 25.59 -27.12
CA ILE J 395 7.24 25.22 -25.97
C ILE J 395 7.69 26.45 -25.21
N SER J 396 8.09 27.51 -25.93
CA SER J 396 8.56 28.72 -25.26
C SER J 396 7.45 29.35 -24.42
N ALA J 397 6.23 29.41 -24.95
CA ALA J 397 5.12 29.97 -24.18
C ALA J 397 4.76 29.07 -23.01
N PHE J 398 4.70 27.75 -23.23
CA PHE J 398 4.34 26.84 -22.15
C PHE J 398 5.46 26.74 -21.12
N ALA J 399 6.71 26.59 -21.56
CA ALA J 399 7.82 26.50 -20.63
C ALA J 399 8.27 27.86 -20.12
N THR J 400 7.63 28.94 -20.57
CA THR J 400 7.79 30.30 -20.08
C THR J 400 9.16 30.86 -20.44
N VAL J 401 9.87 30.22 -21.36
CA VAL J 401 11.19 30.72 -21.75
C VAL J 401 11.08 32.02 -22.53
N GLY J 402 10.16 32.07 -23.49
CA GLY J 402 9.98 33.27 -24.29
C GLY J 402 10.94 33.41 -25.45
N LEU J 403 11.73 32.39 -25.75
CA LEU J 403 12.60 32.45 -26.92
C LEU J 403 11.77 32.27 -28.18
N THR J 404 11.95 33.17 -29.14
CA THR J 404 11.14 33.20 -30.34
C THR J 404 11.92 32.67 -31.54
N ALA J 405 11.18 32.17 -32.54
CA ALA J 405 11.76 31.70 -33.78
C ALA J 405 11.19 32.45 -34.99
N GLY J 406 10.58 33.60 -34.76
CA GLY J 406 10.02 34.43 -35.81
C GLY J 406 8.51 34.33 -35.98
N LEU J 407 7.89 33.30 -35.39
CA LEU J 407 6.44 33.15 -35.54
C LEU J 407 5.68 34.14 -34.68
N THR J 408 6.30 34.61 -33.59
CA THR J 408 5.62 35.55 -32.70
C THR J 408 5.34 36.88 -33.37
N ALA J 409 6.26 37.37 -34.20
CA ALA J 409 6.07 38.66 -34.85
C ALA J 409 4.88 38.64 -35.80
N GLU J 410 4.70 37.55 -36.55
CA GLU J 410 3.62 37.43 -37.51
C GLU J 410 2.37 36.79 -36.92
N LEU J 411 2.25 36.76 -35.59
CA LEU J 411 1.10 36.14 -34.95
C LEU J 411 -0.20 36.86 -35.33
N SER J 412 -1.27 36.08 -35.47
CA SER J 412 -2.58 36.63 -35.78
C SER J 412 -3.38 36.86 -34.50
N GLU J 413 -4.55 37.49 -34.65
CA GLU J 413 -5.41 37.73 -33.50
C GLU J 413 -5.85 36.44 -32.82
N PRO J 414 -6.35 35.42 -33.53
CA PRO J 414 -6.63 34.15 -32.84
C PRO J 414 -5.38 33.51 -32.24
N GLY J 415 -4.23 33.66 -32.90
CA GLY J 415 -3.01 33.09 -32.36
C GLY J 415 -2.58 33.72 -31.06
N LYS J 416 -2.81 35.03 -30.92
CA LYS J 416 -2.48 35.71 -29.67
C LYS J 416 -3.31 35.17 -28.51
N TYR J 417 -4.60 34.94 -28.72
CA TYR J 417 -5.45 34.40 -27.67
C TYR J 417 -4.98 33.02 -27.23
N ILE J 418 -4.64 32.16 -28.19
CA ILE J 418 -4.18 30.81 -27.86
C ILE J 418 -2.87 30.87 -27.08
N MET J 419 -1.97 31.75 -27.50
CA MET J 419 -0.66 31.82 -26.83
C MET J 419 -0.78 32.39 -25.43
N ILE J 420 -1.78 33.24 -25.18
CA ILE J 420 -2.04 33.71 -23.83
C ILE J 420 -2.44 32.54 -22.92
N VAL J 421 -3.33 31.67 -23.42
CA VAL J 421 -3.76 30.52 -22.64
C VAL J 421 -2.59 29.58 -22.38
N VAL J 422 -1.72 29.40 -23.36
CA VAL J 422 -0.55 28.53 -23.19
C VAL J 422 0.40 29.11 -22.14
N MET J 423 0.58 30.43 -22.14
CA MET J 423 1.43 31.07 -21.14
C MET J 423 0.86 30.91 -19.74
N ILE J 424 -0.45 31.06 -19.59
CA ILE J 424 -1.07 30.96 -18.27
C ILE J 424 -1.02 29.53 -17.76
N ILE J 425 -1.39 28.58 -18.62
CA ILE J 425 -1.40 27.18 -18.21
C ILE J 425 0.01 26.69 -17.90
N GLY J 426 0.99 27.09 -18.71
CA GLY J 426 2.34 26.64 -18.49
C GLY J 426 2.97 27.23 -17.25
N ARG J 427 2.50 28.41 -16.84
CA ARG J 427 3.08 29.06 -15.66
C ARG J 427 2.63 28.38 -14.37
N ILE J 428 1.36 28.01 -14.29
CA ILE J 428 0.78 27.47 -13.06
C ILE J 428 0.50 25.98 -13.15
N GLY J 429 0.49 25.40 -14.35
CA GLY J 429 0.08 24.04 -14.54
C GLY J 429 0.83 23.01 -13.73
N PRO J 430 2.15 22.87 -13.97
CA PRO J 430 2.91 21.84 -13.25
C PRO J 430 2.86 21.99 -11.75
N LEU J 431 2.87 23.22 -11.23
CA LEU J 431 2.77 23.42 -9.79
C LEU J 431 1.36 23.14 -9.29
N THR J 432 0.34 23.47 -10.10
CA THR J 432 -1.04 23.19 -9.71
C THR J 432 -1.34 21.70 -9.78
N LEU J 433 -0.89 21.03 -10.84
CA LEU J 433 -1.12 19.60 -10.97
C LEU J 433 -0.36 18.81 -9.91
N ALA J 434 0.72 19.39 -9.39
CA ALA J 434 1.44 18.75 -8.29
C ALA J 434 0.57 18.66 -7.05
N TYR J 435 -0.23 19.69 -6.78
CA TYR J 435 -1.01 19.72 -5.55
C TYR J 435 -2.33 18.97 -5.70
N MET J 436 -2.88 18.89 -6.92
CA MET J 436 -4.06 18.04 -7.12
C MET J 436 -3.73 16.58 -6.85
N LEU J 437 -2.55 16.13 -7.28
CA LEU J 437 -2.13 14.77 -7.00
C LEU J 437 -1.84 14.56 -5.51
N ALA J 438 -1.50 15.63 -4.80
CA ALA J 438 -1.13 15.50 -3.39
C ALA J 438 -2.35 15.21 -2.52
N ARG J 439 -3.45 15.94 -2.73
CA ARG J 439 -4.65 15.81 -1.89
C ARG J 439 -5.88 15.63 -2.77
N PRO J 440 -6.14 14.41 -3.22
CA PRO J 440 -7.39 14.14 -3.93
C PRO J 440 -8.56 14.05 -2.95
N GLU J 441 -9.76 14.24 -3.50
CA GLU J 441 -10.96 14.19 -2.68
C GLU J 441 -11.20 12.76 -2.20
N PRO J 442 -11.45 12.53 -0.91
CA PRO J 442 -11.70 11.18 -0.44
C PRO J 442 -13.11 10.74 -0.78
N THR J 443 -13.27 9.44 -1.04
CA THR J 443 -14.55 8.85 -1.36
C THR J 443 -14.83 7.66 -0.46
N LEU J 444 -16.10 7.49 -0.10
CA LEU J 444 -16.54 6.34 0.68
C LEU J 444 -16.97 5.17 -0.19
N ILE J 445 -17.17 5.39 -1.48
CA ILE J 445 -17.58 4.35 -2.42
C ILE J 445 -16.39 4.06 -3.32
N LYS J 446 -15.96 2.79 -3.35
CA LYS J 446 -14.87 2.37 -4.22
C LYS J 446 -15.35 1.19 -5.07
N TYR J 447 -14.90 1.17 -6.32
CA TYR J 447 -15.29 0.15 -7.27
C TYR J 447 -14.27 -0.97 -7.32
N PRO J 448 -14.66 -2.17 -7.77
CA PRO J 448 -13.71 -3.27 -7.83
C PRO J 448 -12.58 -2.98 -8.82
N GLU J 449 -11.41 -3.54 -8.54
CA GLU J 449 -10.26 -3.33 -9.40
C GLU J 449 -10.24 -4.37 -10.52
N ASP J 450 -9.97 -3.91 -11.74
CA ASP J 450 -9.89 -4.78 -12.90
C ASP J 450 -8.60 -4.48 -13.65
N THR J 451 -8.02 -5.53 -14.24
CA THR J 451 -6.75 -5.40 -14.93
C THR J 451 -6.96 -4.97 -16.37
N VAL J 452 -6.17 -3.99 -16.82
CA VAL J 452 -6.20 -3.50 -18.18
C VAL J 452 -4.84 -3.72 -18.80
N LEU J 453 -4.82 -4.34 -19.98
CA LEU J 453 -3.57 -4.67 -20.64
C LEU J 453 -2.89 -3.40 -21.15
N THR J 454 -1.62 -3.23 -20.81
CA THR J 454 -0.82 -2.11 -21.27
C THR J 454 0.40 -2.63 -22.00
N GLY J 455 0.97 -1.77 -22.85
CA GLY J 455 2.15 -2.13 -23.60
C GLY J 455 1.93 -2.11 -25.09
PB ADP K . -20.72 -16.11 6.08
O1B ADP K . -21.82 -15.95 7.09
O2B ADP K . -21.19 -16.48 4.70
O3B ADP K . -19.53 -16.89 6.59
PA ADP K . -18.96 -14.12 6.90
O1A ADP K . -19.41 -14.41 8.31
O2A ADP K . -17.65 -14.68 6.41
O3A ADP K . -20.13 -14.62 5.91
O5' ADP K . -18.95 -12.54 6.64
C5' ADP K . -20.10 -11.85 6.16
C4' ADP K . -19.63 -10.83 5.14
O4' ADP K . -20.11 -9.51 5.46
C3' ADP K . -18.12 -10.73 5.09
O3' ADP K . -17.64 -11.27 3.86
C2' ADP K . -17.77 -9.27 5.20
O2' ADP K . -16.91 -8.88 4.14
C1' ADP K . -19.10 -8.55 5.12
N9 ADP K . -19.10 -7.41 6.06
C8 ADP K . -18.67 -7.45 7.34
N7 ADP K . -18.79 -6.23 7.93
C5 ADP K . -19.30 -5.39 7.01
C6 ADP K . -19.68 -3.96 6.98
N6 ADP K . -19.52 -3.17 8.07
N1 ADP K . -20.18 -3.47 5.82
C2 ADP K . -20.34 -4.24 4.74
N3 ADP K . -20.02 -5.55 4.70
C4 ADP K . -19.51 -6.17 5.78
PB ADP L . 4.47 -30.11 20.31
O1B ADP L . 4.18 -31.55 20.61
O2B ADP L . 4.23 -29.72 18.87
O3B ADP L . 5.78 -29.61 20.88
PA ADP L . 3.37 -27.71 21.33
O1A ADP L . 1.97 -27.19 21.10
O2A ADP L . 4.50 -27.14 20.50
O3A ADP L . 3.33 -29.31 21.13
O5' ADP L . 3.70 -27.54 22.90
C5' ADP L . 4.75 -28.27 23.52
C4' ADP L . 4.41 -28.43 24.99
O4' ADP L . 5.36 -27.76 25.83
C3' ADP L . 3.05 -27.84 25.32
O3' ADP L . 2.13 -28.88 25.67
C2' ADP L . 3.26 -26.93 26.50
O2' ADP L . 2.32 -27.22 27.55
C1' ADP L . 4.68 -27.22 26.97
N9 ADP L . 5.34 -25.99 27.47
C8 ADP L . 5.39 -24.81 26.83
N7 ADP L . 6.05 -23.87 27.57
C5 ADP L . 6.43 -24.48 28.71
C6 ADP L . 7.17 -24.08 29.94
N6 ADP L . 7.63 -22.82 30.09
N1 ADP L . 7.35 -25.01 30.89
C2 ADP L . 6.88 -26.26 30.76
N3 ADP L . 6.21 -26.70 29.67
C4 ADP L . 5.95 -25.86 28.64
MG MG M . 1.36 -30.00 21.22
PB ADP N . 5.65 -26.70 7.35
O1B ADP N . 5.07 -26.51 8.73
O2B ADP N . 5.57 -28.12 6.83
O3B ADP N . 6.99 -26.03 7.15
PA ADP N . 3.08 -26.19 6.32
O1A ADP N . 2.79 -27.35 7.24
O2A ADP N . 2.35 -24.89 6.51
O3A ADP N . 4.65 -25.85 6.40
O5' ADP N . 2.86 -26.65 4.79
C5' ADP N . 3.62 -27.70 4.21
C4' ADP N . 3.65 -27.49 2.69
O4' ADP N . 2.45 -27.98 2.07
C3' ADP N . 3.74 -26.01 2.34
O3' ADP N . 5.04 -25.72 1.82
C2' ADP N . 2.69 -25.78 1.27
O2' ADP N . 3.26 -25.12 0.15
C1' ADP N . 2.22 -27.17 0.91
N9 ADP N . 0.81 -27.17 0.45
C8 ADP N . -0.27 -26.80 1.15
N7 ADP N . -1.40 -26.92 0.40
C5 ADP N . -1.04 -27.36 -0.82
C6 ADP N . -1.72 -27.70 -2.09
N6 ADP N . -3.06 -27.59 -2.21
N1 ADP N . -0.96 -28.13 -3.12
C2 ADP N . 0.37 -28.26 -3.01
N3 ADP N . 1.06 -27.97 -1.90
C4 ADP N . 0.42 -27.52 -0.78
MG MG O . 4.13 -23.88 6.62
PB ADP P . -22.42 -25.19 16.95
O1B ADP P . -22.69 -25.44 18.41
O2B ADP P . -21.18 -24.40 16.66
O3B ADP P . -23.64 -24.75 16.16
PA ADP P . -20.66 -27.33 16.64
O1A ADP P . -20.28 -27.02 18.07
O2A ADP P . -19.75 -26.96 15.50
O3A ADP P . -22.09 -26.66 16.36
O5' ADP P . -20.98 -28.91 16.55
C5' ADP P . -22.32 -29.37 16.70
C4' ADP P . -22.37 -30.49 17.73
O4' ADP P . -21.60 -31.62 17.32
C3' ADP P . -21.79 -30.05 19.06
O3' ADP P . -22.85 -29.81 19.99
C2' ADP P . -20.93 -31.19 19.54
O2' ADP P . -21.34 -31.65 20.83
C1' ADP P . -21.14 -32.29 18.50
N9 ADP P . -19.89 -33.06 18.28
C8 ADP P . -18.67 -32.53 18.03
N7 ADP P . -17.74 -33.52 17.90
C5 ADP P . -18.37 -34.70 18.07
C6 ADP P . -17.99 -36.13 18.07
N6 ADP P . -16.71 -36.50 17.84
N1 ADP P . -18.95 -37.04 18.29
C2 ADP P . -20.23 -36.68 18.52
N3 ADP P . -20.65 -35.40 18.54
C4 ADP P . -19.78 -34.38 18.34
C1B LMT Q . -6.11 25.83 -45.87
C2B LMT Q . -6.45 25.88 -47.37
C3B LMT Q . -5.82 24.68 -48.10
C4B LMT Q . -4.32 24.57 -47.78
C5B LMT Q . -4.17 24.56 -46.24
C6B LMT Q . -2.70 24.44 -45.88
O1B LMT Q . -6.78 24.75 -45.29
O2B LMT Q . -7.82 25.87 -47.48
O3B LMT Q . -6.07 24.72 -49.45
O4' LMT Q . -3.80 23.40 -48.29
O5B LMT Q . -4.74 25.70 -45.65
O6B LMT Q . -2.56 23.88 -44.64
C1' LMT Q . -9.55 23.82 -42.39
C2' LMT Q . -9.96 24.99 -43.30
C3' LMT Q . -9.03 25.09 -44.54
C4' LMT Q . -7.54 25.00 -44.14
C5' LMT Q . -7.44 23.75 -43.24
C6' LMT Q . -6.03 23.35 -42.89
O1' LMT Q . -10.23 23.88 -41.21
O2' LMT Q . -11.25 24.77 -43.74
O3' LMT Q . -9.25 26.25 -45.21
O5' LMT Q . -8.18 23.94 -42.06
O6' LMT Q . -5.56 24.33 -42.06
C1 LMT Q . -10.59 22.64 -40.67
C2 LMT Q . -10.63 22.87 -39.18
C3 LMT Q . -10.83 21.67 -38.32
C4 LMT Q . -10.97 22.16 -36.91
C5 LMT Q . -10.74 21.04 -35.95
C6 LMT Q . -10.99 21.45 -34.54
C7 LMT Q . -10.49 20.39 -33.60
C8 LMT Q . -10.60 20.90 -32.21
C9 LMT Q . -10.15 19.93 -31.16
C10 LMT Q . -10.55 20.49 -29.82
C11 LMT Q . -9.82 19.83 -28.70
C12 LMT Q . -10.23 20.39 -27.37
K K R . 2.56 -1.47 -40.99
PB ADP S . 13.84 0.46 22.68
O1B ADP S . 13.09 0.50 23.99
O2B ADP S . 13.22 1.31 21.60
O3B ADP S . 15.34 0.60 22.80
PA ADP S . 12.52 -1.43 21.06
O1A ADP S . 12.46 -2.94 20.94
O2A ADP S . 11.26 -0.64 21.33
O3A ADP S . 13.64 -1.05 22.16
O5' ADP S . 13.17 -0.91 19.68
C5' ADP S . 14.26 -1.63 19.13
C4' ADP S . 14.26 -1.45 17.61
O4' ADP S . 14.87 -2.59 16.97
C3' ADP S . 12.84 -1.35 17.07
O3' ADP S . 12.58 -0.01 16.65
C2' ADP S . 12.79 -2.29 15.88
O2' ADP S . 12.39 -1.58 14.70
C1' ADP S . 14.21 -2.83 15.73
N9 ADP S . 14.16 -4.26 15.36
C8 ADP S . 13.38 -5.19 15.93
N7 ADP S . 13.56 -6.41 15.36
C5 ADP S . 14.48 -6.25 14.40
C6 ADP S . 15.14 -7.13 13.39
N6 ADP S . 14.83 -8.45 13.32
N1 ADP S . 16.04 -6.58 12.56
C2 ADP S . 16.34 -5.26 12.62
N3 ADP S . 15.79 -4.40 13.50
C4 ADP S . 14.86 -4.83 14.39
PB ADP T . -16.40 1.32 32.89
O1B ADP T . -17.74 1.35 33.58
O2B ADP T . -15.32 0.56 33.61
O3B ADP T . -15.94 2.67 32.36
PA ADP T . -15.89 -0.91 31.26
O1A ADP T . -14.40 -0.65 31.26
O2A ADP T . -16.54 -1.57 30.07
O3A ADP T . -16.67 0.48 31.55
O5' ADP T . -16.27 -1.82 32.52
C5' ADP T . -17.60 -2.29 32.67
C4' ADP T . -17.63 -3.47 33.64
O4' ADP T . -18.74 -4.32 33.32
C3' ADP T . -16.37 -4.31 33.53
O3' ADP T . -15.60 -4.18 34.73
C2' ADP T . -16.83 -5.73 33.36
O2' ADP T . -16.25 -6.57 34.37
C1' ADP T . -18.34 -5.69 33.51
N9 ADP T . -18.98 -6.58 32.50
C8 ADP T . -18.62 -6.68 31.21
N7 ADP T . -19.39 -7.60 30.57
C5 ADP T . -20.27 -8.08 31.46
C6 ADP T . -21.36 -9.08 31.45
N6 ADP T . -21.69 -9.74 30.32
N1 ADP T . -22.03 -9.31 32.61
C2 ADP T . -21.72 -8.65 33.74
N3 ADP T . -20.74 -7.73 33.83
C4 ADP T . -19.99 -7.42 32.74
PB ADP U . -12.88 10.19 22.81
O1B ADP U . -12.96 8.84 23.48
O2B ADP U . -12.79 11.35 23.77
O3B ADP U . -13.87 10.38 21.69
PA ADP U . -10.07 10.03 22.87
O1A ADP U . -10.38 9.81 24.34
O2A ADP U . -9.24 9.00 22.13
O3A ADP U . -11.46 10.17 22.06
O5' ADP U . -9.35 11.46 22.68
C5' ADP U . -9.92 12.65 23.22
C4' ADP U . -9.52 13.82 22.32
O4' ADP U . -8.29 14.42 22.74
C3' ADP U . -9.34 13.38 20.88
O3' ADP U . -10.37 13.93 20.07
C2' ADP U . -8.00 13.95 20.46
O2' ADP U . -8.13 14.65 19.21
C1' ADP U . -7.63 14.91 21.57
N9 ADP U . -6.16 15.01 21.74
C8 ADP U . -5.32 13.99 22.06
N7 ADP U . -4.04 14.44 22.12
C5 ADP U . -4.03 15.75 21.82
C6 ADP U . -3.02 16.82 21.70
N6 ADP U . -1.71 16.56 21.92
N1 ADP U . -3.44 18.06 21.37
C2 ADP U . -4.74 18.32 21.15
N3 ADP U . -5.72 17.40 21.24
C4 ADP U . -5.43 16.12 21.57
PB ADP V . 9.71 -4.37 35.35
O1B ADP V . 8.42 -4.99 35.81
O2B ADP V . 9.60 -3.51 34.11
O3B ADP V . 10.90 -5.30 35.35
PA ADP V . 9.20 -1.96 36.71
O1A ADP V . 7.73 -2.31 36.55
O2A ADP V . 9.80 -0.87 35.85
O3A ADP V . 10.06 -3.30 36.52
O5' ADP V . 9.46 -1.62 38.25
C5' ADP V . 8.72 -0.58 38.89
C4' ADP V . 8.59 -0.92 40.36
O4' ADP V . 7.92 0.12 41.07
C3' ADP V . 7.77 -2.19 40.55
O3' ADP V . 8.60 -3.24 41.07
C2' ADP V . 6.68 -1.84 41.55
O2' ADP V . 6.66 -2.77 42.63
C1' ADP V . 7.05 -0.45 42.04
N9 ADP V . 5.81 0.37 42.20
C8 ADP V . 4.82 0.48 41.30
N7 ADP V . 3.84 1.29 41.75
C5 ADP V . 4.21 1.73 42.98
C6 ADP V . 3.64 2.61 44.02
N6 ADP V . 2.44 3.22 43.83
N1 ADP V . 4.35 2.79 45.15
C2 ADP V . 5.54 2.19 45.34
N3 ADP V . 6.11 1.38 44.45
C4 ADP V . 5.51 1.11 43.27
C1B LMT W . 25.95 21.16 -41.15
C2B LMT W . 26.31 22.56 -41.69
C3B LMT W . 25.25 23.58 -41.26
C4B LMT W . 23.83 23.08 -41.62
C5B LMT W . 23.67 21.69 -41.00
C6B LMT W . 22.27 21.15 -41.30
O1B LMT W . 26.13 21.15 -39.78
O2B LMT W . 27.54 22.88 -41.18
O3B LMT W . 25.52 24.83 -41.78
O4' LMT W . 22.87 23.93 -41.09
O5B LMT W . 24.65 20.80 -41.48
O6B LMT W . 22.20 20.70 -42.59
C1' LMT W . 27.53 18.89 -36.65
C2' LMT W . 28.44 18.86 -37.89
C3' LMT W . 28.01 19.94 -38.93
C4' LMT W . 26.48 19.93 -39.16
C5' LMT W . 25.83 19.91 -37.77
C6' LMT W . 24.34 20.04 -37.77
O1' LMT W . 27.80 17.84 -35.83
O2' LMT W . 29.73 19.14 -37.49
O3' LMT W . 28.66 19.76 -40.11
O5' LMT W . 26.20 18.75 -37.08
O6' LMT W . 23.86 18.94 -38.43
C1 LMT W . 28.02 18.19 -34.49
C2 LMT W . 28.25 16.90 -33.78
C3 LMT W . 27.16 15.87 -33.89
C4 LMT W . 27.40 14.85 -32.81
C5 LMT W . 27.11 15.44 -31.46
C6 LMT W . 25.85 14.91 -30.88
C7 LMT W . 26.07 13.52 -30.37
C8 LMT W . 24.99 13.19 -29.39
C9 LMT W . 25.03 11.79 -28.88
C10 LMT W . 23.78 11.58 -28.07
C11 LMT W . 23.86 10.30 -27.28
C12 LMT W . 22.61 10.05 -26.51
K K X . 11.36 34.12 -19.75
C1B LMT Y . 21.69 3.16 -6.62
C2B LMT Y . 21.49 2.50 -5.26
C3B LMT Y . 22.06 1.09 -5.30
C4B LMT Y . 23.49 1.07 -5.85
C5B LMT Y . 23.67 1.93 -7.11
C6B LMT Y . 23.06 1.33 -8.36
O1B LMT Y . 21.15 4.46 -6.59
O2B LMT Y . 22.11 3.28 -4.25
O3B LMT Y . 21.21 0.25 -6.07
O4' LMT Y . 24.39 1.55 -4.85
O5B LMT Y . 23.07 3.22 -6.92
O6B LMT Y . 23.21 2.19 -9.48
C1' LMT Y . 21.76 8.24 -7.99
C2' LMT Y . 21.87 7.15 -9.04
C3' LMT Y . 21.26 5.88 -8.50
C4' LMT Y . 21.92 5.50 -7.18
C5' LMT Y . 21.97 6.68 -6.20
C6' LMT Y . 22.84 6.41 -5.00
O1' LMT Y . 22.31 9.42 -8.50
O2' LMT Y . 21.22 7.57 -10.24
O3' LMT Y . 21.41 4.84 -9.46
O5' LMT Y . 22.51 7.86 -6.84
O6' LMT Y . 23.86 5.45 -5.30
C1 LMT Y . 21.49 10.58 -8.26
C2 LMT Y . 20.89 11.08 -9.53
C3 LMT Y . 20.21 12.41 -9.37
C4 LMT Y . 19.97 13.13 -10.68
C5 LMT Y . 19.71 12.20 -11.84
C6 LMT Y . 19.06 12.87 -13.03
C7 LMT Y . 20.01 13.63 -13.91
C8 LMT Y . 19.38 14.23 -15.15
C9 LMT Y . 19.67 15.70 -15.33
C10 LMT Y . 20.36 16.03 -16.63
C11 LMT Y . 20.38 14.92 -17.65
C12 LMT Y . 20.29 15.42 -19.07
C1B LMT Z . 31.19 10.76 2.26
C2B LMT Z . 30.62 9.40 2.69
C3B LMT Z . 29.50 9.59 3.73
C4B LMT Z . 29.97 10.48 4.89
C5B LMT Z . 30.55 11.78 4.27
C6B LMT Z . 31.03 12.71 5.37
O1B LMT Z . 30.23 11.45 1.54
O2B LMT Z . 30.12 8.80 1.55
O3B LMT Z . 29.01 8.38 4.17
O4' LMT Z . 28.93 10.80 5.72
O5B LMT Z . 31.59 11.50 3.36
O6B LMT Z . 32.40 12.80 5.36
C1' LMT Z . 29.69 13.49 -2.02
C2' LMT Z . 29.89 11.96 -2.17
C3' LMT Z . 29.78 11.25 -0.80
C4' LMT Z . 30.61 11.95 0.27
C5' LMT Z . 30.18 13.43 0.21
C6' LMT Z . 30.72 14.29 1.33
O1' LMT Z . 30.01 14.13 -3.18
O2' LMT Z . 28.90 11.47 -3.00
O3' LMT Z . 30.16 9.94 -0.90
O5' LMT Z . 30.56 13.97 -1.02
O6' LMT Z . 30.16 15.53 1.15
C1 LMT Z . 30.23 15.51 -3.04
C2 LMT Z . 29.62 16.11 -4.27
C3 LMT Z . 29.72 17.60 -4.39
C4 LMT Z . 28.79 18.02 -5.50
C5 LMT Z . 28.82 19.50 -5.67
C6 LMT Z . 27.59 20.00 -6.36
C7 LMT Z . 27.45 21.47 -6.12
C8 LMT Z . 28.34 22.21 -7.06
C9 LMT Z . 27.62 22.88 -8.19
C10 LMT Z . 26.83 24.01 -7.60
C11 LMT Z . 25.85 24.56 -8.58
C12 LMT Z . 25.14 25.77 -8.06
#